data_2MMP
#
_entry.id   2MMP
#
_entity_poly.entity_id   1
_entity_poly.type   'polypeptide(L)'
_entity_poly.pdbx_seq_one_letter_code
;MLKHGKYVYIDLNNGKYVKVRILKSRDDNSVEKYVLTSHVSKNRPKNAIVIKMDNLPIEVKDKLTRFFLLEHHHHHH
;
_entity_poly.pdbx_strand_id   A
#
# COMPACT_ATOMS: atom_id res chain seq x y z
N MET A 1 15.47 9.14 0.28
CA MET A 1 16.73 9.77 -0.17
C MET A 1 16.42 10.75 -1.28
N LEU A 2 16.85 12.00 -1.08
CA LEU A 2 16.68 13.10 -2.05
C LEU A 2 15.22 13.47 -2.27
N LYS A 3 14.36 13.05 -1.33
CA LYS A 3 12.91 13.31 -1.36
C LYS A 3 12.27 12.73 -2.64
N HIS A 4 11.98 11.46 -2.64
CA HIS A 4 11.33 10.91 -3.81
C HIS A 4 10.28 9.93 -3.39
N GLY A 5 10.61 9.05 -2.48
CA GLY A 5 9.67 8.09 -2.02
C GLY A 5 9.41 8.23 -0.55
N LYS A 6 8.15 8.20 -0.19
CA LYS A 6 7.75 8.25 1.20
C LYS A 6 7.05 6.97 1.56
N TYR A 7 7.14 6.59 2.79
CA TYR A 7 6.50 5.40 3.24
C TYR A 7 5.26 5.74 4.03
N VAL A 8 4.16 5.29 3.55
CA VAL A 8 2.89 5.44 4.24
C VAL A 8 2.26 4.07 4.36
N TYR A 9 1.08 3.98 4.89
CA TYR A 9 0.46 2.69 5.04
C TYR A 9 -0.86 2.66 4.34
N ILE A 10 -1.19 1.55 3.77
CA ILE A 10 -2.47 1.42 3.12
C ILE A 10 -3.46 0.83 4.09
N ASP A 11 -4.59 1.48 4.20
CA ASP A 11 -5.66 1.07 5.07
C ASP A 11 -6.35 -0.13 4.49
N LEU A 12 -5.79 -1.26 4.81
CA LEU A 12 -6.34 -2.54 4.47
C LEU A 12 -7.51 -2.76 5.39
N ASN A 13 -7.26 -2.35 6.65
CA ASN A 13 -8.22 -2.33 7.77
C ASN A 13 -8.64 -3.75 8.16
N ASN A 14 -7.91 -4.71 7.65
CA ASN A 14 -8.19 -6.12 7.84
C ASN A 14 -7.33 -6.73 8.96
N GLY A 15 -6.84 -5.89 9.84
CA GLY A 15 -6.03 -6.34 10.95
C GLY A 15 -4.55 -6.09 10.72
N LYS A 16 -4.19 -5.80 9.49
CA LYS A 16 -2.83 -5.46 9.16
C LYS A 16 -2.82 -4.31 8.20
N TYR A 17 -1.67 -3.69 8.08
CA TYR A 17 -1.49 -2.57 7.18
C TYR A 17 -0.25 -2.80 6.36
N VAL A 18 -0.29 -2.38 5.13
CA VAL A 18 0.84 -2.57 4.25
C VAL A 18 1.62 -1.28 4.16
N LYS A 19 2.91 -1.42 4.28
CA LYS A 19 3.79 -0.28 4.22
C LYS A 19 4.13 -0.05 2.77
N VAL A 20 3.58 0.98 2.22
CA VAL A 20 3.73 1.25 0.84
C VAL A 20 4.67 2.43 0.63
N ARG A 21 5.49 2.32 -0.35
CA ARG A 21 6.38 3.36 -0.72
C ARG A 21 5.75 4.11 -1.88
N ILE A 22 5.42 5.33 -1.63
CA ILE A 22 4.81 6.17 -2.61
C ILE A 22 5.90 6.96 -3.26
N LEU A 23 6.11 6.74 -4.52
CA LEU A 23 7.11 7.47 -5.21
C LEU A 23 6.46 8.70 -5.76
N LYS A 24 6.79 9.81 -5.20
CA LYS A 24 6.26 11.04 -5.63
C LYS A 24 7.22 11.57 -6.64
N SER A 25 6.83 11.51 -7.86
CA SER A 25 7.69 11.82 -8.91
C SER A 25 7.38 13.18 -9.49
N ARG A 26 7.96 14.17 -8.85
CA ARG A 26 7.82 15.57 -9.23
C ARG A 26 8.67 15.82 -10.47
N ASP A 27 9.66 14.97 -10.60
CA ASP A 27 10.57 14.93 -11.73
C ASP A 27 9.83 14.38 -12.96
N ASP A 28 8.94 13.46 -12.70
CA ASP A 28 8.08 12.87 -13.70
C ASP A 28 7.07 13.91 -14.13
N ASN A 29 6.39 14.42 -13.13
CA ASN A 29 5.39 15.46 -13.27
C ASN A 29 4.88 15.79 -11.87
N SER A 30 3.96 14.99 -11.40
CA SER A 30 3.40 15.07 -10.05
C SER A 30 2.67 13.77 -9.75
N VAL A 31 3.02 12.77 -10.52
CA VAL A 31 2.34 11.51 -10.47
C VAL A 31 2.96 10.64 -9.39
N GLU A 32 2.13 10.01 -8.62
CA GLU A 32 2.58 9.19 -7.55
C GLU A 32 2.58 7.74 -7.99
N LYS A 33 3.76 7.23 -8.16
CA LYS A 33 3.96 5.88 -8.60
C LYS A 33 3.98 5.00 -7.37
N TYR A 34 3.13 4.03 -7.34
CA TYR A 34 3.06 3.17 -6.19
C TYR A 34 4.02 2.00 -6.35
N VAL A 35 4.65 1.64 -5.26
CA VAL A 35 5.59 0.55 -5.25
C VAL A 35 4.86 -0.78 -5.49
N LEU A 36 5.58 -1.76 -5.93
CA LEU A 36 5.02 -3.04 -6.29
C LEU A 36 5.00 -4.02 -5.10
N THR A 37 5.56 -3.61 -3.96
CA THR A 37 5.66 -4.54 -2.85
C THR A 37 4.43 -4.46 -1.94
N SER A 38 4.13 -5.56 -1.31
CA SER A 38 2.98 -5.72 -0.47
C SER A 38 3.37 -6.06 0.99
N HIS A 39 4.58 -5.62 1.38
CA HIS A 39 5.11 -5.82 2.75
C HIS A 39 4.16 -5.29 3.84
N VAL A 40 3.54 -6.21 4.56
CA VAL A 40 2.62 -5.82 5.61
C VAL A 40 3.29 -5.74 6.96
N SER A 41 2.77 -4.88 7.76
CA SER A 41 3.19 -4.69 9.10
C SER A 41 2.02 -5.06 10.00
N LYS A 42 2.31 -5.53 11.19
CA LYS A 42 1.29 -5.98 12.15
C LYS A 42 0.69 -4.76 12.82
N ASN A 43 1.40 -3.69 12.64
CA ASN A 43 1.18 -2.43 13.27
C ASN A 43 0.08 -1.68 12.57
N ARG A 44 -0.91 -1.29 13.32
CA ARG A 44 -1.97 -0.46 12.82
C ARG A 44 -1.68 0.96 13.28
N PRO A 45 -1.16 1.80 12.39
CA PRO A 45 -0.69 3.13 12.74
C PRO A 45 -1.79 4.17 12.90
N LYS A 46 -1.56 5.06 13.84
CA LYS A 46 -2.43 6.17 14.10
C LYS A 46 -1.76 7.47 13.61
N ASN A 47 -0.47 7.59 13.87
CA ASN A 47 0.30 8.79 13.49
C ASN A 47 0.63 8.83 12.00
N ALA A 48 0.90 7.68 11.44
CA ALA A 48 1.28 7.60 10.05
C ALA A 48 0.08 7.76 9.15
N ILE A 49 0.33 8.17 7.94
CA ILE A 49 -0.73 8.46 7.01
C ILE A 49 -1.18 7.18 6.34
N VAL A 50 -2.45 6.93 6.40
CA VAL A 50 -3.01 5.76 5.79
C VAL A 50 -3.83 6.14 4.59
N ILE A 51 -3.65 5.41 3.53
CA ILE A 51 -4.40 5.63 2.31
C ILE A 51 -5.27 4.40 2.10
N LYS A 52 -6.53 4.59 1.85
CA LYS A 52 -7.44 3.47 1.73
C LYS A 52 -7.27 2.76 0.38
N MET A 53 -7.51 1.43 0.38
CA MET A 53 -7.37 0.52 -0.80
C MET A 53 -8.08 1.06 -2.04
N ASP A 54 -9.16 1.77 -1.80
CA ASP A 54 -9.97 2.44 -2.83
C ASP A 54 -9.14 3.36 -3.77
N ASN A 55 -8.08 3.93 -3.25
CA ASN A 55 -7.24 4.83 -4.05
C ASN A 55 -6.25 4.04 -4.91
N LEU A 56 -5.98 2.82 -4.52
CA LEU A 56 -4.96 2.02 -5.15
C LEU A 56 -5.44 1.40 -6.45
N PRO A 57 -4.58 1.39 -7.48
CA PRO A 57 -4.89 0.79 -8.78
C PRO A 57 -5.15 -0.71 -8.67
N ILE A 58 -5.78 -1.26 -9.71
CA ILE A 58 -6.20 -2.64 -9.71
C ILE A 58 -5.04 -3.62 -9.56
N GLU A 59 -3.91 -3.30 -10.14
CA GLU A 59 -2.75 -4.16 -10.06
C GLU A 59 -2.12 -4.12 -8.69
N VAL A 60 -2.11 -2.95 -8.07
CA VAL A 60 -1.53 -2.83 -6.73
C VAL A 60 -2.38 -3.62 -5.75
N LYS A 61 -3.69 -3.51 -5.90
CA LYS A 61 -4.63 -4.24 -5.06
C LYS A 61 -4.50 -5.73 -5.31
N ASP A 62 -4.23 -6.09 -6.54
CA ASP A 62 -4.03 -7.49 -6.94
C ASP A 62 -2.79 -8.07 -6.26
N LYS A 63 -1.72 -7.29 -6.20
CA LYS A 63 -0.48 -7.71 -5.55
C LYS A 63 -0.72 -7.90 -4.05
N LEU A 64 -1.46 -6.97 -3.47
CA LEU A 64 -1.85 -7.05 -2.07
C LEU A 64 -2.67 -8.32 -1.85
N THR A 65 -3.61 -8.54 -2.74
CA THR A 65 -4.47 -9.67 -2.68
C THR A 65 -3.70 -11.00 -2.81
N ARG A 66 -2.87 -11.13 -3.81
CA ARG A 66 -2.17 -12.39 -4.07
C ARG A 66 -1.09 -12.69 -3.03
N PHE A 67 -0.65 -11.70 -2.27
CA PHE A 67 0.41 -11.93 -1.30
C PHE A 67 -0.12 -12.33 0.08
N PHE A 68 -0.93 -11.49 0.68
CA PHE A 68 -1.33 -11.74 2.07
C PHE A 68 -2.83 -11.91 2.27
N LEU A 69 -3.61 -11.50 1.31
CA LEU A 69 -5.05 -11.46 1.51
C LEU A 69 -5.72 -12.73 1.01
N LEU A 70 -5.56 -12.98 -0.28
CA LEU A 70 -6.11 -14.15 -0.99
C LEU A 70 -7.63 -14.17 -1.01
N GLU A 71 -8.23 -13.04 -0.74
CA GLU A 71 -9.66 -12.94 -0.74
C GLU A 71 -10.21 -12.84 -2.13
N HIS A 72 -11.22 -13.62 -2.36
CA HIS A 72 -11.95 -13.63 -3.58
C HIS A 72 -13.39 -13.92 -3.23
N HIS A 73 -14.15 -12.88 -3.00
CA HIS A 73 -15.54 -13.03 -2.61
C HIS A 73 -16.39 -12.56 -3.77
N HIS A 74 -16.32 -11.28 -4.02
CA HIS A 74 -17.06 -10.69 -5.10
C HIS A 74 -16.15 -9.74 -5.85
N HIS A 75 -15.19 -10.33 -6.50
CA HIS A 75 -14.25 -9.62 -7.34
C HIS A 75 -14.05 -10.48 -8.56
N HIS A 76 -14.30 -9.90 -9.73
CA HIS A 76 -14.24 -10.57 -11.05
C HIS A 76 -15.57 -11.31 -11.33
N HIS A 77 -16.42 -11.31 -10.33
CA HIS A 77 -17.73 -11.87 -10.41
C HIS A 77 -18.54 -11.17 -9.36
N MET A 1 14.72 18.93 0.18
CA MET A 1 13.87 19.97 -0.41
C MET A 1 12.59 19.39 -0.98
N LEU A 2 12.70 18.26 -1.65
CA LEU A 2 11.57 17.58 -2.22
C LEU A 2 11.60 16.13 -1.80
N LYS A 3 10.45 15.56 -1.56
CA LYS A 3 10.36 14.16 -1.22
C LYS A 3 9.72 13.42 -2.38
N HIS A 4 10.50 12.61 -3.02
CA HIS A 4 10.06 11.88 -4.18
C HIS A 4 9.51 10.50 -3.76
N GLY A 5 9.92 10.01 -2.62
CA GLY A 5 9.41 8.73 -2.19
C GLY A 5 9.16 8.68 -0.73
N LYS A 6 7.94 8.40 -0.33
CA LYS A 6 7.59 8.33 1.08
C LYS A 6 6.90 7.01 1.39
N TYR A 7 7.09 6.49 2.58
CA TYR A 7 6.44 5.25 3.00
C TYR A 7 5.15 5.56 3.76
N VAL A 8 4.05 5.12 3.23
CA VAL A 8 2.78 5.28 3.89
C VAL A 8 2.17 3.91 4.13
N TYR A 9 1.02 3.86 4.73
CA TYR A 9 0.39 2.59 5.04
C TYR A 9 -0.97 2.53 4.41
N ILE A 10 -1.34 1.39 3.93
CA ILE A 10 -2.64 1.20 3.35
C ILE A 10 -3.60 0.67 4.41
N ASP A 11 -4.74 1.33 4.53
CA ASP A 11 -5.76 0.98 5.50
C ASP A 11 -6.51 -0.26 5.09
N LEU A 12 -5.88 -1.40 5.35
CA LEU A 12 -6.50 -2.69 5.16
C LEU A 12 -7.55 -2.82 6.21
N ASN A 13 -7.16 -2.39 7.42
CA ASN A 13 -8.02 -2.22 8.60
C ASN A 13 -8.36 -3.57 9.27
N ASN A 14 -7.91 -4.66 8.69
CA ASN A 14 -8.22 -6.00 9.21
C ASN A 14 -7.28 -6.45 10.34
N GLY A 15 -6.54 -5.51 10.88
CA GLY A 15 -5.59 -5.81 11.92
C GLY A 15 -4.16 -5.83 11.43
N LYS A 16 -3.96 -5.63 10.14
CA LYS A 16 -2.64 -5.47 9.60
C LYS A 16 -2.68 -4.40 8.54
N TYR A 17 -1.55 -3.78 8.31
CA TYR A 17 -1.44 -2.68 7.37
C TYR A 17 -0.26 -2.92 6.49
N VAL A 18 -0.38 -2.60 5.24
CA VAL A 18 0.71 -2.79 4.32
C VAL A 18 1.41 -1.47 4.10
N LYS A 19 2.71 -1.51 4.15
CA LYS A 19 3.49 -0.33 4.00
C LYS A 19 3.93 -0.21 2.57
N VAL A 20 3.56 0.85 1.96
CA VAL A 20 3.86 1.06 0.57
C VAL A 20 4.66 2.34 0.41
N ARG A 21 5.66 2.28 -0.42
CA ARG A 21 6.46 3.41 -0.72
C ARG A 21 5.87 4.08 -1.93
N ILE A 22 5.41 5.27 -1.75
CA ILE A 22 4.79 6.03 -2.79
C ILE A 22 5.85 6.85 -3.44
N LEU A 23 6.22 6.51 -4.63
CA LEU A 23 7.15 7.31 -5.33
C LEU A 23 6.34 8.32 -6.10
N LYS A 24 6.38 9.52 -5.67
CA LYS A 24 5.59 10.53 -6.24
C LYS A 24 6.45 11.26 -7.21
N SER A 25 6.19 11.04 -8.45
CA SER A 25 7.00 11.53 -9.48
C SER A 25 6.38 12.73 -10.16
N ARG A 26 6.56 13.87 -9.55
CA ARG A 26 6.13 15.12 -10.12
C ARG A 26 7.19 15.57 -11.11
N ASP A 27 8.39 15.05 -10.89
CA ASP A 27 9.54 15.27 -11.76
C ASP A 27 9.22 14.70 -13.13
N ASP A 28 8.50 13.58 -13.11
CA ASP A 28 7.99 12.95 -14.31
C ASP A 28 6.79 13.76 -14.80
N ASN A 29 5.78 13.85 -13.95
CA ASN A 29 4.56 14.62 -14.22
C ASN A 29 3.67 14.64 -12.98
N SER A 30 2.95 13.56 -12.76
CA SER A 30 2.08 13.39 -11.60
C SER A 30 1.96 11.88 -11.34
N VAL A 31 2.99 11.17 -11.67
CA VAL A 31 2.98 9.72 -11.65
C VAL A 31 3.35 9.20 -10.28
N GLU A 32 2.41 8.62 -9.58
CA GLU A 32 2.75 7.99 -8.33
C GLU A 32 3.06 6.54 -8.59
N LYS A 33 4.31 6.21 -8.56
CA LYS A 33 4.77 4.88 -8.81
C LYS A 33 4.76 4.17 -7.48
N TYR A 34 3.94 3.18 -7.36
CA TYR A 34 3.80 2.48 -6.14
C TYR A 34 4.78 1.32 -6.12
N VAL A 35 5.36 1.06 -4.96
CA VAL A 35 6.35 0.01 -4.84
C VAL A 35 5.73 -1.38 -5.09
N LEU A 36 6.53 -2.28 -5.60
CA LEU A 36 6.10 -3.59 -6.03
C LEU A 36 6.00 -4.60 -4.85
N THR A 37 6.40 -4.16 -3.67
CA THR A 37 6.37 -5.03 -2.51
C THR A 37 5.02 -4.88 -1.78
N SER A 38 4.64 -5.90 -1.05
CA SER A 38 3.38 -5.93 -0.36
C SER A 38 3.60 -6.28 1.12
N HIS A 39 4.80 -5.98 1.62
CA HIS A 39 5.16 -6.24 3.03
C HIS A 39 4.21 -5.59 4.03
N VAL A 40 3.71 -6.39 4.94
CA VAL A 40 2.74 -5.96 5.91
C VAL A 40 3.29 -5.80 7.31
N SER A 41 2.75 -4.85 8.00
CA SER A 41 3.05 -4.56 9.36
C SER A 41 1.79 -4.93 10.15
N LYS A 42 1.93 -5.23 11.42
CA LYS A 42 0.81 -5.69 12.20
C LYS A 42 0.34 -4.64 13.20
N ASN A 43 0.77 -3.42 12.99
CA ASN A 43 0.39 -2.32 13.84
C ASN A 43 -0.34 -1.27 13.06
N ARG A 44 -1.08 -0.45 13.76
CA ARG A 44 -1.86 0.60 13.14
C ARG A 44 -1.28 1.95 13.52
N PRO A 45 -0.61 2.62 12.61
CA PRO A 45 -0.05 3.93 12.86
C PRO A 45 -1.07 5.06 12.64
N LYS A 46 -1.22 5.90 13.63
CA LYS A 46 -2.18 6.99 13.56
C LYS A 46 -1.48 8.28 13.15
N ASN A 47 -0.20 8.35 13.38
CA ASN A 47 0.58 9.55 13.06
C ASN A 47 1.21 9.42 11.68
N ALA A 48 0.72 8.50 10.91
CA ALA A 48 1.20 8.27 9.58
C ALA A 48 0.05 8.38 8.63
N ILE A 49 0.34 8.58 7.38
CA ILE A 49 -0.69 8.70 6.39
C ILE A 49 -1.15 7.32 5.95
N VAL A 50 -2.42 7.07 6.12
CA VAL A 50 -3.01 5.83 5.74
C VAL A 50 -3.94 6.04 4.55
N ILE A 51 -3.67 5.33 3.51
CA ILE A 51 -4.44 5.43 2.31
C ILE A 51 -5.25 4.16 2.19
N LYS A 52 -6.51 4.25 1.89
CA LYS A 52 -7.33 3.06 1.83
C LYS A 52 -7.31 2.49 0.40
N MET A 53 -7.51 1.17 0.27
CA MET A 53 -7.36 0.41 -1.01
C MET A 53 -8.14 1.01 -2.18
N ASP A 54 -9.26 1.61 -1.86
CA ASP A 54 -10.13 2.28 -2.86
C ASP A 54 -9.39 3.34 -3.66
N ASN A 55 -8.37 3.92 -3.07
CA ASN A 55 -7.60 4.99 -3.69
C ASN A 55 -6.49 4.43 -4.61
N LEU A 56 -6.23 3.14 -4.52
CA LEU A 56 -5.14 2.54 -5.27
C LEU A 56 -5.65 1.78 -6.49
N PRO A 57 -4.91 1.83 -7.62
CA PRO A 57 -5.25 1.09 -8.86
C PRO A 57 -5.36 -0.43 -8.63
N ILE A 58 -5.96 -1.11 -9.58
CA ILE A 58 -6.20 -2.54 -9.46
C ILE A 58 -4.92 -3.35 -9.37
N GLU A 59 -3.85 -2.90 -10.02
CA GLU A 59 -2.57 -3.58 -9.99
C GLU A 59 -2.02 -3.63 -8.58
N VAL A 60 -2.18 -2.53 -7.88
CA VAL A 60 -1.70 -2.41 -6.52
C VAL A 60 -2.52 -3.30 -5.62
N LYS A 61 -3.85 -3.22 -5.77
CA LYS A 61 -4.76 -4.06 -4.99
C LYS A 61 -4.53 -5.53 -5.29
N ASP A 62 -4.20 -5.81 -6.52
CA ASP A 62 -3.88 -7.16 -6.99
C ASP A 62 -2.66 -7.68 -6.28
N LYS A 63 -1.63 -6.83 -6.16
CA LYS A 63 -0.41 -7.19 -5.45
C LYS A 63 -0.73 -7.51 -4.01
N LEU A 64 -1.50 -6.63 -3.41
CA LEU A 64 -1.90 -6.78 -2.02
C LEU A 64 -2.68 -8.08 -1.82
N THR A 65 -3.54 -8.37 -2.76
CA THR A 65 -4.34 -9.54 -2.70
C THR A 65 -3.52 -10.81 -2.87
N ARG A 66 -2.75 -10.87 -3.94
CA ARG A 66 -1.94 -12.03 -4.25
C ARG A 66 -0.90 -12.36 -3.20
N PHE A 67 -0.48 -11.38 -2.43
CA PHE A 67 0.47 -11.64 -1.39
C PHE A 67 -0.27 -12.00 -0.09
N PHE A 68 -1.10 -11.10 0.39
CA PHE A 68 -1.70 -11.30 1.70
C PHE A 68 -3.24 -11.37 1.74
N LEU A 69 -3.94 -10.63 0.86
CA LEU A 69 -5.42 -10.52 1.01
C LEU A 69 -6.14 -11.81 0.64
N LEU A 70 -5.48 -12.69 -0.11
CA LEU A 70 -6.02 -14.02 -0.39
C LEU A 70 -6.15 -14.80 0.90
N GLU A 71 -5.24 -14.53 1.81
CA GLU A 71 -5.26 -15.15 3.11
C GLU A 71 -6.00 -14.23 4.11
N HIS A 72 -6.41 -13.07 3.60
CA HIS A 72 -7.15 -12.01 4.31
C HIS A 72 -6.33 -11.44 5.45
N HIS A 73 -6.47 -12.03 6.61
CA HIS A 73 -5.76 -11.62 7.77
C HIS A 73 -5.16 -12.84 8.42
N HIS A 74 -6.01 -13.84 8.60
CA HIS A 74 -5.63 -15.13 9.14
C HIS A 74 -5.14 -15.05 10.56
N HIS A 75 -6.06 -15.22 11.44
CA HIS A 75 -5.79 -15.23 12.85
C HIS A 75 -6.27 -16.56 13.42
N HIS A 76 -7.18 -17.20 12.71
CA HIS A 76 -7.76 -18.45 13.14
C HIS A 76 -6.87 -19.60 12.72
N HIS A 77 -6.54 -20.44 13.65
CA HIS A 77 -5.73 -21.59 13.36
C HIS A 77 -6.59 -22.82 13.48
N MET A 1 14.42 17.83 -4.96
CA MET A 1 13.84 16.83 -4.09
C MET A 1 14.64 15.55 -4.19
N LEU A 2 15.43 15.27 -3.16
CA LEU A 2 16.25 14.07 -3.11
C LEU A 2 15.44 12.91 -2.55
N LYS A 3 14.35 13.24 -1.93
CA LYS A 3 13.48 12.27 -1.33
C LYS A 3 12.47 11.81 -2.40
N HIS A 4 12.80 10.71 -3.06
CA HIS A 4 11.99 10.19 -4.16
C HIS A 4 11.00 9.13 -3.68
N GLY A 5 10.77 9.07 -2.40
CA GLY A 5 9.84 8.10 -1.91
C GLY A 5 9.33 8.44 -0.54
N LYS A 6 8.08 8.15 -0.30
CA LYS A 6 7.50 8.30 1.01
C LYS A 6 6.81 7.02 1.41
N TYR A 7 6.89 6.68 2.66
CA TYR A 7 6.28 5.46 3.16
C TYR A 7 4.97 5.78 3.81
N VAL A 8 3.92 5.27 3.27
CA VAL A 8 2.61 5.42 3.84
C VAL A 8 2.05 4.04 4.10
N TYR A 9 0.92 3.99 4.70
CA TYR A 9 0.30 2.73 4.99
C TYR A 9 -1.04 2.66 4.33
N ILE A 10 -1.36 1.51 3.83
CA ILE A 10 -2.65 1.31 3.24
C ILE A 10 -3.58 0.76 4.29
N ASP A 11 -4.71 1.43 4.48
CA ASP A 11 -5.67 1.03 5.47
C ASP A 11 -6.38 -0.20 5.05
N LEU A 12 -5.91 -1.29 5.57
CA LEU A 12 -6.53 -2.55 5.38
C LEU A 12 -7.67 -2.66 6.36
N ASN A 13 -7.51 -1.90 7.46
CA ASN A 13 -8.50 -1.69 8.54
C ASN A 13 -8.73 -2.91 9.43
N ASN A 14 -8.29 -4.04 8.95
CA ASN A 14 -8.48 -5.35 9.58
C ASN A 14 -7.50 -5.58 10.74
N GLY A 15 -6.80 -4.53 11.11
CA GLY A 15 -5.85 -4.60 12.18
C GLY A 15 -4.42 -4.64 11.71
N LYS A 16 -4.21 -4.89 10.44
CA LYS A 16 -2.87 -4.86 9.92
C LYS A 16 -2.81 -3.82 8.83
N TYR A 17 -1.64 -3.36 8.53
CA TYR A 17 -1.46 -2.34 7.53
C TYR A 17 -0.30 -2.69 6.64
N VAL A 18 -0.39 -2.35 5.41
CA VAL A 18 0.69 -2.60 4.49
C VAL A 18 1.44 -1.30 4.28
N LYS A 19 2.75 -1.38 4.31
CA LYS A 19 3.57 -0.22 4.20
C LYS A 19 4.10 -0.15 2.80
N VAL A 20 3.72 0.88 2.11
CA VAL A 20 4.05 1.02 0.74
C VAL A 20 4.82 2.32 0.53
N ARG A 21 5.84 2.25 -0.26
CA ARG A 21 6.61 3.40 -0.61
C ARG A 21 6.04 3.95 -1.89
N ILE A 22 5.63 5.18 -1.84
CA ILE A 22 5.16 5.85 -3.01
C ILE A 22 6.39 6.40 -3.67
N LEU A 23 6.64 6.01 -4.87
CA LEU A 23 7.82 6.44 -5.55
C LEU A 23 7.49 7.73 -6.23
N LYS A 24 8.03 8.80 -5.75
CA LYS A 24 7.80 10.06 -6.37
C LYS A 24 8.91 10.24 -7.36
N SER A 25 8.58 10.09 -8.59
CA SER A 25 9.57 10.11 -9.59
C SER A 25 9.80 11.48 -10.15
N ARG A 26 10.70 12.19 -9.50
CA ARG A 26 11.21 13.47 -9.98
C ARG A 26 12.14 13.17 -11.16
N ASP A 27 12.46 11.88 -11.25
CA ASP A 27 13.25 11.27 -12.31
C ASP A 27 12.55 11.52 -13.62
N ASP A 28 11.28 11.18 -13.66
CA ASP A 28 10.42 11.43 -14.79
C ASP A 28 10.06 12.88 -14.77
N ASN A 29 9.41 13.28 -13.67
CA ASN A 29 8.98 14.65 -13.40
C ASN A 29 8.22 14.66 -12.08
N SER A 30 6.97 14.28 -12.11
CA SER A 30 6.18 14.23 -10.91
C SER A 30 5.29 13.00 -10.93
N VAL A 31 5.73 12.03 -11.70
CA VAL A 31 5.01 10.78 -11.86
C VAL A 31 5.21 9.96 -10.60
N GLU A 32 4.16 9.56 -9.97
CA GLU A 32 4.29 8.81 -8.76
C GLU A 32 3.94 7.36 -8.98
N LYS A 33 4.94 6.53 -8.87
CA LYS A 33 4.80 5.11 -9.07
C LYS A 33 4.71 4.48 -7.70
N TYR A 34 4.57 3.19 -7.63
CA TYR A 34 4.48 2.53 -6.36
C TYR A 34 5.52 1.43 -6.29
N VAL A 35 5.97 1.14 -5.09
CA VAL A 35 6.96 0.10 -4.87
C VAL A 35 6.32 -1.28 -5.10
N LEU A 36 7.13 -2.27 -5.41
CA LEU A 36 6.62 -3.59 -5.70
C LEU A 36 6.43 -4.44 -4.43
N THR A 37 6.82 -3.92 -3.28
CA THR A 37 6.63 -4.70 -2.10
C THR A 37 5.29 -4.39 -1.44
N SER A 38 4.76 -5.37 -0.80
CA SER A 38 3.49 -5.31 -0.14
C SER A 38 3.71 -5.65 1.34
N HIS A 39 4.94 -5.37 1.79
CA HIS A 39 5.40 -5.62 3.16
C HIS A 39 4.36 -5.16 4.19
N VAL A 40 3.84 -6.10 4.94
CA VAL A 40 2.82 -5.80 5.92
C VAL A 40 3.36 -5.59 7.30
N SER A 41 2.62 -4.85 8.04
CA SER A 41 2.89 -4.55 9.39
C SER A 41 1.79 -5.24 10.21
N LYS A 42 2.19 -6.01 11.17
CA LYS A 42 1.25 -6.74 12.01
C LYS A 42 0.70 -5.85 13.11
N ASN A 43 1.32 -4.71 13.26
CA ASN A 43 0.94 -3.69 14.19
C ASN A 43 0.48 -2.47 13.41
N ARG A 44 -0.28 -1.61 14.04
CA ARG A 44 -0.77 -0.42 13.40
C ARG A 44 0.18 0.75 13.63
N PRO A 45 0.37 1.63 12.64
CA PRO A 45 1.19 2.83 12.80
C PRO A 45 0.46 3.88 13.63
N LYS A 46 1.20 4.84 14.12
CA LYS A 46 0.63 5.93 14.88
C LYS A 46 0.58 7.15 13.99
N ASN A 47 1.75 7.70 13.72
CA ASN A 47 1.86 8.86 12.87
C ASN A 47 2.29 8.45 11.50
N ALA A 48 1.31 8.22 10.70
CA ALA A 48 1.47 7.90 9.32
C ALA A 48 0.18 8.20 8.65
N ILE A 49 0.21 8.45 7.38
CA ILE A 49 -0.98 8.71 6.63
C ILE A 49 -1.45 7.40 6.01
N VAL A 50 -2.73 7.12 6.11
CA VAL A 50 -3.25 5.90 5.58
C VAL A 50 -4.17 6.13 4.41
N ILE A 51 -3.99 5.34 3.40
CA ILE A 51 -4.79 5.35 2.21
C ILE A 51 -5.56 4.04 2.19
N LYS A 52 -6.86 4.07 2.09
CA LYS A 52 -7.63 2.85 2.18
C LYS A 52 -7.68 2.16 0.81
N MET A 53 -7.91 0.83 0.83
CA MET A 53 -7.89 -0.08 -0.36
C MET A 53 -8.58 0.53 -1.56
N ASP A 54 -9.70 1.15 -1.30
CA ASP A 54 -10.57 1.73 -2.33
C ASP A 54 -9.88 2.77 -3.23
N ASN A 55 -8.88 3.45 -2.72
CA ASN A 55 -8.19 4.48 -3.49
C ASN A 55 -7.19 3.90 -4.49
N LEU A 56 -6.64 2.75 -4.15
CA LEU A 56 -5.55 2.16 -4.92
C LEU A 56 -5.98 1.65 -6.29
N PRO A 57 -5.12 1.85 -7.32
CA PRO A 57 -5.35 1.34 -8.67
C PRO A 57 -5.47 -0.19 -8.70
N ILE A 58 -6.01 -0.72 -9.79
CA ILE A 58 -6.23 -2.16 -9.94
C ILE A 58 -4.96 -2.99 -9.82
N GLU A 59 -3.83 -2.45 -10.27
CA GLU A 59 -2.54 -3.13 -10.18
C GLU A 59 -2.15 -3.36 -8.74
N VAL A 60 -2.37 -2.37 -7.93
CA VAL A 60 -1.97 -2.40 -6.55
C VAL A 60 -2.87 -3.36 -5.78
N LYS A 61 -4.18 -3.21 -5.93
CA LYS A 61 -5.14 -4.06 -5.22
C LYS A 61 -4.95 -5.53 -5.60
N ASP A 62 -4.58 -5.76 -6.85
CA ASP A 62 -4.29 -7.09 -7.36
C ASP A 62 -3.10 -7.70 -6.63
N LYS A 63 -1.99 -6.98 -6.65
CA LYS A 63 -0.76 -7.45 -6.05
C LYS A 63 -0.81 -7.53 -4.52
N LEU A 64 -1.52 -6.59 -3.89
CA LEU A 64 -1.69 -6.61 -2.43
C LEU A 64 -2.42 -7.88 -2.01
N THR A 65 -3.40 -8.24 -2.81
CA THR A 65 -4.16 -9.44 -2.58
C THR A 65 -3.24 -10.67 -2.59
N ARG A 66 -2.44 -10.76 -3.64
CA ARG A 66 -1.59 -11.92 -3.87
C ARG A 66 -0.54 -12.11 -2.80
N PHE A 67 0.00 -11.02 -2.30
CA PHE A 67 1.06 -11.11 -1.33
C PHE A 67 0.53 -11.48 0.05
N PHE A 68 -0.40 -10.70 0.57
CA PHE A 68 -0.81 -10.93 1.95
C PHE A 68 -2.28 -11.26 2.12
N LEU A 69 -3.15 -10.60 1.38
CA LEU A 69 -4.59 -10.65 1.67
C LEU A 69 -5.21 -12.00 1.30
N LEU A 70 -4.56 -12.71 0.42
CA LEU A 70 -4.98 -14.01 0.02
C LEU A 70 -4.45 -15.09 0.96
N GLU A 71 -3.28 -14.88 1.50
CA GLU A 71 -2.61 -15.91 2.30
C GLU A 71 -2.72 -15.63 3.80
N HIS A 72 -2.25 -14.51 4.23
CA HIS A 72 -2.20 -14.16 5.62
C HIS A 72 -3.37 -13.22 5.94
N HIS A 73 -4.55 -13.62 5.48
CA HIS A 73 -5.76 -12.86 5.68
C HIS A 73 -6.21 -13.01 7.13
N HIS A 74 -6.88 -14.14 7.44
CA HIS A 74 -7.42 -14.37 8.79
C HIS A 74 -8.27 -15.66 8.77
N HIS A 75 -7.87 -16.68 7.99
CA HIS A 75 -8.66 -17.92 7.91
C HIS A 75 -8.66 -18.64 9.25
N HIS A 76 -9.73 -18.43 9.97
CA HIS A 76 -9.90 -18.89 11.35
C HIS A 76 -11.21 -18.30 11.84
N HIS A 77 -11.51 -17.10 11.34
CA HIS A 77 -12.72 -16.39 11.68
C HIS A 77 -13.48 -16.11 10.40
N MET A 1 9.68 7.16 -12.65
CA MET A 1 10.92 7.90 -12.41
C MET A 1 11.76 7.20 -11.35
N LEU A 2 11.10 6.50 -10.40
CA LEU A 2 11.77 5.72 -9.33
C LEU A 2 12.57 6.66 -8.41
N LYS A 3 12.12 7.88 -8.33
CA LYS A 3 12.78 8.87 -7.53
C LYS A 3 11.71 9.53 -6.70
N HIS A 4 12.05 9.90 -5.47
CA HIS A 4 11.13 10.49 -4.49
C HIS A 4 10.17 9.42 -3.99
N GLY A 5 10.48 8.87 -2.85
CA GLY A 5 9.66 7.82 -2.33
C GLY A 5 9.42 7.94 -0.86
N LYS A 6 8.17 8.16 -0.49
CA LYS A 6 7.77 8.25 0.91
C LYS A 6 7.23 6.90 1.33
N TYR A 7 7.22 6.63 2.60
CA TYR A 7 6.64 5.39 3.10
C TYR A 7 5.43 5.67 3.95
N VAL A 8 4.32 5.23 3.46
CA VAL A 8 3.06 5.39 4.16
C VAL A 8 2.42 4.02 4.27
N TYR A 9 1.23 3.95 4.79
CA TYR A 9 0.57 2.69 4.98
C TYR A 9 -0.79 2.71 4.36
N ILE A 10 -1.18 1.58 3.84
CA ILE A 10 -2.50 1.46 3.27
C ILE A 10 -3.45 0.97 4.34
N ASP A 11 -4.57 1.66 4.47
CA ASP A 11 -5.57 1.36 5.46
C ASP A 11 -6.36 0.14 5.07
N LEU A 12 -5.82 -0.99 5.45
CA LEU A 12 -6.48 -2.27 5.31
C LEU A 12 -7.51 -2.32 6.41
N ASN A 13 -7.10 -1.80 7.56
CA ASN A 13 -7.93 -1.54 8.75
C ASN A 13 -8.34 -2.82 9.50
N ASN A 14 -7.92 -3.98 9.01
CA ASN A 14 -8.23 -5.27 9.68
C ASN A 14 -7.18 -5.58 10.76
N GLY A 15 -6.48 -4.57 11.18
CA GLY A 15 -5.50 -4.71 12.23
C GLY A 15 -4.10 -4.75 11.68
N LYS A 16 -3.97 -4.97 10.40
CA LYS A 16 -2.69 -4.96 9.75
C LYS A 16 -2.70 -3.87 8.71
N TYR A 17 -1.55 -3.33 8.44
CA TYR A 17 -1.37 -2.28 7.46
C TYR A 17 -0.22 -2.64 6.57
N VAL A 18 -0.30 -2.29 5.33
CA VAL A 18 0.75 -2.62 4.41
C VAL A 18 1.65 -1.43 4.17
N LYS A 19 2.94 -1.70 4.22
CA LYS A 19 3.97 -0.71 4.04
C LYS A 19 4.06 -0.38 2.55
N VAL A 20 3.83 0.83 2.18
CA VAL A 20 3.88 1.17 0.78
C VAL A 20 4.77 2.38 0.54
N ARG A 21 5.63 2.26 -0.45
CA ARG A 21 6.45 3.35 -0.86
C ARG A 21 5.73 4.10 -1.96
N ILE A 22 5.55 5.35 -1.75
CA ILE A 22 4.87 6.20 -2.68
C ILE A 22 5.92 6.83 -3.55
N LEU A 23 5.99 6.41 -4.77
CA LEU A 23 6.89 7.01 -5.69
C LEU A 23 6.16 8.18 -6.30
N LYS A 24 6.58 9.34 -5.96
CA LYS A 24 5.87 10.53 -6.34
C LYS A 24 6.80 11.44 -7.11
N SER A 25 6.61 11.53 -8.39
CA SER A 25 7.38 12.41 -9.15
C SER A 25 6.57 13.58 -9.68
N ARG A 26 6.62 14.65 -8.92
CA ARG A 26 5.98 15.90 -9.30
C ARG A 26 6.92 16.65 -10.23
N ASP A 27 8.12 16.08 -10.34
CA ASP A 27 9.19 16.54 -11.21
C ASP A 27 8.74 16.37 -12.65
N ASP A 28 8.06 15.24 -12.92
CA ASP A 28 7.51 14.96 -14.25
C ASP A 28 6.30 15.84 -14.46
N ASN A 29 5.42 15.74 -13.49
CA ASN A 29 4.18 16.51 -13.37
C ASN A 29 3.47 15.95 -12.18
N SER A 30 3.08 14.70 -12.31
CA SER A 30 2.42 14.01 -11.26
C SER A 30 2.40 12.52 -11.58
N VAL A 31 3.54 11.89 -11.49
CA VAL A 31 3.60 10.47 -11.71
C VAL A 31 3.74 9.79 -10.38
N GLU A 32 2.66 9.27 -9.90
CA GLU A 32 2.65 8.63 -8.63
C GLU A 32 2.25 7.19 -8.76
N LYS A 33 3.18 6.35 -8.44
CA LYS A 33 2.96 4.94 -8.41
C LYS A 33 3.31 4.41 -7.07
N TYR A 34 2.77 3.30 -6.76
CA TYR A 34 2.93 2.72 -5.48
C TYR A 34 3.74 1.46 -5.63
N VAL A 35 4.46 1.11 -4.60
CA VAL A 35 5.35 -0.04 -4.64
C VAL A 35 4.55 -1.35 -4.79
N LEU A 36 5.13 -2.30 -5.48
CA LEU A 36 4.49 -3.55 -5.79
C LEU A 36 4.70 -4.59 -4.70
N THR A 37 5.49 -4.27 -3.69
CA THR A 37 5.71 -5.22 -2.65
C THR A 37 4.65 -4.99 -1.56
N SER A 38 4.29 -6.04 -0.87
CA SER A 38 3.14 -6.02 0.01
C SER A 38 3.46 -6.39 1.46
N HIS A 39 4.70 -6.14 1.90
CA HIS A 39 5.10 -6.40 3.29
C HIS A 39 4.16 -5.71 4.28
N VAL A 40 3.43 -6.51 5.02
CA VAL A 40 2.46 -6.00 5.98
C VAL A 40 3.03 -5.87 7.36
N SER A 41 2.51 -4.93 8.08
CA SER A 41 2.83 -4.72 9.46
C SER A 41 1.55 -5.01 10.24
N LYS A 42 1.66 -5.68 11.36
CA LYS A 42 0.48 -6.11 12.10
C LYS A 42 0.06 -5.09 13.16
N ASN A 43 0.59 -3.90 13.04
CA ASN A 43 0.31 -2.83 13.97
C ASN A 43 -0.27 -1.67 13.22
N ARG A 44 -0.92 -0.79 13.93
CA ARG A 44 -1.49 0.38 13.33
C ARG A 44 -0.62 1.58 13.61
N PRO A 45 0.04 2.12 12.58
CA PRO A 45 0.88 3.32 12.72
C PRO A 45 0.04 4.56 13.03
N LYS A 46 0.55 5.40 13.88
CA LYS A 46 -0.15 6.57 14.33
C LYS A 46 0.54 7.83 13.82
N ASN A 47 1.61 7.63 13.07
CA ASN A 47 2.42 8.75 12.59
C ASN A 47 2.51 8.74 11.07
N ALA A 48 1.61 8.05 10.43
CA ALA A 48 1.73 7.89 9.00
C ALA A 48 0.46 8.26 8.28
N ILE A 49 0.62 8.54 7.01
CA ILE A 49 -0.48 8.86 6.15
C ILE A 49 -1.08 7.55 5.68
N VAL A 50 -2.38 7.40 5.81
CA VAL A 50 -3.02 6.19 5.42
C VAL A 50 -3.95 6.42 4.22
N ILE A 51 -3.78 5.60 3.23
CA ILE A 51 -4.60 5.61 2.04
C ILE A 51 -5.39 4.31 2.05
N LYS A 52 -6.66 4.34 1.82
CA LYS A 52 -7.45 3.13 1.89
C LYS A 52 -7.34 2.35 0.58
N MET A 53 -7.48 1.02 0.70
CA MET A 53 -7.31 0.02 -0.38
C MET A 53 -8.01 0.38 -1.67
N ASP A 54 -9.20 0.91 -1.53
CA ASP A 54 -10.08 1.22 -2.67
C ASP A 54 -9.52 2.34 -3.56
N ASN A 55 -8.63 3.14 -3.01
CA ASN A 55 -8.08 4.27 -3.75
C ASN A 55 -6.86 3.86 -4.58
N LEU A 56 -6.34 2.68 -4.32
CA LEU A 56 -5.17 2.19 -5.02
C LEU A 56 -5.53 1.71 -6.41
N PRO A 57 -4.59 1.83 -7.37
CA PRO A 57 -4.81 1.33 -8.70
C PRO A 57 -4.80 -0.20 -8.71
N ILE A 58 -5.29 -0.77 -9.81
CA ILE A 58 -5.39 -2.21 -9.95
C ILE A 58 -4.06 -2.92 -9.81
N GLU A 59 -2.97 -2.21 -10.16
CA GLU A 59 -1.61 -2.71 -10.05
C GLU A 59 -1.35 -3.14 -8.62
N VAL A 60 -1.58 -2.21 -7.72
CA VAL A 60 -1.27 -2.38 -6.32
C VAL A 60 -2.24 -3.33 -5.67
N LYS A 61 -3.53 -3.14 -5.95
CA LYS A 61 -4.57 -3.97 -5.37
C LYS A 61 -4.38 -5.42 -5.71
N ASP A 62 -3.98 -5.66 -6.94
CA ASP A 62 -3.73 -7.02 -7.42
C ASP A 62 -2.61 -7.66 -6.62
N LYS A 63 -1.53 -6.91 -6.40
CA LYS A 63 -0.39 -7.39 -5.61
C LYS A 63 -0.81 -7.68 -4.18
N LEU A 64 -1.52 -6.72 -3.57
CA LEU A 64 -1.99 -6.83 -2.19
C LEU A 64 -2.86 -8.08 -2.03
N THR A 65 -3.68 -8.34 -3.03
CA THR A 65 -4.56 -9.48 -3.04
C THR A 65 -3.76 -10.78 -3.04
N ARG A 66 -2.81 -10.90 -3.95
CA ARG A 66 -2.08 -12.15 -4.10
C ARG A 66 -1.14 -12.44 -2.94
N PHE A 67 -0.79 -11.41 -2.18
CA PHE A 67 0.06 -11.59 -1.03
C PHE A 67 -0.79 -11.89 0.21
N PHE A 68 -1.66 -10.97 0.58
CA PHE A 68 -2.45 -11.13 1.79
C PHE A 68 -3.98 -11.09 1.59
N LEU A 69 -4.46 -10.15 0.78
CA LEU A 69 -5.89 -9.80 0.72
C LEU A 69 -6.73 -10.80 -0.13
N LEU A 70 -6.16 -11.95 -0.40
CA LEU A 70 -6.85 -12.98 -1.16
C LEU A 70 -7.92 -13.66 -0.34
N GLU A 71 -7.94 -13.40 0.98
CA GLU A 71 -8.91 -13.98 1.86
C GLU A 71 -10.28 -13.32 1.69
N HIS A 72 -10.97 -13.78 0.70
CA HIS A 72 -12.32 -13.45 0.31
C HIS A 72 -12.72 -14.61 -0.57
N HIS A 73 -13.95 -14.98 -0.59
CA HIS A 73 -14.33 -16.12 -1.38
C HIS A 73 -15.59 -15.87 -2.21
N HIS A 74 -15.38 -15.23 -3.33
CA HIS A 74 -16.42 -14.98 -4.30
C HIS A 74 -15.85 -15.16 -5.67
N HIS A 75 -15.93 -16.37 -6.18
CA HIS A 75 -15.36 -16.67 -7.48
C HIS A 75 -16.31 -16.36 -8.62
N HIS A 76 -17.53 -15.91 -8.24
CA HIS A 76 -18.61 -15.50 -9.18
C HIS A 76 -19.16 -16.67 -9.96
N HIS A 77 -18.35 -17.23 -10.80
CA HIS A 77 -18.69 -18.36 -11.59
C HIS A 77 -18.08 -19.56 -10.91
N MET A 1 20.27 7.44 2.20
CA MET A 1 18.85 7.27 1.88
C MET A 1 18.23 8.59 1.50
N LEU A 2 18.11 8.83 0.20
CA LEU A 2 17.50 10.05 -0.27
C LEU A 2 16.93 9.86 -1.68
N LYS A 3 15.74 9.36 -1.74
CA LYS A 3 14.98 9.23 -2.96
C LYS A 3 13.57 9.59 -2.61
N HIS A 4 12.96 10.45 -3.39
CA HIS A 4 11.62 10.95 -3.10
C HIS A 4 10.51 9.91 -3.22
N GLY A 5 10.28 9.26 -2.14
CA GLY A 5 9.27 8.26 -2.01
C GLY A 5 8.82 8.19 -0.60
N LYS A 6 7.58 8.50 -0.38
CA LYS A 6 7.04 8.52 0.97
C LYS A 6 6.54 7.13 1.33
N TYR A 7 6.81 6.71 2.53
CA TYR A 7 6.29 5.46 3.01
C TYR A 7 4.99 5.70 3.71
N VAL A 8 3.94 5.20 3.16
CA VAL A 8 2.65 5.33 3.76
C VAL A 8 2.11 3.94 4.02
N TYR A 9 1.01 3.87 4.68
CA TYR A 9 0.43 2.60 4.99
C TYR A 9 -0.93 2.51 4.39
N ILE A 10 -1.27 1.37 3.87
CA ILE A 10 -2.59 1.20 3.36
C ILE A 10 -3.44 0.65 4.47
N ASP A 11 -4.57 1.27 4.70
CA ASP A 11 -5.45 0.90 5.76
C ASP A 11 -6.18 -0.35 5.42
N LEU A 12 -5.61 -1.44 5.82
CA LEU A 12 -6.27 -2.71 5.68
C LEU A 12 -7.23 -2.79 6.85
N ASN A 13 -6.71 -2.30 8.00
CA ASN A 13 -7.45 -2.10 9.27
C ASN A 13 -7.79 -3.45 9.93
N ASN A 14 -7.34 -4.51 9.31
CA ASN A 14 -7.62 -5.89 9.73
C ASN A 14 -6.57 -6.40 10.72
N GLY A 15 -5.90 -5.47 11.35
CA GLY A 15 -4.88 -5.78 12.35
C GLY A 15 -3.48 -5.62 11.82
N LYS A 16 -3.36 -5.50 10.53
CA LYS A 16 -2.08 -5.32 9.91
C LYS A 16 -2.20 -4.25 8.87
N TYR A 17 -1.11 -3.64 8.53
CA TYR A 17 -1.06 -2.59 7.56
C TYR A 17 0.05 -2.87 6.59
N VAL A 18 -0.14 -2.51 5.36
CA VAL A 18 0.89 -2.71 4.37
C VAL A 18 1.60 -1.41 4.13
N LYS A 19 2.90 -1.46 4.10
CA LYS A 19 3.70 -0.28 3.96
C LYS A 19 4.13 -0.14 2.53
N VAL A 20 3.69 0.92 1.91
CA VAL A 20 3.97 1.14 0.53
C VAL A 20 4.72 2.45 0.35
N ARG A 21 5.69 2.41 -0.51
CA ARG A 21 6.50 3.54 -0.83
C ARG A 21 5.97 4.15 -2.11
N ILE A 22 5.58 5.39 -2.02
CA ILE A 22 5.05 6.10 -3.16
C ILE A 22 6.12 7.07 -3.67
N LEU A 23 6.75 6.71 -4.77
CA LEU A 23 7.72 7.58 -5.39
C LEU A 23 7.01 8.68 -6.12
N LYS A 24 7.09 9.87 -5.62
CA LYS A 24 6.43 10.97 -6.26
C LYS A 24 7.39 11.56 -7.24
N SER A 25 7.17 11.32 -8.49
CA SER A 25 8.08 11.79 -9.47
C SER A 25 7.59 13.10 -10.06
N ARG A 26 7.73 14.15 -9.27
CA ARG A 26 7.35 15.49 -9.68
C ARG A 26 8.44 16.01 -10.61
N ASP A 27 9.62 15.48 -10.40
CA ASP A 27 10.81 15.79 -11.20
C ASP A 27 10.65 15.23 -12.59
N ASP A 28 9.91 14.16 -12.69
CA ASP A 28 9.62 13.50 -13.95
C ASP A 28 8.42 14.14 -14.61
N ASN A 29 7.33 14.20 -13.85
CA ASN A 29 6.08 14.79 -14.31
C ASN A 29 5.15 15.02 -13.11
N SER A 30 4.33 14.03 -12.82
CA SER A 30 3.41 14.03 -11.70
C SER A 30 3.10 12.59 -11.39
N VAL A 31 4.01 11.75 -11.82
CA VAL A 31 3.82 10.32 -11.76
C VAL A 31 4.22 9.81 -10.41
N GLU A 32 3.29 9.26 -9.73
CA GLU A 32 3.56 8.69 -8.47
C GLU A 32 3.63 7.19 -8.62
N LYS A 33 4.82 6.70 -8.58
CA LYS A 33 5.08 5.31 -8.79
C LYS A 33 4.98 4.56 -7.49
N TYR A 34 4.05 3.68 -7.44
CA TYR A 34 3.82 2.87 -6.29
C TYR A 34 4.77 1.70 -6.35
N VAL A 35 5.42 1.44 -5.26
CA VAL A 35 6.35 0.35 -5.19
C VAL A 35 5.60 -0.99 -5.29
N LEU A 36 6.25 -1.94 -5.88
CA LEU A 36 5.70 -3.25 -6.15
C LEU A 36 5.64 -4.17 -4.92
N THR A 37 6.10 -3.72 -3.78
CA THR A 37 6.10 -4.59 -2.63
C THR A 37 4.77 -4.44 -1.87
N SER A 38 4.36 -5.52 -1.25
CA SER A 38 3.10 -5.58 -0.54
C SER A 38 3.32 -6.11 0.87
N HIS A 39 4.53 -5.92 1.39
CA HIS A 39 4.86 -6.39 2.74
C HIS A 39 4.08 -5.71 3.82
N VAL A 40 3.47 -6.51 4.65
CA VAL A 40 2.65 -6.04 5.73
C VAL A 40 3.46 -5.90 7.01
N SER A 41 2.99 -5.06 7.85
CA SER A 41 3.56 -4.81 9.11
C SER A 41 2.43 -4.92 10.13
N LYS A 42 2.77 -5.24 11.36
CA LYS A 42 1.79 -5.39 12.42
C LYS A 42 1.62 -4.08 13.17
N ASN A 43 2.19 -3.04 12.62
CA ASN A 43 2.10 -1.72 13.19
C ASN A 43 0.88 -1.01 12.67
N ARG A 44 0.15 -0.40 13.56
CA ARG A 44 -0.99 0.39 13.20
C ARG A 44 -0.65 1.84 13.56
N PRO A 45 -0.01 2.56 12.64
CA PRO A 45 0.48 3.90 12.91
C PRO A 45 -0.61 4.95 12.75
N LYS A 46 -0.73 5.80 13.74
CA LYS A 46 -1.75 6.84 13.74
C LYS A 46 -1.17 8.10 13.13
N ASN A 47 0.14 8.21 13.22
CA ASN A 47 0.89 9.36 12.74
C ASN A 47 1.17 9.27 11.25
N ALA A 48 1.08 8.08 10.72
CA ALA A 48 1.35 7.87 9.33
C ALA A 48 0.09 8.03 8.52
N ILE A 49 0.26 8.33 7.26
CA ILE A 49 -0.86 8.52 6.39
C ILE A 49 -1.33 7.17 5.90
N VAL A 50 -2.58 6.88 6.13
CA VAL A 50 -3.14 5.64 5.69
C VAL A 50 -4.08 5.86 4.53
N ILE A 51 -3.88 5.11 3.49
CA ILE A 51 -4.69 5.19 2.31
C ILE A 51 -5.64 4.00 2.27
N LYS A 52 -6.88 4.24 1.89
CA LYS A 52 -7.89 3.20 1.79
C LYS A 52 -7.63 2.35 0.55
N MET A 53 -7.84 1.02 0.65
CA MET A 53 -7.62 0.06 -0.48
C MET A 53 -8.25 0.54 -1.78
N ASP A 54 -9.38 1.19 -1.64
CA ASP A 54 -10.19 1.63 -2.75
C ASP A 54 -9.51 2.71 -3.60
N ASN A 55 -8.50 3.36 -3.06
CA ASN A 55 -7.82 4.45 -3.78
C ASN A 55 -6.60 3.93 -4.54
N LEU A 56 -6.29 2.68 -4.35
CA LEU A 56 -5.14 2.08 -5.02
C LEU A 56 -5.47 1.64 -6.43
N PRO A 57 -4.52 1.79 -7.38
CA PRO A 57 -4.69 1.30 -8.75
C PRO A 57 -4.83 -0.23 -8.75
N ILE A 58 -5.41 -0.78 -9.82
CA ILE A 58 -5.65 -2.22 -9.90
C ILE A 58 -4.39 -3.06 -9.77
N GLU A 59 -3.25 -2.53 -10.20
CA GLU A 59 -2.00 -3.27 -10.12
C GLU A 59 -1.58 -3.49 -8.65
N VAL A 60 -1.80 -2.48 -7.83
CA VAL A 60 -1.44 -2.52 -6.44
C VAL A 60 -2.43 -3.42 -5.70
N LYS A 61 -3.71 -3.22 -5.99
CA LYS A 61 -4.77 -4.02 -5.38
C LYS A 61 -4.62 -5.51 -5.70
N ASP A 62 -4.12 -5.78 -6.90
CA ASP A 62 -3.82 -7.13 -7.34
C ASP A 62 -2.77 -7.76 -6.45
N LYS A 63 -1.68 -7.06 -6.22
CA LYS A 63 -0.62 -7.60 -5.38
C LYS A 63 -1.05 -7.71 -3.92
N LEU A 64 -1.85 -6.73 -3.46
CA LEU A 64 -2.39 -6.74 -2.10
C LEU A 64 -3.21 -8.02 -1.87
N THR A 65 -4.08 -8.29 -2.82
CA THR A 65 -4.94 -9.43 -2.80
C THR A 65 -4.14 -10.76 -2.75
N ARG A 66 -3.13 -10.87 -3.61
CA ARG A 66 -2.36 -12.10 -3.69
C ARG A 66 -1.43 -12.30 -2.49
N PHE A 67 -1.04 -11.20 -1.84
CA PHE A 67 -0.10 -11.27 -0.75
C PHE A 67 -0.75 -11.62 0.58
N PHE A 68 -1.73 -10.84 0.98
CA PHE A 68 -2.30 -11.04 2.32
C PHE A 68 -3.78 -11.37 2.32
N LEU A 69 -4.49 -11.13 1.25
CA LEU A 69 -5.91 -11.47 1.26
C LEU A 69 -6.01 -12.97 1.03
N LEU A 70 -5.10 -13.44 0.22
CA LEU A 70 -4.84 -14.82 0.01
C LEU A 70 -3.74 -15.19 0.96
N GLU A 71 -4.10 -15.35 2.18
CA GLU A 71 -3.19 -15.75 3.22
C GLU A 71 -3.92 -16.78 4.09
N HIS A 72 -3.21 -17.36 5.04
CA HIS A 72 -3.71 -18.36 5.99
C HIS A 72 -4.25 -19.61 5.32
N HIS A 73 -3.36 -20.29 4.65
CA HIS A 73 -3.62 -21.57 4.02
C HIS A 73 -2.39 -22.40 4.23
N HIS A 74 -2.22 -23.44 3.46
CA HIS A 74 -1.02 -24.25 3.54
C HIS A 74 -0.53 -24.49 2.11
N HIS A 75 -0.89 -23.58 1.24
CA HIS A 75 -0.58 -23.67 -0.19
C HIS A 75 0.77 -23.00 -0.49
N HIS A 76 0.97 -21.87 0.14
CA HIS A 76 2.16 -21.02 0.01
C HIS A 76 1.85 -19.81 0.86
N HIS A 77 0.66 -19.30 0.68
CA HIS A 77 0.11 -18.27 1.51
C HIS A 77 -1.12 -18.82 2.18
N MET A 1 17.52 15.70 -3.04
CA MET A 1 16.69 15.06 -2.01
C MET A 1 15.28 14.84 -2.52
N LEU A 2 14.45 15.90 -2.50
CA LEU A 2 13.06 15.89 -3.04
C LEU A 2 12.07 15.06 -2.21
N LYS A 3 12.51 13.88 -1.81
CA LYS A 3 11.68 12.87 -1.16
C LYS A 3 10.75 12.30 -2.19
N HIS A 4 11.35 11.60 -3.13
CA HIS A 4 10.67 11.01 -4.26
C HIS A 4 9.94 9.74 -3.84
N GLY A 5 10.28 9.24 -2.68
CA GLY A 5 9.62 8.07 -2.17
C GLY A 5 9.42 8.16 -0.69
N LYS A 6 8.20 8.19 -0.28
CA LYS A 6 7.86 8.26 1.13
C LYS A 6 7.14 7.00 1.54
N TYR A 7 7.28 6.59 2.77
CA TYR A 7 6.61 5.42 3.25
C TYR A 7 5.38 5.76 4.04
N VAL A 8 4.27 5.25 3.58
CA VAL A 8 3.00 5.40 4.26
C VAL A 8 2.36 4.03 4.34
N TYR A 9 1.17 3.93 4.84
CA TYR A 9 0.53 2.65 4.96
C TYR A 9 -0.78 2.64 4.24
N ILE A 10 -1.16 1.49 3.76
CA ILE A 10 -2.44 1.33 3.14
C ILE A 10 -3.40 0.77 4.17
N ASP A 11 -4.54 1.44 4.32
CA ASP A 11 -5.54 1.03 5.27
C ASP A 11 -6.19 -0.25 4.84
N LEU A 12 -5.71 -1.31 5.40
CA LEU A 12 -6.31 -2.61 5.21
C LEU A 12 -7.39 -2.74 6.25
N ASN A 13 -7.08 -2.20 7.43
CA ASN A 13 -8.00 -2.05 8.57
C ASN A 13 -8.43 -3.39 9.18
N ASN A 14 -7.81 -4.47 8.74
CA ASN A 14 -8.16 -5.80 9.27
C ASN A 14 -7.19 -6.25 10.35
N GLY A 15 -6.50 -5.29 10.94
CA GLY A 15 -5.54 -5.60 12.00
C GLY A 15 -4.11 -5.56 11.53
N LYS A 16 -3.93 -5.54 10.24
CA LYS A 16 -2.61 -5.46 9.65
C LYS A 16 -2.64 -4.38 8.59
N TYR A 17 -1.53 -3.75 8.36
CA TYR A 17 -1.39 -2.67 7.40
C TYR A 17 -0.16 -2.90 6.55
N VAL A 18 -0.21 -2.49 5.32
CA VAL A 18 0.93 -2.67 4.43
C VAL A 18 1.69 -1.36 4.32
N LYS A 19 2.99 -1.45 4.36
CA LYS A 19 3.84 -0.30 4.28
C LYS A 19 4.23 -0.11 2.83
N VAL A 20 3.78 0.96 2.25
CA VAL A 20 3.97 1.19 0.85
C VAL A 20 4.84 2.43 0.63
N ARG A 21 5.72 2.35 -0.32
CA ARG A 21 6.52 3.48 -0.70
C ARG A 21 5.83 4.17 -1.84
N ILE A 22 5.47 5.38 -1.62
CA ILE A 22 4.81 6.20 -2.59
C ILE A 22 5.87 6.96 -3.33
N LEU A 23 6.06 6.63 -4.57
CA LEU A 23 7.00 7.35 -5.35
C LEU A 23 6.26 8.50 -5.96
N LYS A 24 6.50 9.67 -5.48
CA LYS A 24 5.79 10.81 -5.94
C LYS A 24 6.62 11.45 -7.00
N SER A 25 6.20 11.28 -8.21
CA SER A 25 6.98 11.71 -9.33
C SER A 25 6.44 12.97 -9.95
N ARG A 26 7.04 14.08 -9.57
CA ARG A 26 6.62 15.38 -10.06
C ARG A 26 7.26 15.66 -11.42
N ASP A 27 8.39 15.02 -11.68
CA ASP A 27 9.11 15.15 -12.95
C ASP A 27 8.25 14.64 -14.09
N ASP A 28 7.64 13.51 -13.84
CA ASP A 28 6.70 12.90 -14.77
C ASP A 28 5.52 13.83 -14.98
N ASN A 29 4.90 14.19 -13.88
CA ASN A 29 3.74 15.09 -13.86
C ASN A 29 3.41 15.39 -12.43
N SER A 30 3.00 14.35 -11.74
CA SER A 30 2.67 14.36 -10.31
C SER A 30 2.12 12.96 -10.04
N VAL A 31 2.75 11.99 -10.66
CA VAL A 31 2.29 10.63 -10.61
C VAL A 31 2.85 9.94 -9.40
N GLU A 32 1.98 9.48 -8.55
CA GLU A 32 2.39 8.76 -7.39
C GLU A 32 2.39 7.28 -7.70
N LYS A 33 3.57 6.79 -7.98
CA LYS A 33 3.77 5.42 -8.37
C LYS A 33 3.93 4.60 -7.12
N TYR A 34 3.49 3.39 -7.16
CA TYR A 34 3.52 2.58 -5.98
C TYR A 34 4.57 1.52 -6.09
N VAL A 35 5.15 1.19 -4.96
CA VAL A 35 6.15 0.16 -4.88
C VAL A 35 5.52 -1.23 -5.20
N LEU A 36 6.32 -2.16 -5.65
CA LEU A 36 5.86 -3.48 -6.03
C LEU A 36 5.85 -4.44 -4.82
N THR A 37 6.35 -3.97 -3.70
CA THR A 37 6.43 -4.81 -2.53
C THR A 37 5.13 -4.65 -1.71
N SER A 38 4.80 -5.66 -0.96
CA SER A 38 3.58 -5.72 -0.22
C SER A 38 3.86 -6.02 1.26
N HIS A 39 5.05 -5.64 1.72
CA HIS A 39 5.48 -5.85 3.14
C HIS A 39 4.43 -5.36 4.14
N VAL A 40 3.88 -6.29 4.89
CA VAL A 40 2.88 -5.96 5.87
C VAL A 40 3.42 -5.84 7.27
N SER A 41 2.81 -4.96 7.99
CA SER A 41 3.12 -4.67 9.35
C SER A 41 1.85 -4.86 10.16
N LYS A 42 1.97 -5.22 11.41
CA LYS A 42 0.80 -5.42 12.24
C LYS A 42 0.44 -4.13 12.97
N ASN A 43 1.24 -3.12 12.74
CA ASN A 43 1.08 -1.84 13.41
C ASN A 43 -0.02 -1.03 12.78
N ARG A 44 -0.93 -0.57 13.61
CA ARG A 44 -1.92 0.38 13.15
C ARG A 44 -1.29 1.76 13.28
N PRO A 45 -1.04 2.44 12.16
CA PRO A 45 -0.34 3.73 12.14
C PRO A 45 -1.06 4.83 12.92
N LYS A 46 -0.28 5.57 13.67
CA LYS A 46 -0.79 6.67 14.42
C LYS A 46 -0.39 8.01 13.78
N ASN A 47 0.85 8.10 13.32
CA ASN A 47 1.35 9.37 12.75
C ASN A 47 1.64 9.26 11.26
N ALA A 48 1.38 8.10 10.71
CA ALA A 48 1.62 7.90 9.30
C ALA A 48 0.34 8.05 8.52
N ILE A 49 0.47 8.32 7.25
CA ILE A 49 -0.66 8.52 6.39
C ILE A 49 -1.16 7.17 5.91
N VAL A 50 -2.46 7.00 5.94
CA VAL A 50 -3.08 5.79 5.48
C VAL A 50 -3.97 6.06 4.28
N ILE A 51 -3.74 5.32 3.24
CA ILE A 51 -4.54 5.41 2.05
C ILE A 51 -5.34 4.13 1.98
N LYS A 52 -6.62 4.22 1.76
CA LYS A 52 -7.45 3.03 1.78
C LYS A 52 -7.34 2.29 0.45
N MET A 53 -7.50 0.95 0.50
CA MET A 53 -7.30 0.04 -0.66
C MET A 53 -8.08 0.46 -1.90
N ASP A 54 -9.26 1.02 -1.69
CA ASP A 54 -10.16 1.44 -2.78
C ASP A 54 -9.54 2.51 -3.69
N ASN A 55 -8.59 3.26 -3.15
CA ASN A 55 -7.96 4.36 -3.89
C ASN A 55 -6.79 3.86 -4.76
N LEU A 56 -6.39 2.62 -4.54
CA LEU A 56 -5.26 2.06 -5.24
C LEU A 56 -5.64 1.51 -6.61
N PRO A 57 -4.77 1.69 -7.62
CA PRO A 57 -4.99 1.15 -8.97
C PRO A 57 -5.11 -0.38 -8.95
N ILE A 58 -5.71 -0.93 -9.99
CA ILE A 58 -6.01 -2.35 -10.03
C ILE A 58 -4.79 -3.27 -9.96
N GLU A 59 -3.67 -2.83 -10.51
CA GLU A 59 -2.45 -3.62 -10.46
C GLU A 59 -1.87 -3.66 -9.06
N VAL A 60 -2.02 -2.58 -8.33
CA VAL A 60 -1.50 -2.51 -6.99
C VAL A 60 -2.33 -3.40 -6.09
N LYS A 61 -3.66 -3.30 -6.23
CA LYS A 61 -4.58 -4.11 -5.44
C LYS A 61 -4.39 -5.59 -5.75
N ASP A 62 -4.07 -5.84 -6.99
CA ASP A 62 -3.75 -7.19 -7.52
C ASP A 62 -2.68 -7.85 -6.64
N LYS A 63 -1.59 -7.10 -6.46
CA LYS A 63 -0.46 -7.56 -5.66
C LYS A 63 -0.85 -7.70 -4.20
N LEU A 64 -1.41 -6.61 -3.67
CA LEU A 64 -1.79 -6.50 -2.26
C LEU A 64 -2.70 -7.65 -1.84
N THR A 65 -3.74 -7.88 -2.62
CA THR A 65 -4.74 -8.87 -2.34
C THR A 65 -4.13 -10.27 -2.25
N ARG A 66 -3.43 -10.69 -3.27
CA ARG A 66 -2.96 -12.05 -3.30
C ARG A 66 -1.74 -12.29 -2.40
N PHE A 67 -0.99 -11.25 -2.12
CA PHE A 67 0.16 -11.38 -1.26
C PHE A 67 -0.26 -11.54 0.19
N PHE A 68 -1.01 -10.58 0.72
CA PHE A 68 -1.31 -10.59 2.15
C PHE A 68 -2.78 -10.68 2.52
N LEU A 69 -3.68 -10.32 1.62
CA LEU A 69 -5.09 -10.37 1.97
C LEU A 69 -5.51 -11.84 1.99
N LEU A 70 -4.97 -12.60 1.07
CA LEU A 70 -5.12 -14.04 1.08
C LEU A 70 -4.09 -14.70 2.00
N GLU A 71 -2.81 -14.41 1.75
CA GLU A 71 -1.65 -15.04 2.46
C GLU A 71 -1.48 -16.54 2.18
N HIS A 72 -2.55 -17.21 1.80
CA HIS A 72 -2.52 -18.62 1.48
C HIS A 72 -1.94 -18.81 0.07
N HIS A 73 -0.65 -18.73 0.01
CA HIS A 73 0.15 -18.99 -1.18
C HIS A 73 1.42 -19.63 -0.73
N HIS A 74 1.18 -20.59 0.13
CA HIS A 74 2.12 -21.41 0.81
C HIS A 74 1.29 -22.37 1.62
N HIS A 75 1.48 -23.63 1.43
CA HIS A 75 0.74 -24.60 2.18
C HIS A 75 1.37 -24.69 3.56
N HIS A 76 0.57 -24.53 4.59
CA HIS A 76 1.08 -24.57 5.95
C HIS A 76 1.54 -25.97 6.31
N HIS A 77 2.81 -26.13 6.33
CA HIS A 77 3.46 -27.35 6.68
C HIS A 77 4.77 -26.98 7.23
N MET A 1 12.27 13.47 5.42
CA MET A 1 11.02 13.03 4.82
C MET A 1 11.00 13.42 3.36
N LEU A 2 10.59 12.48 2.51
CA LEU A 2 10.47 12.65 1.06
C LEU A 2 11.85 12.72 0.37
N LYS A 3 12.36 11.57 0.00
CA LYS A 3 13.60 11.49 -0.74
C LYS A 3 13.24 11.58 -2.23
N HIS A 4 12.66 10.51 -2.75
CA HIS A 4 12.04 10.51 -4.09
C HIS A 4 10.72 9.79 -3.93
N GLY A 5 10.34 9.64 -2.67
CA GLY A 5 9.18 8.93 -2.31
C GLY A 5 8.96 9.00 -0.83
N LYS A 6 7.79 8.62 -0.40
CA LYS A 6 7.40 8.66 1.00
C LYS A 6 6.86 7.30 1.44
N TYR A 7 6.89 7.04 2.72
CA TYR A 7 6.35 5.80 3.28
C TYR A 7 5.02 6.02 3.90
N VAL A 8 4.05 5.30 3.43
CA VAL A 8 2.71 5.37 3.95
C VAL A 8 2.21 3.95 4.16
N TYR A 9 1.02 3.82 4.64
CA TYR A 9 0.44 2.52 4.86
C TYR A 9 -0.88 2.44 4.14
N ILE A 10 -1.22 1.28 3.69
CA ILE A 10 -2.50 1.11 3.04
C ILE A 10 -3.49 0.59 4.07
N ASP A 11 -4.62 1.26 4.15
CA ASP A 11 -5.66 0.90 5.07
C ASP A 11 -6.38 -0.31 4.58
N LEU A 12 -5.94 -1.45 5.07
CA LEU A 12 -6.55 -2.72 4.78
C LEU A 12 -7.74 -2.85 5.72
N ASN A 13 -7.60 -2.18 6.88
CA ASN A 13 -8.64 -1.99 7.90
C ASN A 13 -9.02 -3.29 8.62
N ASN A 14 -8.43 -4.39 8.21
CA ASN A 14 -8.69 -5.71 8.80
C ASN A 14 -7.77 -5.99 9.99
N GLY A 15 -7.16 -4.94 10.48
CA GLY A 15 -6.29 -5.06 11.62
C GLY A 15 -4.82 -5.04 11.26
N LYS A 16 -4.51 -5.21 10.01
CA LYS A 16 -3.13 -5.15 9.60
C LYS A 16 -2.99 -4.10 8.51
N TYR A 17 -1.81 -3.58 8.36
CA TYR A 17 -1.55 -2.53 7.41
C TYR A 17 -0.31 -2.86 6.63
N VAL A 18 -0.31 -2.53 5.38
CA VAL A 18 0.83 -2.78 4.55
C VAL A 18 1.62 -1.49 4.38
N LYS A 19 2.92 -1.58 4.48
CA LYS A 19 3.75 -0.41 4.38
C LYS A 19 4.23 -0.26 2.95
N VAL A 20 3.83 0.79 2.33
CA VAL A 20 4.13 1.00 0.93
C VAL A 20 4.90 2.31 0.76
N ARG A 21 5.74 2.34 -0.22
CA ARG A 21 6.52 3.50 -0.53
C ARG A 21 5.97 4.10 -1.81
N ILE A 22 5.48 5.31 -1.70
CA ILE A 22 4.94 6.03 -2.83
C ILE A 22 6.05 6.85 -3.40
N LEU A 23 6.58 6.44 -4.52
CA LEU A 23 7.65 7.19 -5.12
C LEU A 23 7.03 8.27 -5.95
N LYS A 24 7.18 9.48 -5.52
CA LYS A 24 6.61 10.57 -6.23
C LYS A 24 7.67 10.91 -7.27
N SER A 25 7.39 10.55 -8.47
CA SER A 25 8.40 10.56 -9.46
C SER A 25 8.29 11.70 -10.45
N ARG A 26 8.81 12.85 -10.05
CA ARG A 26 8.95 13.99 -10.93
C ARG A 26 10.06 13.61 -11.88
N ASP A 27 11.04 12.90 -11.29
CA ASP A 27 12.23 12.37 -11.96
C ASP A 27 11.86 11.55 -13.16
N ASP A 28 10.83 10.74 -13.01
CA ASP A 28 10.39 9.90 -14.12
C ASP A 28 9.58 10.75 -15.06
N ASN A 29 8.46 11.27 -14.54
CA ASN A 29 7.55 12.20 -15.25
C ASN A 29 6.19 12.29 -14.56
N SER A 30 6.15 13.01 -13.46
CA SER A 30 4.90 13.34 -12.72
C SER A 30 4.00 12.12 -12.36
N VAL A 31 4.61 10.97 -12.13
CA VAL A 31 3.85 9.75 -11.81
C VAL A 31 4.17 9.24 -10.41
N GLU A 32 3.17 8.70 -9.73
CA GLU A 32 3.36 8.11 -8.42
C GLU A 32 3.64 6.63 -8.63
N LYS A 33 4.85 6.22 -8.41
CA LYS A 33 5.17 4.84 -8.55
C LYS A 33 4.84 4.15 -7.26
N TYR A 34 3.90 3.28 -7.32
CA TYR A 34 3.55 2.51 -6.19
C TYR A 34 4.51 1.37 -6.20
N VAL A 35 5.27 1.23 -5.12
CA VAL A 35 6.31 0.24 -5.07
C VAL A 35 5.72 -1.17 -5.12
N LEU A 36 6.48 -2.06 -5.70
CA LEU A 36 6.07 -3.42 -5.98
C LEU A 36 6.01 -4.31 -4.75
N THR A 37 6.40 -3.82 -3.61
CA THR A 37 6.40 -4.65 -2.46
C THR A 37 5.04 -4.55 -1.75
N SER A 38 4.66 -5.62 -1.13
CA SER A 38 3.40 -5.72 -0.47
C SER A 38 3.59 -6.24 0.95
N HIS A 39 4.78 -6.02 1.51
CA HIS A 39 5.10 -6.47 2.86
C HIS A 39 4.27 -5.76 3.92
N VAL A 40 3.55 -6.56 4.68
CA VAL A 40 2.64 -6.06 5.68
C VAL A 40 3.31 -5.84 7.00
N SER A 41 2.76 -4.94 7.73
CA SER A 41 3.15 -4.66 9.05
C SER A 41 2.04 -5.20 9.96
N LYS A 42 2.39 -6.09 10.87
CA LYS A 42 1.42 -6.70 11.78
C LYS A 42 1.02 -5.75 12.91
N ASN A 43 1.33 -4.50 12.75
CA ASN A 43 1.08 -3.50 13.74
C ASN A 43 0.37 -2.37 13.08
N ARG A 44 -0.59 -1.80 13.74
CA ARG A 44 -1.34 -0.70 13.19
C ARG A 44 -0.62 0.60 13.48
N PRO A 45 -0.29 1.36 12.43
CA PRO A 45 0.41 2.63 12.57
C PRO A 45 -0.48 3.68 13.19
N LYS A 46 0.06 4.46 14.07
CA LYS A 46 -0.69 5.51 14.70
C LYS A 46 -0.64 6.75 13.84
N ASN A 47 0.52 7.38 13.77
CA ASN A 47 0.68 8.58 13.01
C ASN A 47 1.47 8.31 11.77
N ALA A 48 0.76 7.96 10.76
CA ALA A 48 1.28 7.68 9.46
C ALA A 48 0.14 7.85 8.52
N ILE A 49 0.40 8.12 7.30
CA ILE A 49 -0.66 8.32 6.37
C ILE A 49 -1.14 6.99 5.85
N VAL A 50 -2.38 6.72 6.07
CA VAL A 50 -2.98 5.52 5.61
C VAL A 50 -3.85 5.83 4.41
N ILE A 51 -3.63 5.15 3.33
CA ILE A 51 -4.41 5.32 2.14
C ILE A 51 -5.22 4.05 1.99
N LYS A 52 -6.51 4.18 1.85
CA LYS A 52 -7.36 2.99 1.81
C LYS A 52 -7.34 2.39 0.42
N MET A 53 -7.63 1.06 0.33
CA MET A 53 -7.64 0.30 -0.96
C MET A 53 -8.42 1.02 -2.06
N ASP A 54 -9.46 1.71 -1.65
CA ASP A 54 -10.36 2.46 -2.53
C ASP A 54 -9.61 3.42 -3.47
N ASN A 55 -8.49 3.95 -3.02
CA ASN A 55 -7.73 4.93 -3.79
C ASN A 55 -6.65 4.28 -4.67
N LEU A 56 -6.41 3.01 -4.47
CA LEU A 56 -5.33 2.34 -5.19
C LEU A 56 -5.84 1.66 -6.46
N PRO A 57 -5.05 1.72 -7.55
CA PRO A 57 -5.38 1.06 -8.81
C PRO A 57 -5.51 -0.46 -8.65
N ILE A 58 -6.22 -1.10 -9.56
CA ILE A 58 -6.48 -2.54 -9.48
C ILE A 58 -5.21 -3.39 -9.47
N GLU A 59 -4.18 -2.96 -10.17
CA GLU A 59 -2.94 -3.71 -10.22
C GLU A 59 -2.22 -3.68 -8.86
N VAL A 60 -2.39 -2.59 -8.12
CA VAL A 60 -1.80 -2.46 -6.81
C VAL A 60 -2.59 -3.34 -5.84
N LYS A 61 -3.90 -3.23 -5.91
CA LYS A 61 -4.78 -4.01 -5.05
C LYS A 61 -4.62 -5.51 -5.32
N ASP A 62 -4.38 -5.85 -6.57
CA ASP A 62 -4.17 -7.23 -6.97
C ASP A 62 -2.93 -7.80 -6.31
N LYS A 63 -1.82 -7.03 -6.32
CA LYS A 63 -0.60 -7.45 -5.64
C LYS A 63 -0.81 -7.60 -4.14
N LEU A 64 -1.57 -6.67 -3.56
CA LEU A 64 -1.94 -6.74 -2.15
C LEU A 64 -2.68 -8.05 -1.88
N THR A 65 -3.60 -8.35 -2.77
CA THR A 65 -4.37 -9.55 -2.67
C THR A 65 -3.46 -10.78 -2.79
N ARG A 66 -2.58 -10.78 -3.77
CA ARG A 66 -1.68 -11.90 -4.02
C ARG A 66 -0.73 -12.19 -2.85
N PHE A 67 -0.41 -11.17 -2.07
CA PHE A 67 0.53 -11.36 -0.97
C PHE A 67 -0.15 -11.93 0.28
N PHE A 68 -1.14 -11.23 0.80
CA PHE A 68 -1.68 -11.60 2.11
C PHE A 68 -3.13 -12.05 2.11
N LEU A 69 -3.81 -11.97 0.99
CA LEU A 69 -5.22 -12.28 1.01
C LEU A 69 -5.53 -13.52 0.16
N LEU A 70 -5.42 -13.36 -1.16
CA LEU A 70 -5.72 -14.34 -2.20
C LEU A 70 -7.15 -14.79 -2.14
N GLU A 71 -7.38 -15.60 -1.20
CA GLU A 71 -8.61 -16.29 -0.94
C GLU A 71 -8.50 -16.78 0.49
N HIS A 72 -7.47 -17.56 0.71
CA HIS A 72 -7.16 -18.16 1.99
C HIS A 72 -5.89 -17.52 2.52
N HIS A 73 -5.89 -17.14 3.77
CA HIS A 73 -4.72 -16.54 4.37
C HIS A 73 -4.25 -17.39 5.53
N HIS A 74 -3.03 -17.24 5.94
CA HIS A 74 -2.52 -18.00 7.06
C HIS A 74 -2.58 -17.16 8.34
N HIS A 75 -2.69 -17.83 9.46
CA HIS A 75 -2.91 -17.19 10.75
C HIS A 75 -1.70 -16.40 11.27
N HIS A 76 -2.01 -15.20 11.73
CA HIS A 76 -1.14 -14.25 12.44
C HIS A 76 -1.97 -13.00 12.61
N HIS A 77 -1.41 -11.96 13.15
CA HIS A 77 -2.12 -10.70 13.20
C HIS A 77 -1.86 -10.02 11.88
N MET A 1 16.61 3.62 -11.75
CA MET A 1 15.39 2.79 -11.77
C MET A 1 14.31 3.36 -10.86
N LEU A 2 14.64 3.52 -9.60
CA LEU A 2 13.68 3.97 -8.61
C LEU A 2 14.00 5.40 -8.19
N LYS A 3 12.98 6.25 -8.18
CA LYS A 3 13.15 7.65 -7.81
C LYS A 3 12.16 8.08 -6.75
N HIS A 4 12.67 8.80 -5.74
CA HIS A 4 11.90 9.58 -4.74
C HIS A 4 10.64 8.88 -4.17
N GLY A 5 10.78 8.20 -3.04
CA GLY A 5 9.64 7.51 -2.48
C GLY A 5 9.38 7.81 -1.01
N LYS A 6 8.11 7.90 -0.65
CA LYS A 6 7.67 8.10 0.76
C LYS A 6 7.05 6.81 1.27
N TYR A 7 7.10 6.58 2.56
CA TYR A 7 6.46 5.41 3.16
C TYR A 7 5.18 5.77 3.88
N VAL A 8 4.09 5.22 3.40
CA VAL A 8 2.80 5.40 4.02
C VAL A 8 2.17 4.03 4.18
N TYR A 9 0.96 3.98 4.68
CA TYR A 9 0.30 2.72 4.88
C TYR A 9 -1.02 2.71 4.18
N ILE A 10 -1.42 1.57 3.70
CA ILE A 10 -2.72 1.43 3.09
C ILE A 10 -3.65 0.79 4.10
N ASP A 11 -4.83 1.37 4.24
CA ASP A 11 -5.83 0.89 5.19
C ASP A 11 -6.44 -0.39 4.72
N LEU A 12 -5.87 -1.47 5.19
CA LEU A 12 -6.37 -2.80 4.91
C LEU A 12 -7.54 -3.06 5.83
N ASN A 13 -7.58 -2.25 6.89
CA ASN A 13 -8.69 -2.12 7.85
C ASN A 13 -8.89 -3.34 8.78
N ASN A 14 -8.42 -4.50 8.35
CA ASN A 14 -8.60 -5.76 9.08
C ASN A 14 -7.58 -5.95 10.20
N GLY A 15 -6.95 -4.88 10.61
CA GLY A 15 -6.03 -4.96 11.73
C GLY A 15 -4.59 -4.95 11.32
N LYS A 16 -4.35 -5.05 10.06
CA LYS A 16 -3.00 -5.00 9.56
C LYS A 16 -2.92 -3.93 8.51
N TYR A 17 -1.76 -3.42 8.28
CA TYR A 17 -1.55 -2.38 7.32
C TYR A 17 -0.36 -2.73 6.47
N VAL A 18 -0.39 -2.31 5.23
CA VAL A 18 0.70 -2.57 4.34
C VAL A 18 1.55 -1.33 4.23
N LYS A 19 2.82 -1.53 4.35
CA LYS A 19 3.78 -0.47 4.31
C LYS A 19 4.19 -0.29 2.87
N VAL A 20 3.74 0.78 2.28
CA VAL A 20 3.96 1.00 0.90
C VAL A 20 4.79 2.25 0.65
N ARG A 21 5.74 2.11 -0.21
CA ARG A 21 6.55 3.21 -0.62
C ARG A 21 5.98 3.79 -1.90
N ILE A 22 5.56 5.02 -1.81
CA ILE A 22 4.98 5.74 -2.92
C ILE A 22 6.11 6.41 -3.66
N LEU A 23 6.40 5.89 -4.81
CA LEU A 23 7.47 6.40 -5.63
C LEU A 23 6.92 7.50 -6.48
N LYS A 24 7.31 8.70 -6.22
CA LYS A 24 6.82 9.79 -6.99
C LYS A 24 7.95 10.31 -7.83
N SER A 25 7.89 10.01 -9.07
CA SER A 25 8.93 10.34 -10.00
C SER A 25 8.50 11.53 -10.85
N ARG A 26 9.19 12.64 -10.70
CA ARG A 26 8.92 13.84 -11.49
C ARG A 26 9.61 13.74 -12.83
N ASP A 27 10.40 12.67 -12.98
CA ASP A 27 11.17 12.37 -14.20
C ASP A 27 10.29 12.41 -15.42
N ASP A 28 9.10 11.88 -15.30
CA ASP A 28 8.14 11.97 -16.37
C ASP A 28 7.40 13.28 -16.18
N ASN A 29 6.73 13.39 -15.05
CA ASN A 29 6.04 14.59 -14.63
C ASN A 29 5.63 14.43 -13.19
N SER A 30 4.78 13.49 -12.93
CA SER A 30 4.34 13.15 -11.60
C SER A 30 3.77 11.74 -11.59
N VAL A 31 4.64 10.77 -11.62
CA VAL A 31 4.24 9.40 -11.61
C VAL A 31 4.23 8.91 -10.20
N GLU A 32 3.07 8.60 -9.69
CA GLU A 32 2.98 8.05 -8.37
C GLU A 32 2.89 6.57 -8.52
N LYS A 33 4.00 5.96 -8.43
CA LYS A 33 4.09 4.58 -8.64
C LYS A 33 4.13 3.91 -7.30
N TYR A 34 3.18 3.07 -7.08
CA TYR A 34 3.14 2.35 -5.86
C TYR A 34 4.10 1.19 -5.99
N VAL A 35 4.91 0.98 -4.98
CA VAL A 35 6.03 0.05 -5.06
C VAL A 35 5.56 -1.41 -5.25
N LEU A 36 6.47 -2.24 -5.72
CA LEU A 36 6.20 -3.62 -6.04
C LEU A 36 6.12 -4.49 -4.80
N THR A 37 6.56 -3.98 -3.67
CA THR A 37 6.53 -4.76 -2.47
C THR A 37 5.21 -4.54 -1.73
N SER A 38 4.79 -5.55 -1.03
CA SER A 38 3.54 -5.52 -0.33
C SER A 38 3.69 -5.96 1.14
N HIS A 39 4.88 -5.77 1.73
CA HIS A 39 5.11 -6.15 3.14
C HIS A 39 4.15 -5.48 4.10
N VAL A 40 3.60 -6.26 4.98
CA VAL A 40 2.62 -5.79 5.91
C VAL A 40 3.11 -5.76 7.32
N SER A 41 2.49 -4.92 8.08
CA SER A 41 2.71 -4.80 9.45
C SER A 41 1.39 -5.12 10.14
N LYS A 42 1.43 -6.03 11.08
CA LYS A 42 0.22 -6.49 11.78
C LYS A 42 -0.07 -5.65 13.00
N ASN A 43 0.56 -4.53 13.05
CA ASN A 43 0.39 -3.57 14.08
C ASN A 43 0.00 -2.28 13.42
N ARG A 44 -1.00 -1.65 13.95
CA ARG A 44 -1.54 -0.46 13.34
C ARG A 44 -0.66 0.76 13.61
N PRO A 45 -0.51 1.65 12.61
CA PRO A 45 0.32 2.84 12.75
C PRO A 45 -0.24 3.85 13.76
N LYS A 46 0.66 4.57 14.36
CA LYS A 46 0.30 5.62 15.30
C LYS A 46 0.15 6.91 14.52
N ASN A 47 1.24 7.35 13.95
CA ASN A 47 1.30 8.56 13.15
C ASN A 47 1.86 8.22 11.79
N ALA A 48 1.00 8.08 10.83
CA ALA A 48 1.33 7.80 9.47
C ALA A 48 0.10 8.04 8.64
N ILE A 49 0.27 8.38 7.41
CA ILE A 49 -0.86 8.60 6.55
C ILE A 49 -1.34 7.28 5.99
N VAL A 50 -2.58 6.97 6.26
CA VAL A 50 -3.17 5.75 5.78
C VAL A 50 -4.13 6.05 4.62
N ILE A 51 -3.91 5.39 3.52
CA ILE A 51 -4.74 5.57 2.34
C ILE A 51 -5.65 4.37 2.21
N LYS A 52 -6.92 4.61 1.98
CA LYS A 52 -7.89 3.53 1.90
C LYS A 52 -7.77 2.81 0.55
N MET A 53 -7.89 1.45 0.56
CA MET A 53 -7.70 0.59 -0.64
C MET A 53 -8.58 1.00 -1.81
N ASP A 54 -9.71 1.56 -1.49
CA ASP A 54 -10.69 2.05 -2.48
C ASP A 54 -10.08 3.10 -3.44
N ASN A 55 -9.07 3.82 -2.95
CA ASN A 55 -8.41 4.89 -3.72
C ASN A 55 -7.20 4.34 -4.48
N LEU A 56 -6.91 3.08 -4.28
CA LEU A 56 -5.77 2.45 -4.91
C LEU A 56 -6.16 1.83 -6.24
N PRO A 57 -5.28 1.94 -7.25
CA PRO A 57 -5.51 1.33 -8.55
C PRO A 57 -5.48 -0.19 -8.45
N ILE A 58 -5.99 -0.85 -9.46
CA ILE A 58 -6.08 -2.29 -9.47
C ILE A 58 -4.73 -2.99 -9.43
N GLU A 59 -3.71 -2.34 -10.01
CA GLU A 59 -2.35 -2.80 -9.99
C GLU A 59 -1.93 -3.12 -8.56
N VAL A 60 -2.17 -2.15 -7.70
CA VAL A 60 -1.73 -2.19 -6.33
C VAL A 60 -2.49 -3.22 -5.56
N LYS A 61 -3.81 -3.13 -5.62
CA LYS A 61 -4.66 -4.05 -4.89
C LYS A 61 -4.43 -5.49 -5.30
N ASP A 62 -4.17 -5.71 -6.58
CA ASP A 62 -3.88 -7.05 -7.06
C ASP A 62 -2.56 -7.55 -6.48
N LYS A 63 -1.53 -6.69 -6.44
CA LYS A 63 -0.23 -7.04 -5.84
C LYS A 63 -0.41 -7.34 -4.35
N LEU A 64 -1.20 -6.50 -3.67
CA LEU A 64 -1.50 -6.67 -2.25
C LEU A 64 -2.19 -8.02 -2.03
N THR A 65 -3.09 -8.34 -2.93
CA THR A 65 -3.81 -9.56 -2.90
C THR A 65 -2.87 -10.76 -3.02
N ARG A 66 -2.00 -10.72 -4.01
CA ARG A 66 -1.10 -11.83 -4.29
C ARG A 66 -0.06 -12.06 -3.19
N PHE A 67 0.18 -11.05 -2.38
CA PHE A 67 1.15 -11.22 -1.31
C PHE A 67 0.47 -11.68 -0.02
N PHE A 68 -0.44 -10.89 0.48
CA PHE A 68 -1.01 -11.16 1.80
C PHE A 68 -2.53 -11.38 1.83
N LEU A 69 -3.28 -10.61 1.06
CA LEU A 69 -4.72 -10.57 1.24
C LEU A 69 -5.39 -11.81 0.67
N LEU A 70 -5.04 -12.13 -0.58
CA LEU A 70 -5.55 -13.28 -1.34
C LEU A 70 -6.97 -13.70 -1.02
N GLU A 71 -7.86 -12.78 -1.20
CA GLU A 71 -9.23 -12.98 -0.85
C GLU A 71 -10.05 -13.64 -1.91
N HIS A 72 -11.17 -14.15 -1.46
CA HIS A 72 -12.11 -14.89 -2.27
C HIS A 72 -12.80 -13.95 -3.22
N HIS A 73 -12.83 -12.68 -2.84
CA HIS A 73 -13.40 -11.62 -3.66
C HIS A 73 -12.52 -11.41 -4.90
N HIS A 74 -11.27 -11.78 -4.80
CA HIS A 74 -10.34 -11.63 -5.92
C HIS A 74 -10.38 -12.89 -6.78
N HIS A 75 -10.21 -14.05 -6.17
CA HIS A 75 -10.18 -15.31 -6.92
C HIS A 75 -11.61 -15.78 -7.27
N HIS A 76 -12.56 -14.89 -7.11
CA HIS A 76 -13.96 -15.12 -7.47
C HIS A 76 -14.06 -15.21 -9.00
N HIS A 77 -13.08 -14.65 -9.66
CA HIS A 77 -12.98 -14.68 -11.10
C HIS A 77 -11.51 -14.83 -11.48
N MET A 1 17.63 4.95 1.90
CA MET A 1 16.78 6.14 1.80
C MET A 1 16.77 6.58 0.35
N LEU A 2 15.79 7.36 0.01
CA LEU A 2 15.69 7.92 -1.32
C LEU A 2 14.97 9.23 -1.18
N LYS A 3 15.07 10.07 -2.17
CA LYS A 3 14.40 11.36 -2.13
C LYS A 3 13.23 11.33 -3.11
N HIS A 4 12.80 10.15 -3.45
CA HIS A 4 11.80 9.99 -4.49
C HIS A 4 10.61 9.16 -4.01
N GLY A 5 10.59 8.80 -2.74
CA GLY A 5 9.56 7.93 -2.25
C GLY A 5 9.35 7.97 -0.77
N LYS A 6 8.11 8.10 -0.38
CA LYS A 6 7.73 8.13 1.03
C LYS A 6 7.09 6.80 1.37
N TYR A 7 7.07 6.45 2.61
CA TYR A 7 6.46 5.20 3.02
C TYR A 7 5.21 5.45 3.82
N VAL A 8 4.10 5.01 3.30
CA VAL A 8 2.83 5.21 3.95
C VAL A 8 2.21 3.86 4.24
N TYR A 9 1.09 3.86 4.87
CA TYR A 9 0.42 2.63 5.20
C TYR A 9 -0.95 2.63 4.59
N ILE A 10 -1.30 1.55 3.98
CA ILE A 10 -2.60 1.45 3.37
C ILE A 10 -3.58 0.87 4.37
N ASP A 11 -4.69 1.55 4.50
CA ASP A 11 -5.73 1.17 5.42
C ASP A 11 -6.46 -0.04 4.91
N LEU A 12 -5.99 -1.18 5.37
CA LEU A 12 -6.63 -2.45 5.10
C LEU A 12 -7.84 -2.55 6.02
N ASN A 13 -7.63 -1.98 7.21
CA ASN A 13 -8.64 -1.84 8.28
C ASN A 13 -9.01 -3.18 8.92
N ASN A 14 -8.31 -4.24 8.52
CA ASN A 14 -8.58 -5.59 9.05
C ASN A 14 -7.65 -5.97 10.20
N GLY A 15 -7.07 -4.96 10.83
CA GLY A 15 -6.21 -5.19 12.00
C GLY A 15 -4.74 -5.06 11.68
N LYS A 16 -4.42 -5.07 10.42
CA LYS A 16 -3.06 -4.90 9.97
C LYS A 16 -3.05 -3.95 8.81
N TYR A 17 -1.91 -3.38 8.53
CA TYR A 17 -1.74 -2.40 7.49
C TYR A 17 -0.59 -2.78 6.60
N VAL A 18 -0.62 -2.35 5.38
CA VAL A 18 0.45 -2.63 4.47
C VAL A 18 1.27 -1.36 4.26
N LYS A 19 2.56 -1.51 4.30
CA LYS A 19 3.46 -0.41 4.15
C LYS A 19 3.93 -0.36 2.72
N VAL A 20 3.65 0.72 2.06
CA VAL A 20 3.96 0.86 0.68
C VAL A 20 4.73 2.16 0.44
N ARG A 21 5.67 2.10 -0.46
CA ARG A 21 6.44 3.25 -0.82
C ARG A 21 5.77 3.93 -2.00
N ILE A 22 5.45 5.16 -1.80
CA ILE A 22 4.83 5.97 -2.79
C ILE A 22 5.91 6.75 -3.49
N LEU A 23 6.16 6.42 -4.72
CA LEU A 23 7.15 7.14 -5.46
C LEU A 23 6.50 8.32 -6.11
N LYS A 24 6.82 9.49 -5.64
CA LYS A 24 6.28 10.67 -6.23
C LYS A 24 7.12 11.00 -7.41
N SER A 25 6.58 10.76 -8.55
CA SER A 25 7.30 10.94 -9.73
C SER A 25 6.96 12.28 -10.37
N ARG A 26 7.64 13.32 -9.91
CA ARG A 26 7.50 14.67 -10.44
C ARG A 26 8.27 14.74 -11.73
N ASP A 27 9.27 13.89 -11.80
CA ASP A 27 10.11 13.74 -12.95
C ASP A 27 9.32 13.07 -14.08
N ASP A 28 8.32 12.30 -13.69
CA ASP A 28 7.38 11.69 -14.63
C ASP A 28 6.38 12.76 -15.00
N ASN A 29 5.71 13.28 -13.98
CA ASN A 29 4.74 14.36 -14.09
C ASN A 29 4.36 14.77 -12.68
N SER A 30 3.60 13.91 -12.03
CA SER A 30 3.22 14.09 -10.64
C SER A 30 2.50 12.81 -10.21
N VAL A 31 2.88 11.73 -10.85
CA VAL A 31 2.19 10.47 -10.65
C VAL A 31 2.81 9.72 -9.50
N GLU A 32 1.97 9.13 -8.68
CA GLU A 32 2.42 8.31 -7.61
C GLU A 32 2.63 6.91 -8.14
N LYS A 33 3.86 6.53 -8.30
CA LYS A 33 4.16 5.19 -8.73
C LYS A 33 4.28 4.34 -7.50
N TYR A 34 3.72 3.17 -7.53
CA TYR A 34 3.68 2.36 -6.35
C TYR A 34 4.70 1.26 -6.43
N VAL A 35 5.36 1.02 -5.31
CA VAL A 35 6.40 -0.01 -5.22
C VAL A 35 5.78 -1.42 -5.37
N LEU A 36 6.61 -2.37 -5.76
CA LEU A 36 6.22 -3.77 -5.96
C LEU A 36 6.03 -4.49 -4.62
N THR A 37 6.30 -3.79 -3.54
CA THR A 37 6.27 -4.37 -2.24
C THR A 37 4.86 -4.27 -1.63
N SER A 38 4.52 -5.28 -0.85
CA SER A 38 3.25 -5.39 -0.17
C SER A 38 3.48 -5.76 1.32
N HIS A 39 4.65 -5.39 1.85
CA HIS A 39 5.02 -5.72 3.24
C HIS A 39 4.02 -5.19 4.26
N VAL A 40 3.51 -6.07 5.07
CA VAL A 40 2.52 -5.74 6.06
C VAL A 40 3.13 -5.48 7.44
N SER A 41 2.42 -4.72 8.23
CA SER A 41 2.79 -4.39 9.55
C SER A 41 1.55 -4.49 10.44
N LYS A 42 1.75 -4.73 11.71
CA LYS A 42 0.65 -4.85 12.68
C LYS A 42 0.37 -3.48 13.29
N ASN A 43 1.09 -2.51 12.83
CA ASN A 43 1.01 -1.17 13.34
C ASN A 43 -0.04 -0.40 12.63
N ARG A 44 -0.91 0.21 13.40
CA ARG A 44 -1.90 1.09 12.86
C ARG A 44 -1.44 2.50 13.20
N PRO A 45 -0.78 3.18 12.27
CA PRO A 45 -0.17 4.47 12.53
C PRO A 45 -1.13 5.65 12.45
N LYS A 46 -1.01 6.55 13.38
CA LYS A 46 -1.84 7.73 13.42
C LYS A 46 -1.07 8.93 12.89
N ASN A 47 0.23 8.86 12.95
CA ASN A 47 1.06 9.98 12.53
C ASN A 47 1.46 9.81 11.09
N ALA A 48 1.48 8.58 10.63
CA ALA A 48 1.80 8.30 9.26
C ALA A 48 0.56 8.41 8.42
N ILE A 49 0.74 8.52 7.14
CA ILE A 49 -0.39 8.69 6.24
C ILE A 49 -0.99 7.34 5.91
N VAL A 50 -2.26 7.21 6.12
CA VAL A 50 -2.96 6.03 5.76
C VAL A 50 -3.90 6.31 4.62
N ILE A 51 -3.87 5.47 3.63
CA ILE A 51 -4.73 5.60 2.47
C ILE A 51 -5.50 4.31 2.33
N LYS A 52 -6.79 4.35 2.15
CA LYS A 52 -7.56 3.14 2.05
C LYS A 52 -7.37 2.49 0.67
N MET A 53 -7.43 1.15 0.64
CA MET A 53 -7.19 0.30 -0.57
C MET A 53 -7.97 0.78 -1.79
N ASP A 54 -9.11 1.37 -1.54
CA ASP A 54 -10.03 1.82 -2.58
C ASP A 54 -9.43 2.92 -3.47
N ASN A 55 -8.43 3.61 -2.98
CA ASN A 55 -7.78 4.70 -3.72
C ASN A 55 -6.63 4.15 -4.57
N LEU A 56 -6.26 2.92 -4.33
CA LEU A 56 -5.16 2.30 -5.04
C LEU A 56 -5.66 1.64 -6.31
N PRO A 57 -4.91 1.80 -7.42
CA PRO A 57 -5.26 1.18 -8.71
C PRO A 57 -5.37 -0.35 -8.60
N ILE A 58 -6.11 -0.95 -9.53
CA ILE A 58 -6.36 -2.39 -9.51
C ILE A 58 -5.09 -3.23 -9.56
N GLU A 59 -4.06 -2.71 -10.25
CA GLU A 59 -2.76 -3.38 -10.35
C GLU A 59 -2.11 -3.50 -8.97
N VAL A 60 -2.29 -2.48 -8.16
CA VAL A 60 -1.70 -2.44 -6.83
C VAL A 60 -2.45 -3.37 -5.91
N LYS A 61 -3.78 -3.26 -5.97
CA LYS A 61 -4.66 -4.09 -5.15
C LYS A 61 -4.46 -5.56 -5.47
N ASP A 62 -4.21 -5.81 -6.74
CA ASP A 62 -3.90 -7.15 -7.25
C ASP A 62 -2.68 -7.72 -6.53
N LYS A 63 -1.62 -6.96 -6.52
CA LYS A 63 -0.38 -7.36 -5.89
C LYS A 63 -0.54 -7.52 -4.38
N LEU A 64 -1.35 -6.65 -3.78
CA LEU A 64 -1.67 -6.74 -2.35
C LEU A 64 -2.41 -8.05 -2.08
N THR A 65 -3.32 -8.39 -2.97
CA THR A 65 -4.09 -9.60 -2.89
C THR A 65 -3.17 -10.82 -3.01
N ARG A 66 -2.27 -10.78 -3.98
CA ARG A 66 -1.36 -11.89 -4.24
C ARG A 66 -0.44 -12.16 -3.04
N PHE A 67 -0.06 -11.12 -2.32
CA PHE A 67 0.86 -11.30 -1.22
C PHE A 67 0.12 -11.71 0.05
N PHE A 68 -0.79 -10.87 0.52
CA PHE A 68 -1.42 -11.11 1.80
C PHE A 68 -2.95 -11.25 1.75
N LEU A 69 -3.60 -10.47 0.89
CA LEU A 69 -5.06 -10.37 0.94
C LEU A 69 -5.74 -11.45 0.07
N LEU A 70 -5.03 -12.55 -0.09
CA LEU A 70 -5.53 -13.71 -0.79
C LEU A 70 -6.47 -14.50 0.12
N GLU A 71 -6.47 -14.12 1.38
CA GLU A 71 -7.35 -14.69 2.34
C GLU A 71 -8.69 -14.03 2.15
N HIS A 72 -9.54 -14.70 1.45
CA HIS A 72 -10.86 -14.26 1.15
C HIS A 72 -11.67 -15.50 0.89
N HIS A 73 -12.87 -15.54 1.38
CA HIS A 73 -13.71 -16.71 1.18
C HIS A 73 -14.24 -16.78 -0.25
N HIS A 74 -13.44 -17.41 -1.10
CA HIS A 74 -13.75 -17.64 -2.51
C HIS A 74 -13.70 -16.35 -3.34
N HIS A 75 -14.02 -16.47 -4.61
CA HIS A 75 -13.93 -15.35 -5.54
C HIS A 75 -14.89 -14.21 -5.18
N HIS A 76 -16.14 -14.52 -4.90
CA HIS A 76 -17.07 -13.47 -4.51
C HIS A 76 -18.02 -13.89 -3.41
N HIS A 77 -18.00 -13.11 -2.34
CA HIS A 77 -18.89 -13.25 -1.18
C HIS A 77 -18.88 -11.95 -0.46
N MET A 1 17.39 6.53 -0.89
CA MET A 1 16.23 6.65 -1.78
C MET A 1 15.81 8.11 -1.97
N LEU A 2 16.27 9.01 -1.06
CA LEU A 2 15.91 10.44 -1.07
C LEU A 2 14.40 10.65 -0.81
N LYS A 3 14.00 11.91 -0.70
CA LYS A 3 12.59 12.27 -0.50
C LYS A 3 11.82 12.25 -1.83
N HIS A 4 12.05 11.22 -2.59
CA HIS A 4 11.36 11.01 -3.84
C HIS A 4 10.48 9.76 -3.68
N GLY A 5 10.60 9.16 -2.50
CA GLY A 5 9.86 8.01 -2.13
C GLY A 5 9.61 8.05 -0.64
N LYS A 6 8.37 7.92 -0.26
CA LYS A 6 7.99 7.98 1.15
C LYS A 6 7.16 6.77 1.53
N TYR A 7 7.22 6.37 2.76
CA TYR A 7 6.47 5.23 3.22
C TYR A 7 5.22 5.64 3.94
N VAL A 8 4.12 5.12 3.48
CA VAL A 8 2.84 5.31 4.12
C VAL A 8 2.20 3.94 4.31
N TYR A 9 1.00 3.91 4.80
CA TYR A 9 0.35 2.66 5.04
C TYR A 9 -0.95 2.58 4.28
N ILE A 10 -1.24 1.44 3.75
CA ILE A 10 -2.51 1.24 3.09
C ILE A 10 -3.51 0.75 4.12
N ASP A 11 -4.62 1.43 4.22
CA ASP A 11 -5.66 1.12 5.18
C ASP A 11 -6.45 -0.08 4.74
N LEU A 12 -5.94 -1.22 5.12
CA LEU A 12 -6.61 -2.48 4.91
C LEU A 12 -7.74 -2.55 5.91
N ASN A 13 -7.45 -1.95 7.07
CA ASN A 13 -8.38 -1.74 8.19
C ASN A 13 -8.72 -3.04 8.94
N ASN A 14 -8.22 -4.14 8.43
CA ASN A 14 -8.49 -5.48 8.98
C ASN A 14 -7.49 -5.87 10.08
N GLY A 15 -6.84 -4.89 10.66
CA GLY A 15 -5.94 -5.14 11.77
C GLY A 15 -4.48 -5.13 11.39
N LYS A 16 -4.22 -5.19 10.11
CA LYS A 16 -2.86 -5.14 9.60
C LYS A 16 -2.81 -4.09 8.51
N TYR A 17 -1.63 -3.53 8.30
CA TYR A 17 -1.44 -2.46 7.33
C TYR A 17 -0.21 -2.73 6.53
N VAL A 18 -0.22 -2.36 5.28
CA VAL A 18 0.95 -2.56 4.45
C VAL A 18 1.72 -1.27 4.29
N LYS A 19 3.02 -1.36 4.53
CA LYS A 19 3.91 -0.23 4.46
C LYS A 19 4.45 -0.16 3.05
N VAL A 20 3.99 0.80 2.32
CA VAL A 20 4.30 0.93 0.93
C VAL A 20 5.02 2.25 0.66
N ARG A 21 5.95 2.21 -0.26
CA ARG A 21 6.69 3.38 -0.64
C ARG A 21 6.02 4.02 -1.84
N ILE A 22 5.59 5.21 -1.65
CA ILE A 22 4.94 5.99 -2.67
C ILE A 22 6.01 6.65 -3.48
N LEU A 23 6.05 6.38 -4.75
CA LEU A 23 6.99 7.00 -5.59
C LEU A 23 6.32 8.24 -6.12
N LYS A 24 6.74 9.36 -5.67
CA LYS A 24 6.10 10.58 -6.03
C LYS A 24 7.05 11.38 -6.87
N SER A 25 6.77 11.44 -8.14
CA SER A 25 7.63 12.11 -9.05
C SER A 25 6.90 13.28 -9.72
N ARG A 26 6.68 14.31 -8.94
CA ARG A 26 6.11 15.52 -9.45
C ARG A 26 7.22 16.40 -9.99
N ASP A 27 8.44 15.95 -9.76
CA ASP A 27 9.64 16.55 -10.31
C ASP A 27 9.66 16.27 -11.80
N ASP A 28 9.18 15.10 -12.18
CA ASP A 28 9.01 14.75 -13.57
C ASP A 28 7.83 15.50 -14.10
N ASN A 29 6.68 15.31 -13.45
CA ASN A 29 5.47 16.05 -13.76
C ASN A 29 4.39 15.71 -12.74
N SER A 30 3.87 14.51 -12.82
CA SER A 30 2.78 14.13 -11.95
C SER A 30 2.72 12.63 -11.72
N VAL A 31 3.84 12.00 -11.88
CA VAL A 31 3.90 10.54 -11.80
C VAL A 31 3.89 10.09 -10.36
N GLU A 32 2.83 9.45 -9.95
CA GLU A 32 2.75 8.85 -8.64
C GLU A 32 2.42 7.41 -8.77
N LYS A 33 3.43 6.61 -8.65
CA LYS A 33 3.30 5.20 -8.77
C LYS A 33 3.63 4.58 -7.45
N TYR A 34 3.24 3.37 -7.28
CA TYR A 34 3.40 2.74 -6.02
C TYR A 34 4.38 1.60 -6.18
N VAL A 35 5.16 1.37 -5.14
CA VAL A 35 6.20 0.37 -5.18
C VAL A 35 5.60 -1.05 -5.28
N LEU A 36 6.43 -1.96 -5.76
CA LEU A 36 6.10 -3.34 -6.02
C LEU A 36 6.07 -4.18 -4.70
N THR A 37 6.35 -3.53 -3.58
CA THR A 37 6.52 -4.16 -2.31
C THR A 37 5.16 -4.29 -1.56
N SER A 38 5.05 -5.36 -0.77
CA SER A 38 3.84 -5.70 -0.05
C SER A 38 4.11 -5.96 1.46
N HIS A 39 5.17 -5.35 2.00
CA HIS A 39 5.55 -5.54 3.43
C HIS A 39 4.45 -5.09 4.39
N VAL A 40 3.82 -6.03 5.03
CA VAL A 40 2.78 -5.73 5.98
C VAL A 40 3.30 -5.62 7.38
N SER A 41 2.64 -4.83 8.15
CA SER A 41 2.93 -4.65 9.51
C SER A 41 1.74 -5.14 10.30
N LYS A 42 1.98 -5.75 11.41
CA LYS A 42 0.93 -6.25 12.28
C LYS A 42 0.60 -5.19 13.33
N ASN A 43 1.08 -4.00 13.08
CA ASN A 43 0.92 -2.89 13.98
C ASN A 43 0.16 -1.82 13.24
N ARG A 44 -0.69 -1.11 13.93
CA ARG A 44 -1.39 -0.02 13.29
C ARG A 44 -0.65 1.27 13.56
N PRO A 45 -0.51 2.13 12.55
CA PRO A 45 0.08 3.43 12.73
C PRO A 45 -0.94 4.40 13.34
N LYS A 46 -0.47 5.35 14.08
CA LYS A 46 -1.36 6.31 14.66
C LYS A 46 -1.38 7.57 13.83
N ASN A 47 -0.24 8.18 13.68
CA ASN A 47 -0.11 9.37 12.88
C ASN A 47 0.75 9.05 11.68
N ALA A 48 0.09 8.68 10.63
CA ALA A 48 0.69 8.39 9.38
C ALA A 48 -0.41 8.47 8.38
N ILE A 49 -0.09 8.64 7.14
CA ILE A 49 -1.11 8.70 6.14
C ILE A 49 -1.49 7.30 5.73
N VAL A 50 -2.75 6.99 5.90
CA VAL A 50 -3.26 5.72 5.52
C VAL A 50 -4.16 5.87 4.30
N ILE A 51 -3.81 5.19 3.24
CA ILE A 51 -4.58 5.25 2.03
C ILE A 51 -5.37 3.97 1.91
N LYS A 52 -6.67 4.07 1.83
CA LYS A 52 -7.53 2.91 1.80
C LYS A 52 -7.58 2.34 0.38
N MET A 53 -7.87 1.01 0.27
CA MET A 53 -7.88 0.24 -1.01
C MET A 53 -8.59 0.98 -2.14
N ASP A 54 -9.63 1.69 -1.77
CA ASP A 54 -10.51 2.41 -2.70
C ASP A 54 -9.74 3.41 -3.59
N ASN A 55 -8.64 3.92 -3.09
CA ASN A 55 -7.85 4.92 -3.82
C ASN A 55 -6.73 4.26 -4.64
N LEU A 56 -6.49 2.98 -4.41
CA LEU A 56 -5.38 2.31 -5.08
C LEU A 56 -5.82 1.70 -6.41
N PRO A 57 -4.94 1.73 -7.43
CA PRO A 57 -5.20 1.12 -8.74
C PRO A 57 -5.34 -0.40 -8.63
N ILE A 58 -5.98 -1.00 -9.64
CA ILE A 58 -6.23 -2.44 -9.63
C ILE A 58 -4.95 -3.26 -9.58
N GLU A 59 -3.89 -2.81 -10.28
CA GLU A 59 -2.59 -3.47 -10.27
C GLU A 59 -2.03 -3.55 -8.86
N VAL A 60 -2.06 -2.45 -8.16
CA VAL A 60 -1.50 -2.37 -6.82
C VAL A 60 -2.28 -3.25 -5.86
N LYS A 61 -3.59 -3.09 -5.88
CA LYS A 61 -4.45 -3.87 -5.00
C LYS A 61 -4.32 -5.34 -5.27
N ASP A 62 -4.23 -5.69 -6.54
CA ASP A 62 -4.07 -7.06 -6.99
C ASP A 62 -2.83 -7.72 -6.40
N LYS A 63 -1.72 -6.99 -6.41
CA LYS A 63 -0.46 -7.53 -5.86
C LYS A 63 -0.58 -7.72 -4.36
N LEU A 64 -1.22 -6.75 -3.71
CA LEU A 64 -1.46 -6.79 -2.27
C LEU A 64 -2.34 -8.00 -1.95
N THR A 65 -3.33 -8.20 -2.80
CA THR A 65 -4.27 -9.29 -2.69
C THR A 65 -3.56 -10.65 -2.77
N ARG A 66 -2.65 -10.79 -3.73
CA ARG A 66 -1.94 -12.05 -3.95
C ARG A 66 -0.99 -12.39 -2.80
N PHE A 67 -0.42 -11.38 -2.15
CA PHE A 67 0.57 -11.65 -1.12
C PHE A 67 -0.02 -11.88 0.26
N PHE A 68 -0.73 -10.90 0.77
CA PHE A 68 -1.14 -10.97 2.17
C PHE A 68 -2.64 -11.01 2.39
N LEU A 69 -3.42 -10.70 1.38
CA LEU A 69 -4.85 -10.70 1.58
C LEU A 69 -5.34 -12.15 1.51
N LEU A 70 -4.84 -12.86 0.52
CA LEU A 70 -5.09 -14.26 0.39
C LEU A 70 -4.06 -15.02 1.16
N GLU A 71 -4.25 -14.99 2.44
CA GLU A 71 -3.44 -15.70 3.39
C GLU A 71 -3.56 -17.19 3.12
N HIS A 72 -4.71 -17.72 3.45
CA HIS A 72 -5.06 -19.09 3.18
C HIS A 72 -6.58 -19.14 3.08
N HIS A 73 -7.17 -17.97 2.93
CA HIS A 73 -8.60 -17.81 2.88
C HIS A 73 -8.95 -16.41 2.41
N HIS A 74 -9.90 -16.34 1.51
CA HIS A 74 -10.50 -15.09 1.08
C HIS A 74 -11.94 -15.18 1.55
N HIS A 75 -12.51 -14.12 2.07
CA HIS A 75 -13.85 -14.28 2.60
C HIS A 75 -14.89 -13.46 1.86
N HIS A 76 -16.10 -13.89 2.05
CA HIS A 76 -17.32 -13.31 1.48
C HIS A 76 -18.42 -14.15 2.09
N HIS A 77 -19.60 -13.67 2.18
CA HIS A 77 -20.65 -14.47 2.76
C HIS A 77 -21.71 -14.72 1.73
N MET A 1 19.59 3.93 -5.62
CA MET A 1 18.71 4.65 -6.52
C MET A 1 17.34 4.80 -5.88
N LEU A 2 17.19 5.79 -5.07
CA LEU A 2 15.96 6.04 -4.39
C LEU A 2 15.28 7.22 -5.04
N LYS A 3 14.08 7.03 -5.50
CA LYS A 3 13.34 8.12 -6.07
C LYS A 3 12.59 8.81 -4.93
N HIS A 4 12.03 9.96 -5.17
CA HIS A 4 11.41 10.72 -4.10
C HIS A 4 10.04 10.14 -3.78
N GLY A 5 9.94 9.50 -2.64
CA GLY A 5 8.70 8.91 -2.27
C GLY A 5 8.53 8.78 -0.79
N LYS A 6 7.30 8.66 -0.36
CA LYS A 6 6.97 8.53 1.05
C LYS A 6 6.65 7.08 1.38
N TYR A 7 6.92 6.69 2.60
CA TYR A 7 6.50 5.39 3.09
C TYR A 7 5.23 5.58 3.85
N VAL A 8 4.17 5.02 3.35
CA VAL A 8 2.89 5.16 3.97
C VAL A 8 2.32 3.79 4.26
N TYR A 9 1.17 3.77 4.85
CA TYR A 9 0.49 2.55 5.16
C TYR A 9 -0.85 2.55 4.47
N ILE A 10 -1.18 1.47 3.86
CA ILE A 10 -2.47 1.36 3.22
C ILE A 10 -3.44 0.82 4.22
N ASP A 11 -4.54 1.52 4.35
CA ASP A 11 -5.58 1.19 5.29
C ASP A 11 -6.33 -0.05 4.83
N LEU A 12 -5.82 -1.18 5.25
CA LEU A 12 -6.49 -2.45 5.06
C LEU A 12 -7.61 -2.48 6.07
N ASN A 13 -7.26 -1.92 7.25
CA ASN A 13 -8.17 -1.67 8.39
C ASN A 13 -8.51 -2.95 9.15
N ASN A 14 -8.08 -4.06 8.62
CA ASN A 14 -8.43 -5.40 9.12
C ASN A 14 -7.51 -5.84 10.25
N GLY A 15 -6.84 -4.91 10.88
CA GLY A 15 -5.95 -5.26 11.97
C GLY A 15 -4.50 -5.23 11.58
N LYS A 16 -4.25 -5.13 10.31
CA LYS A 16 -2.91 -5.02 9.81
C LYS A 16 -2.89 -4.03 8.67
N TYR A 17 -1.77 -3.45 8.42
CA TYR A 17 -1.61 -2.45 7.37
C TYR A 17 -0.44 -2.78 6.53
N VAL A 18 -0.50 -2.46 5.27
CA VAL A 18 0.59 -2.75 4.38
C VAL A 18 1.42 -1.49 4.17
N LYS A 19 2.71 -1.64 4.27
CA LYS A 19 3.63 -0.55 4.18
C LYS A 19 4.14 -0.46 2.77
N VAL A 20 3.91 0.66 2.15
CA VAL A 20 4.22 0.83 0.77
C VAL A 20 4.96 2.16 0.57
N ARG A 21 5.85 2.18 -0.39
CA ARG A 21 6.55 3.37 -0.75
C ARG A 21 5.92 3.95 -1.99
N ILE A 22 5.41 5.14 -1.84
CA ILE A 22 4.74 5.85 -2.91
C ILE A 22 5.75 6.76 -3.54
N LEU A 23 6.26 6.38 -4.68
CA LEU A 23 7.23 7.19 -5.36
C LEU A 23 6.49 8.26 -6.11
N LYS A 24 6.61 9.48 -5.66
CA LYS A 24 5.87 10.56 -6.21
C LYS A 24 6.82 11.38 -7.06
N SER A 25 6.66 11.27 -8.34
CA SER A 25 7.54 11.94 -9.25
C SER A 25 7.14 13.41 -9.40
N ARG A 26 7.61 14.24 -8.49
CA ARG A 26 7.40 15.69 -8.55
C ARG A 26 8.34 16.30 -9.58
N ASP A 27 9.39 15.54 -9.87
CA ASP A 27 10.37 15.86 -10.90
C ASP A 27 9.70 15.87 -12.26
N ASP A 28 8.65 15.10 -12.37
CA ASP A 28 7.84 15.06 -13.56
C ASP A 28 6.68 16.02 -13.39
N ASN A 29 5.87 15.75 -12.39
CA ASN A 29 4.69 16.52 -12.05
C ASN A 29 4.06 15.86 -10.84
N SER A 30 3.44 14.72 -11.08
CA SER A 30 2.86 13.88 -10.06
C SER A 30 2.61 12.49 -10.63
N VAL A 31 3.69 11.77 -10.86
CA VAL A 31 3.59 10.40 -11.30
C VAL A 31 3.87 9.53 -10.11
N GLU A 32 2.85 8.95 -9.58
CA GLU A 32 3.00 8.15 -8.41
C GLU A 32 3.14 6.70 -8.80
N LYS A 33 4.34 6.22 -8.65
CA LYS A 33 4.66 4.86 -8.94
C LYS A 33 4.70 4.10 -7.65
N TYR A 34 4.07 2.98 -7.62
CA TYR A 34 3.98 2.22 -6.43
C TYR A 34 5.06 1.15 -6.41
N VAL A 35 5.66 0.96 -5.25
CA VAL A 35 6.74 0.01 -5.07
C VAL A 35 6.23 -1.46 -5.26
N LEU A 36 7.12 -2.37 -5.62
CA LEU A 36 6.74 -3.73 -5.97
C LEU A 36 6.48 -4.59 -4.72
N THR A 37 6.82 -4.11 -3.56
CA THR A 37 6.67 -4.90 -2.36
C THR A 37 5.28 -4.66 -1.72
N SER A 38 4.81 -5.64 -0.98
CA SER A 38 3.54 -5.61 -0.30
C SER A 38 3.71 -5.99 1.19
N HIS A 39 4.92 -5.77 1.73
CA HIS A 39 5.23 -6.09 3.14
C HIS A 39 4.25 -5.44 4.13
N VAL A 40 3.65 -6.26 4.95
CA VAL A 40 2.61 -5.86 5.88
C VAL A 40 3.20 -5.64 7.29
N SER A 41 2.54 -4.82 8.04
CA SER A 41 2.84 -4.57 9.42
C SER A 41 1.63 -5.08 10.19
N LYS A 42 1.83 -5.65 11.37
CA LYS A 42 0.76 -6.31 12.10
C LYS A 42 0.06 -5.32 13.01
N ASN A 43 0.33 -4.07 12.78
CA ASN A 43 -0.16 -3.01 13.61
C ASN A 43 -1.13 -2.17 12.85
N ARG A 44 -1.96 -1.45 13.57
CA ARG A 44 -2.82 -0.46 12.98
C ARG A 44 -2.26 0.91 13.32
N PRO A 45 -1.42 1.50 12.44
CA PRO A 45 -0.86 2.82 12.69
C PRO A 45 -1.93 3.88 12.54
N LYS A 46 -2.06 4.71 13.53
CA LYS A 46 -3.01 5.77 13.50
C LYS A 46 -2.32 7.05 13.06
N ASN A 47 -1.17 7.33 13.64
CA ASN A 47 -0.45 8.52 13.29
C ASN A 47 0.62 8.23 12.28
N ALA A 48 0.17 8.11 11.07
CA ALA A 48 0.97 7.91 9.90
C ALA A 48 0.04 8.18 8.75
N ILE A 49 0.54 8.37 7.58
CA ILE A 49 -0.33 8.62 6.47
C ILE A 49 -0.85 7.31 5.95
N VAL A 50 -2.13 7.14 6.05
CA VAL A 50 -2.78 5.96 5.60
C VAL A 50 -3.68 6.27 4.42
N ILE A 51 -3.58 5.48 3.39
CA ILE A 51 -4.39 5.63 2.21
C ILE A 51 -5.33 4.44 2.14
N LYS A 52 -6.59 4.67 1.91
CA LYS A 52 -7.59 3.61 1.91
C LYS A 52 -7.47 2.79 0.63
N MET A 53 -7.62 1.45 0.76
CA MET A 53 -7.41 0.48 -0.36
C MET A 53 -8.17 0.85 -1.62
N ASP A 54 -9.35 1.41 -1.43
CA ASP A 54 -10.25 1.76 -2.54
C ASP A 54 -9.64 2.80 -3.50
N ASN A 55 -8.71 3.57 -2.99
CA ASN A 55 -8.06 4.63 -3.75
C ASN A 55 -6.88 4.09 -4.56
N LEU A 56 -6.43 2.91 -4.22
CA LEU A 56 -5.26 2.35 -4.85
C LEU A 56 -5.60 1.73 -6.20
N PRO A 57 -4.69 1.89 -7.19
CA PRO A 57 -4.85 1.31 -8.52
C PRO A 57 -5.01 -0.21 -8.43
N ILE A 58 -5.67 -0.79 -9.40
CA ILE A 58 -5.97 -2.20 -9.38
C ILE A 58 -4.73 -3.09 -9.36
N GLU A 59 -3.64 -2.61 -9.93
CA GLU A 59 -2.37 -3.34 -9.91
C GLU A 59 -1.81 -3.43 -8.49
N VAL A 60 -1.98 -2.36 -7.73
CA VAL A 60 -1.51 -2.34 -6.35
C VAL A 60 -2.35 -3.29 -5.52
N LYS A 61 -3.66 -3.20 -5.71
CA LYS A 61 -4.60 -4.06 -4.98
C LYS A 61 -4.42 -5.52 -5.39
N ASP A 62 -4.03 -5.71 -6.64
CA ASP A 62 -3.76 -7.04 -7.19
C ASP A 62 -2.60 -7.69 -6.46
N LYS A 63 -1.54 -6.92 -6.22
CA LYS A 63 -0.38 -7.43 -5.49
C LYS A 63 -0.78 -7.74 -4.07
N LEU A 64 -1.58 -6.84 -3.48
CA LEU A 64 -2.07 -7.00 -2.10
C LEU A 64 -2.87 -8.29 -2.00
N THR A 65 -3.65 -8.55 -3.03
CA THR A 65 -4.47 -9.73 -3.13
C THR A 65 -3.60 -10.97 -3.23
N ARG A 66 -2.67 -10.97 -4.17
CA ARG A 66 -1.85 -12.13 -4.40
C ARG A 66 -0.81 -12.37 -3.32
N PHE A 67 -0.55 -11.37 -2.50
CA PHE A 67 0.37 -11.55 -1.39
C PHE A 67 -0.39 -12.02 -0.14
N PHE A 68 -1.32 -11.19 0.33
CA PHE A 68 -2.04 -11.49 1.57
C PHE A 68 -3.57 -11.59 1.45
N LEU A 69 -4.17 -10.67 0.71
CA LEU A 69 -5.64 -10.48 0.71
C LEU A 69 -6.40 -11.53 -0.16
N LEU A 70 -5.73 -12.63 -0.42
CA LEU A 70 -6.33 -13.76 -1.09
C LEU A 70 -7.06 -14.62 -0.06
N GLU A 71 -6.64 -14.47 1.19
CA GLU A 71 -7.18 -15.21 2.30
C GLU A 71 -8.54 -14.61 2.61
N HIS A 72 -9.53 -15.47 2.75
CA HIS A 72 -10.94 -15.11 2.85
C HIS A 72 -11.28 -14.12 3.95
N HIS A 73 -11.50 -12.89 3.54
CA HIS A 73 -11.89 -11.80 4.43
C HIS A 73 -12.72 -10.85 3.61
N HIS A 74 -13.20 -9.79 4.23
CA HIS A 74 -13.87 -8.76 3.49
C HIS A 74 -12.84 -8.08 2.65
N HIS A 75 -12.88 -8.36 1.37
CA HIS A 75 -11.89 -7.90 0.44
C HIS A 75 -12.03 -6.40 0.25
N HIS A 76 -13.24 -5.90 0.38
CA HIS A 76 -13.49 -4.48 0.29
C HIS A 76 -13.81 -3.93 1.67
N HIS A 77 -13.37 -2.74 1.93
CA HIS A 77 -13.64 -2.06 3.18
C HIS A 77 -14.10 -0.67 2.85
N MET A 1 16.53 17.72 -2.40
CA MET A 1 15.40 18.37 -1.74
C MET A 1 14.09 17.60 -2.00
N LEU A 2 13.93 17.09 -3.22
CA LEU A 2 12.74 16.33 -3.58
C LEU A 2 12.97 14.84 -3.34
N LYS A 3 12.08 14.22 -2.62
CA LYS A 3 12.12 12.81 -2.40
C LYS A 3 11.20 12.13 -3.38
N HIS A 4 11.65 11.07 -3.97
CA HIS A 4 10.84 10.35 -4.93
C HIS A 4 10.07 9.22 -4.30
N GLY A 5 10.32 8.95 -3.04
CA GLY A 5 9.59 7.90 -2.40
C GLY A 5 9.53 8.04 -0.92
N LYS A 6 8.35 8.05 -0.38
CA LYS A 6 8.18 8.06 1.06
C LYS A 6 7.23 6.96 1.48
N TYR A 7 7.29 6.56 2.71
CA TYR A 7 6.50 5.44 3.19
C TYR A 7 5.26 5.89 3.94
N VAL A 8 4.18 5.25 3.62
CA VAL A 8 2.89 5.46 4.25
C VAL A 8 2.24 4.09 4.41
N TYR A 9 1.03 4.03 4.90
CA TYR A 9 0.37 2.76 5.07
C TYR A 9 -0.93 2.73 4.30
N ILE A 10 -1.26 1.57 3.80
CA ILE A 10 -2.50 1.39 3.09
C ILE A 10 -3.52 0.78 4.05
N ASP A 11 -4.70 1.39 4.10
CA ASP A 11 -5.77 0.93 4.97
C ASP A 11 -6.38 -0.35 4.45
N LEU A 12 -5.80 -1.44 4.91
CA LEU A 12 -6.31 -2.77 4.65
C LEU A 12 -7.51 -2.97 5.56
N ASN A 13 -7.37 -2.39 6.76
CA ASN A 13 -8.43 -2.28 7.79
C ASN A 13 -8.78 -3.61 8.47
N ASN A 14 -8.25 -4.70 7.94
CA ASN A 14 -8.47 -6.05 8.46
C ASN A 14 -7.55 -6.39 9.64
N GLY A 15 -7.04 -5.37 10.28
CA GLY A 15 -6.20 -5.53 11.46
C GLY A 15 -4.74 -5.34 11.18
N LYS A 16 -4.38 -5.33 9.93
CA LYS A 16 -3.02 -5.10 9.54
C LYS A 16 -2.97 -4.05 8.46
N TYR A 17 -1.83 -3.43 8.31
CA TYR A 17 -1.62 -2.38 7.33
C TYR A 17 -0.36 -2.66 6.57
N VAL A 18 -0.33 -2.32 5.32
CA VAL A 18 0.85 -2.55 4.52
C VAL A 18 1.63 -1.26 4.40
N LYS A 19 2.94 -1.34 4.57
CA LYS A 19 3.76 -0.15 4.49
C LYS A 19 4.28 -0.04 3.07
N VAL A 20 3.79 0.95 2.38
CA VAL A 20 4.09 1.13 1.00
C VAL A 20 4.90 2.41 0.81
N ARG A 21 5.73 2.39 -0.19
CA ARG A 21 6.50 3.53 -0.56
C ARG A 21 5.84 4.16 -1.76
N ILE A 22 5.42 5.39 -1.61
CA ILE A 22 4.79 6.13 -2.67
C ILE A 22 5.86 6.70 -3.53
N LEU A 23 5.91 6.26 -4.74
CA LEU A 23 6.91 6.73 -5.65
C LEU A 23 6.32 7.92 -6.39
N LYS A 24 6.81 9.06 -6.09
CA LYS A 24 6.28 10.28 -6.62
C LYS A 24 7.05 10.69 -7.85
N SER A 25 6.41 10.66 -8.97
CA SER A 25 7.02 11.07 -10.18
C SER A 25 6.35 12.33 -10.72
N ARG A 26 6.66 13.44 -10.09
CA ARG A 26 6.18 14.72 -10.54
C ARG A 26 7.15 15.20 -11.63
N ASP A 27 8.36 14.63 -11.55
CA ASP A 27 9.40 14.84 -12.57
C ASP A 27 8.93 14.34 -13.91
N ASP A 28 8.10 13.33 -13.85
CA ASP A 28 7.51 12.76 -15.05
C ASP A 28 6.41 13.68 -15.52
N ASN A 29 5.44 13.85 -14.66
CA ASN A 29 4.31 14.71 -14.89
C ASN A 29 3.59 14.91 -13.57
N SER A 30 2.81 13.93 -13.23
CA SER A 30 2.08 13.85 -11.99
C SER A 30 1.59 12.42 -11.88
N VAL A 31 2.54 11.54 -11.68
CA VAL A 31 2.27 10.13 -11.65
C VAL A 31 2.86 9.57 -10.38
N GLU A 32 2.05 9.01 -9.56
CA GLU A 32 2.55 8.40 -8.36
C GLU A 32 2.39 6.91 -8.45
N LYS A 33 3.50 6.24 -8.39
CA LYS A 33 3.55 4.81 -8.44
C LYS A 33 3.66 4.26 -7.06
N TYR A 34 3.52 2.99 -6.93
CA TYR A 34 3.55 2.36 -5.67
C TYR A 34 4.52 1.22 -5.74
N VAL A 35 5.21 0.96 -4.65
CA VAL A 35 6.19 -0.10 -4.62
C VAL A 35 5.50 -1.49 -4.76
N LEU A 36 6.22 -2.42 -5.33
CA LEU A 36 5.72 -3.75 -5.65
C LEU A 36 5.65 -4.68 -4.44
N THR A 37 6.10 -4.22 -3.30
CA THR A 37 6.12 -5.07 -2.14
C THR A 37 4.81 -4.93 -1.37
N SER A 38 4.47 -5.96 -0.67
CA SER A 38 3.24 -6.04 0.04
C SER A 38 3.50 -6.41 1.51
N HIS A 39 4.70 -6.09 1.99
CA HIS A 39 5.08 -6.35 3.38
C HIS A 39 4.16 -5.63 4.38
N VAL A 40 3.34 -6.42 5.01
CA VAL A 40 2.37 -5.96 5.95
C VAL A 40 2.93 -5.84 7.36
N SER A 41 2.41 -4.90 8.07
CA SER A 41 2.72 -4.66 9.42
C SER A 41 1.51 -5.10 10.22
N LYS A 42 1.77 -5.85 11.27
CA LYS A 42 0.73 -6.40 12.13
C LYS A 42 0.30 -5.36 13.18
N ASN A 43 0.67 -4.13 12.95
CA ASN A 43 0.36 -3.05 13.86
C ASN A 43 -0.35 -1.98 13.10
N ARG A 44 -1.22 -1.28 13.77
CA ARG A 44 -1.91 -0.17 13.16
C ARG A 44 -1.12 1.08 13.49
N PRO A 45 -0.61 1.78 12.46
CA PRO A 45 0.25 2.93 12.66
C PRO A 45 -0.45 4.12 13.31
N LYS A 46 0.17 4.63 14.34
CA LYS A 46 -0.31 5.81 15.01
C LYS A 46 0.01 7.04 14.17
N ASN A 47 1.26 7.23 13.88
CA ASN A 47 1.67 8.40 13.16
C ASN A 47 2.14 8.04 11.76
N ALA A 48 1.21 8.02 10.86
CA ALA A 48 1.48 7.77 9.47
C ALA A 48 0.27 8.20 8.69
N ILE A 49 0.42 8.33 7.41
CA ILE A 49 -0.67 8.66 6.55
C ILE A 49 -1.22 7.37 6.00
N VAL A 50 -2.51 7.18 6.04
CA VAL A 50 -3.08 5.99 5.50
C VAL A 50 -3.85 6.28 4.24
N ILE A 51 -3.67 5.46 3.28
CA ILE A 51 -4.38 5.56 2.05
C ILE A 51 -5.21 4.31 1.92
N LYS A 52 -6.47 4.46 1.75
CA LYS A 52 -7.35 3.32 1.71
C LYS A 52 -7.26 2.67 0.33
N MET A 53 -7.39 1.32 0.28
CA MET A 53 -7.31 0.54 -0.99
C MET A 53 -8.29 1.06 -2.03
N ASP A 54 -9.32 1.70 -1.53
CA ASP A 54 -10.33 2.42 -2.32
C ASP A 54 -9.68 3.34 -3.37
N ASN A 55 -8.56 3.96 -3.01
CA ASN A 55 -7.89 4.91 -3.88
C ASN A 55 -6.77 4.24 -4.69
N LEU A 56 -6.47 3.02 -4.35
CA LEU A 56 -5.38 2.31 -5.01
C LEU A 56 -5.86 1.66 -6.28
N PRO A 57 -5.08 1.73 -7.37
CA PRO A 57 -5.44 1.11 -8.63
C PRO A 57 -5.53 -0.41 -8.48
N ILE A 58 -6.28 -1.03 -9.37
CA ILE A 58 -6.46 -2.48 -9.36
C ILE A 58 -5.15 -3.24 -9.44
N GLU A 59 -4.14 -2.61 -10.04
CA GLU A 59 -2.80 -3.14 -10.16
C GLU A 59 -2.22 -3.43 -8.78
N VAL A 60 -2.31 -2.43 -7.91
CA VAL A 60 -1.74 -2.48 -6.57
C VAL A 60 -2.55 -3.41 -5.69
N LYS A 61 -3.86 -3.33 -5.81
CA LYS A 61 -4.76 -4.17 -5.02
C LYS A 61 -4.56 -5.64 -5.36
N ASP A 62 -4.22 -5.88 -6.60
CA ASP A 62 -3.88 -7.22 -7.09
C ASP A 62 -2.59 -7.71 -6.45
N LYS A 63 -1.62 -6.80 -6.29
CA LYS A 63 -0.33 -7.13 -5.67
C LYS A 63 -0.56 -7.56 -4.23
N LEU A 64 -1.38 -6.78 -3.53
CA LEU A 64 -1.74 -7.03 -2.15
C LEU A 64 -2.44 -8.38 -2.03
N THR A 65 -3.32 -8.65 -2.97
CA THR A 65 -4.03 -9.90 -3.03
C THR A 65 -3.08 -11.08 -3.23
N ARG A 66 -2.20 -10.98 -4.21
CA ARG A 66 -1.28 -12.05 -4.55
C ARG A 66 -0.34 -12.42 -3.40
N PHE A 67 -0.02 -11.47 -2.55
CA PHE A 67 0.86 -11.76 -1.45
C PHE A 67 0.09 -12.21 -0.21
N PHE A 68 -0.80 -11.37 0.28
CA PHE A 68 -1.46 -11.67 1.54
C PHE A 68 -2.98 -11.79 1.44
N LEU A 69 -3.61 -10.95 0.64
CA LEU A 69 -5.07 -10.79 0.71
C LEU A 69 -5.84 -11.92 -0.01
N LEU A 70 -5.12 -12.95 -0.48
CA LEU A 70 -5.75 -14.16 -1.00
C LEU A 70 -6.61 -14.76 0.10
N GLU A 71 -6.03 -14.86 1.27
CA GLU A 71 -6.72 -15.35 2.40
C GLU A 71 -7.22 -14.16 3.19
N HIS A 72 -8.48 -13.98 3.19
CA HIS A 72 -9.11 -12.88 3.84
C HIS A 72 -10.30 -13.36 4.66
N HIS A 73 -10.02 -13.75 5.85
CA HIS A 73 -11.05 -14.26 6.71
C HIS A 73 -11.03 -13.53 8.02
N HIS A 74 -12.03 -12.69 8.20
CA HIS A 74 -12.28 -11.89 9.40
C HIS A 74 -13.38 -10.91 9.05
N HIS A 75 -13.40 -10.56 7.79
CA HIS A 75 -14.36 -9.66 7.24
C HIS A 75 -14.40 -9.98 5.77
N HIS A 76 -15.58 -10.15 5.21
CA HIS A 76 -15.69 -10.47 3.80
C HIS A 76 -15.32 -9.26 2.98
N HIS A 77 -14.13 -9.26 2.46
CA HIS A 77 -13.66 -8.17 1.65
C HIS A 77 -14.14 -8.35 0.24
N MET A 1 14.72 14.58 2.72
CA MET A 1 15.45 15.51 1.85
C MET A 1 14.85 15.52 0.45
N LEU A 2 15.02 14.43 -0.29
CA LEU A 2 14.50 14.36 -1.65
C LEU A 2 13.14 13.68 -1.62
N LYS A 3 12.18 14.29 -2.26
CA LYS A 3 10.85 13.73 -2.29
C LYS A 3 10.66 12.81 -3.51
N HIS A 4 11.24 11.63 -3.42
CA HIS A 4 11.10 10.68 -4.52
C HIS A 4 10.36 9.44 -4.04
N GLY A 5 10.37 9.21 -2.75
CA GLY A 5 9.68 8.08 -2.22
C GLY A 5 9.44 8.20 -0.76
N LYS A 6 8.19 8.12 -0.35
CA LYS A 6 7.84 8.19 1.06
C LYS A 6 7.04 6.97 1.41
N TYR A 7 7.11 6.57 2.66
CA TYR A 7 6.41 5.39 3.09
C TYR A 7 5.12 5.75 3.77
N VAL A 8 4.07 5.12 3.34
CA VAL A 8 2.77 5.30 3.91
C VAL A 8 2.20 3.91 4.18
N TYR A 9 1.05 3.86 4.77
CA TYR A 9 0.41 2.61 5.04
C TYR A 9 -0.89 2.53 4.31
N ILE A 10 -1.16 1.42 3.74
CA ILE A 10 -2.42 1.24 3.08
C ILE A 10 -3.41 0.74 4.09
N ASP A 11 -4.51 1.45 4.22
CA ASP A 11 -5.58 1.10 5.12
C ASP A 11 -6.32 -0.08 4.57
N LEU A 12 -5.83 -1.24 4.94
CA LEU A 12 -6.44 -2.49 4.61
C LEU A 12 -7.61 -2.65 5.54
N ASN A 13 -7.39 -2.15 6.77
CA ASN A 13 -8.38 -2.04 7.86
C ASN A 13 -8.75 -3.41 8.45
N ASN A 14 -8.22 -4.45 7.85
CA ASN A 14 -8.51 -5.85 8.21
C ASN A 14 -7.62 -6.34 9.37
N GLY A 15 -7.07 -5.42 10.11
CA GLY A 15 -6.24 -5.76 11.26
C GLY A 15 -4.77 -5.59 10.99
N LYS A 16 -4.40 -5.46 9.74
CA LYS A 16 -3.02 -5.20 9.38
C LYS A 16 -2.96 -4.13 8.33
N TYR A 17 -1.82 -3.49 8.23
CA TYR A 17 -1.60 -2.41 7.29
C TYR A 17 -0.32 -2.65 6.56
N VAL A 18 -0.29 -2.33 5.31
CA VAL A 18 0.91 -2.54 4.53
C VAL A 18 1.67 -1.25 4.36
N LYS A 19 2.96 -1.30 4.62
CA LYS A 19 3.79 -0.13 4.49
C LYS A 19 4.40 -0.13 3.10
N VAL A 20 3.96 0.80 2.31
CA VAL A 20 4.37 0.87 0.94
C VAL A 20 5.01 2.23 0.67
N ARG A 21 5.92 2.26 -0.26
CA ARG A 21 6.55 3.49 -0.68
C ARG A 21 5.78 4.07 -1.84
N ILE A 22 5.40 5.30 -1.70
CA ILE A 22 4.79 6.05 -2.77
C ILE A 22 5.93 6.51 -3.63
N LEU A 23 5.94 6.08 -4.87
CA LEU A 23 6.96 6.48 -5.77
C LEU A 23 6.56 7.78 -6.37
N LYS A 24 7.25 8.79 -5.99
CA LYS A 24 6.99 10.10 -6.46
C LYS A 24 8.07 10.38 -7.46
N SER A 25 7.73 10.37 -8.69
CA SER A 25 8.70 10.61 -9.70
C SER A 25 8.28 11.78 -10.56
N ARG A 26 8.40 12.94 -9.98
CA ARG A 26 8.10 14.18 -10.66
C ARG A 26 9.10 14.36 -11.78
N ASP A 27 10.28 13.86 -11.53
CA ASP A 27 11.42 13.96 -12.41
C ASP A 27 11.22 13.14 -13.69
N ASP A 28 10.58 11.98 -13.57
CA ASP A 28 10.35 11.12 -14.73
C ASP A 28 9.35 11.78 -15.64
N ASN A 29 8.16 12.02 -15.10
CA ASN A 29 7.06 12.72 -15.79
C ASN A 29 5.86 12.82 -14.86
N SER A 30 6.05 13.49 -13.72
CA SER A 30 4.95 13.70 -12.75
C SER A 30 4.31 12.38 -12.29
N VAL A 31 5.08 11.32 -12.34
CA VAL A 31 4.61 9.96 -12.12
C VAL A 31 4.40 9.69 -10.64
N GLU A 32 3.23 9.19 -10.31
CA GLU A 32 2.90 8.81 -8.97
C GLU A 32 2.45 7.37 -8.99
N LYS A 33 3.37 6.48 -8.75
CA LYS A 33 3.07 5.08 -8.72
C LYS A 33 3.47 4.53 -7.40
N TYR A 34 3.32 3.26 -7.22
CA TYR A 34 3.49 2.68 -5.92
C TYR A 34 4.44 1.50 -6.04
N VAL A 35 5.23 1.29 -5.02
CA VAL A 35 6.30 0.30 -5.08
C VAL A 35 5.75 -1.16 -4.99
N LEU A 36 6.61 -2.11 -5.30
CA LEU A 36 6.31 -3.51 -5.44
C LEU A 36 6.17 -4.28 -4.12
N THR A 37 6.43 -3.65 -2.98
CA THR A 37 6.39 -4.42 -1.76
C THR A 37 4.99 -4.40 -1.18
N SER A 38 4.65 -5.46 -0.52
CA SER A 38 3.37 -5.61 0.10
C SER A 38 3.54 -6.07 1.56
N HIS A 39 4.69 -5.74 2.14
CA HIS A 39 5.00 -6.13 3.53
C HIS A 39 4.02 -5.52 4.52
N VAL A 40 3.32 -6.37 5.22
CA VAL A 40 2.32 -5.95 6.16
C VAL A 40 2.84 -5.85 7.58
N SER A 41 2.37 -4.83 8.24
CA SER A 41 2.67 -4.54 9.61
C SER A 41 1.43 -4.92 10.42
N LYS A 42 1.63 -5.53 11.56
CA LYS A 42 0.55 -6.11 12.35
C LYS A 42 -0.09 -5.10 13.32
N ASN A 43 0.21 -3.82 13.17
CA ASN A 43 -0.39 -2.79 14.03
C ASN A 43 -0.79 -1.59 13.21
N ARG A 44 -1.86 -0.93 13.60
CA ARG A 44 -2.34 0.24 12.91
C ARG A 44 -1.53 1.45 13.31
N PRO A 45 -1.08 2.25 12.36
CA PRO A 45 -0.35 3.47 12.66
C PRO A 45 -1.29 4.64 12.93
N LYS A 46 -1.10 5.30 14.04
CA LYS A 46 -1.91 6.43 14.40
C LYS A 46 -1.40 7.65 13.63
N ASN A 47 -0.12 7.93 13.78
CA ASN A 47 0.48 9.07 13.11
C ASN A 47 1.35 8.65 11.97
N ALA A 48 0.70 8.35 10.88
CA ALA A 48 1.31 8.00 9.62
C ALA A 48 0.23 8.16 8.58
N ILE A 49 0.60 8.25 7.34
CA ILE A 49 -0.37 8.46 6.29
C ILE A 49 -0.95 7.12 5.88
N VAL A 50 -2.25 6.98 6.00
CA VAL A 50 -2.92 5.76 5.61
C VAL A 50 -3.82 6.01 4.41
N ILE A 51 -3.74 5.16 3.43
CA ILE A 51 -4.55 5.28 2.23
C ILE A 51 -5.32 3.98 2.05
N LYS A 52 -6.64 4.04 2.07
CA LYS A 52 -7.49 2.84 1.92
C LYS A 52 -7.33 2.24 0.52
N MET A 53 -7.43 0.88 0.42
CA MET A 53 -7.30 0.10 -0.87
C MET A 53 -8.07 0.78 -2.00
N ASP A 54 -9.23 1.28 -1.62
CA ASP A 54 -10.19 1.98 -2.48
C ASP A 54 -9.54 3.06 -3.36
N ASN A 55 -8.49 3.67 -2.87
CA ASN A 55 -7.83 4.77 -3.58
C ASN A 55 -6.68 4.26 -4.47
N LEU A 56 -6.34 3.00 -4.35
CA LEU A 56 -5.22 2.44 -5.11
C LEU A 56 -5.71 1.74 -6.37
N PRO A 57 -4.93 1.80 -7.47
CA PRO A 57 -5.28 1.12 -8.73
C PRO A 57 -5.31 -0.40 -8.58
N ILE A 58 -5.91 -1.06 -9.56
CA ILE A 58 -6.00 -2.51 -9.58
C ILE A 58 -4.64 -3.18 -9.61
N GLU A 59 -3.65 -2.45 -10.13
CA GLU A 59 -2.26 -2.92 -10.18
C GLU A 59 -1.81 -3.26 -8.78
N VAL A 60 -1.96 -2.29 -7.91
CA VAL A 60 -1.52 -2.37 -6.54
C VAL A 60 -2.40 -3.36 -5.80
N LYS A 61 -3.69 -3.25 -5.99
CA LYS A 61 -4.64 -4.12 -5.31
C LYS A 61 -4.45 -5.59 -5.68
N ASP A 62 -4.08 -5.85 -6.93
CA ASP A 62 -3.77 -7.22 -7.39
C ASP A 62 -2.61 -7.76 -6.59
N LYS A 63 -1.58 -6.95 -6.49
CA LYS A 63 -0.36 -7.31 -5.81
C LYS A 63 -0.60 -7.46 -4.29
N LEU A 64 -1.40 -6.56 -3.73
CA LEU A 64 -1.79 -6.62 -2.32
C LEU A 64 -2.58 -7.90 -2.03
N THR A 65 -3.59 -8.16 -2.85
CA THR A 65 -4.48 -9.29 -2.70
C THR A 65 -3.71 -10.61 -2.75
N ARG A 66 -2.80 -10.72 -3.68
CA ARG A 66 -2.07 -11.94 -3.91
C ARG A 66 -0.92 -12.14 -2.94
N PHE A 67 -0.49 -11.08 -2.28
CA PHE A 67 0.62 -11.23 -1.35
C PHE A 67 0.13 -11.64 0.03
N PHE A 68 -0.77 -10.88 0.59
CA PHE A 68 -1.16 -11.12 1.98
C PHE A 68 -2.63 -11.44 2.16
N LEU A 69 -3.47 -10.98 1.24
CA LEU A 69 -4.89 -11.09 1.47
C LEU A 69 -5.38 -12.51 1.28
N LEU A 70 -5.38 -12.98 0.01
CA LEU A 70 -5.85 -14.33 -0.39
C LEU A 70 -7.20 -14.69 0.28
N GLU A 71 -8.00 -13.68 0.54
CA GLU A 71 -9.19 -13.85 1.32
C GLU A 71 -10.37 -14.27 0.46
N HIS A 72 -10.91 -15.42 0.76
CA HIS A 72 -12.04 -15.99 0.04
C HIS A 72 -12.92 -16.73 1.05
N HIS A 73 -13.95 -17.40 0.54
CA HIS A 73 -14.86 -18.28 1.29
C HIS A 73 -15.83 -17.54 2.23
N HIS A 74 -15.32 -16.70 3.14
CA HIS A 74 -16.23 -16.01 4.09
C HIS A 74 -17.01 -14.89 3.41
N HIS A 75 -16.56 -14.54 2.23
CA HIS A 75 -17.23 -13.67 1.30
C HIS A 75 -16.79 -14.15 -0.03
N HIS A 76 -17.54 -13.89 -1.04
CA HIS A 76 -17.14 -14.28 -2.34
C HIS A 76 -17.10 -13.04 -3.20
N HIS A 77 -15.94 -12.41 -3.23
CA HIS A 77 -15.73 -11.22 -4.00
C HIS A 77 -14.32 -11.27 -4.55
N MET A 1 8.22 11.57 6.25
CA MET A 1 9.16 11.00 5.28
C MET A 1 8.75 11.34 3.88
N LEU A 2 9.43 12.34 3.33
CA LEU A 2 9.16 12.82 2.00
C LEU A 2 10.31 13.69 1.52
N LYS A 3 10.86 13.29 0.40
CA LYS A 3 11.84 14.08 -0.33
C LYS A 3 11.81 13.68 -1.81
N HIS A 4 11.66 12.38 -2.06
CA HIS A 4 11.46 11.89 -3.42
C HIS A 4 10.28 10.93 -3.40
N GLY A 5 10.24 10.12 -2.38
CA GLY A 5 9.17 9.22 -2.17
C GLY A 5 8.69 9.28 -0.74
N LYS A 6 7.59 8.64 -0.47
CA LYS A 6 7.02 8.60 0.86
C LYS A 6 6.87 7.17 1.29
N TYR A 7 6.75 6.97 2.55
CA TYR A 7 6.42 5.67 3.10
C TYR A 7 5.11 5.81 3.79
N VAL A 8 4.10 5.16 3.28
CA VAL A 8 2.78 5.28 3.85
C VAL A 8 2.23 3.92 4.19
N TYR A 9 1.05 3.90 4.73
CA TYR A 9 0.40 2.69 5.10
C TYR A 9 -0.91 2.59 4.38
N ILE A 10 -1.18 1.47 3.81
CA ILE A 10 -2.44 1.28 3.13
C ILE A 10 -3.44 0.75 4.15
N ASP A 11 -4.60 1.36 4.19
CA ASP A 11 -5.64 0.98 5.13
C ASP A 11 -6.29 -0.31 4.72
N LEU A 12 -5.67 -1.38 5.16
CA LEU A 12 -6.19 -2.71 4.97
C LEU A 12 -7.33 -2.90 5.93
N ASN A 13 -7.17 -2.23 7.08
CA ASN A 13 -8.20 -2.04 8.12
C ASN A 13 -8.59 -3.32 8.86
N ASN A 14 -8.14 -4.45 8.39
CA ASN A 14 -8.50 -5.74 8.98
C ASN A 14 -7.56 -6.15 10.12
N GLY A 15 -6.85 -5.17 10.66
CA GLY A 15 -5.97 -5.44 11.78
C GLY A 15 -4.51 -5.49 11.38
N LYS A 16 -4.23 -5.04 10.18
CA LYS A 16 -2.87 -4.99 9.68
C LYS A 16 -2.79 -3.88 8.67
N TYR A 17 -1.62 -3.36 8.45
CA TYR A 17 -1.39 -2.28 7.50
C TYR A 17 -0.14 -2.57 6.72
N VAL A 18 -0.17 -2.31 5.46
CA VAL A 18 0.97 -2.57 4.62
C VAL A 18 1.72 -1.27 4.39
N LYS A 19 3.02 -1.33 4.58
CA LYS A 19 3.83 -0.16 4.44
C LYS A 19 4.43 -0.15 3.07
N VAL A 20 4.08 0.83 2.32
CA VAL A 20 4.47 0.92 0.95
C VAL A 20 5.20 2.24 0.68
N ARG A 21 6.19 2.15 -0.17
CA ARG A 21 6.96 3.30 -0.57
C ARG A 21 6.32 3.86 -1.83
N ILE A 22 5.90 5.08 -1.74
CA ILE A 22 5.25 5.76 -2.83
C ILE A 22 6.24 6.67 -3.47
N LEU A 23 6.64 6.37 -4.66
CA LEU A 23 7.59 7.19 -5.37
C LEU A 23 6.83 8.26 -6.11
N LYS A 24 6.95 9.50 -5.69
CA LYS A 24 6.23 10.54 -6.36
C LYS A 24 7.10 11.16 -7.39
N SER A 25 6.80 10.86 -8.62
CA SER A 25 7.57 11.34 -9.71
C SER A 25 7.18 12.78 -10.04
N ARG A 26 7.74 13.69 -9.27
CA ARG A 26 7.56 15.13 -9.46
C ARG A 26 8.46 15.49 -10.64
N ASP A 27 9.46 14.64 -10.77
CA ASP A 27 10.46 14.60 -11.83
C ASP A 27 9.72 14.57 -13.16
N ASP A 28 8.64 13.81 -13.17
CA ASP A 28 7.73 13.68 -14.31
C ASP A 28 6.76 14.85 -14.27
N ASN A 29 6.04 14.92 -13.18
CA ASN A 29 5.03 15.93 -12.84
C ASN A 29 4.40 15.49 -11.56
N SER A 30 3.65 14.39 -11.63
CA SER A 30 3.07 13.81 -10.47
C SER A 30 2.56 12.41 -10.79
N VAL A 31 3.47 11.47 -10.86
CA VAL A 31 3.10 10.08 -11.02
C VAL A 31 3.57 9.35 -9.79
N GLU A 32 2.65 8.96 -8.97
CA GLU A 32 3.01 8.22 -7.81
C GLU A 32 3.06 6.75 -8.11
N LYS A 33 4.27 6.25 -8.16
CA LYS A 33 4.54 4.89 -8.46
C LYS A 33 4.65 4.11 -7.19
N TYR A 34 3.95 3.03 -7.13
CA TYR A 34 3.92 2.22 -5.96
C TYR A 34 5.00 1.16 -6.08
N VAL A 35 5.75 0.99 -5.01
CA VAL A 35 6.83 0.00 -4.97
C VAL A 35 6.23 -1.42 -5.05
N LEU A 36 7.02 -2.35 -5.54
CA LEU A 36 6.57 -3.71 -5.77
C LEU A 36 6.51 -4.56 -4.47
N THR A 37 6.94 -4.00 -3.36
CA THR A 37 6.97 -4.76 -2.14
C THR A 37 5.62 -4.60 -1.40
N SER A 38 5.24 -5.62 -0.66
CA SER A 38 3.94 -5.67 -0.03
C SER A 38 4.05 -5.98 1.48
N HIS A 39 5.19 -5.62 2.08
CA HIS A 39 5.44 -5.86 3.52
C HIS A 39 4.31 -5.40 4.44
N VAL A 40 3.58 -6.37 4.94
CA VAL A 40 2.51 -6.15 5.86
C VAL A 40 3.01 -6.00 7.29
N SER A 41 2.62 -4.93 7.89
CA SER A 41 2.94 -4.63 9.23
C SER A 41 1.71 -4.93 10.08
N LYS A 42 1.90 -5.02 11.37
CA LYS A 42 0.82 -5.33 12.30
C LYS A 42 0.37 -4.08 13.02
N ASN A 43 0.97 -2.98 12.68
CA ASN A 43 0.75 -1.73 13.38
C ASN A 43 -0.29 -0.89 12.71
N ARG A 44 -1.08 -0.21 13.50
CA ARG A 44 -2.09 0.70 12.99
C ARG A 44 -1.70 2.11 13.41
N PRO A 45 -0.96 2.84 12.56
CA PRO A 45 -0.45 4.16 12.91
C PRO A 45 -1.49 5.26 12.74
N LYS A 46 -1.23 6.38 13.37
CA LYS A 46 -2.08 7.52 13.24
C LYS A 46 -1.32 8.61 12.51
N ASN A 47 -0.12 8.92 12.98
CA ASN A 47 0.69 9.95 12.37
C ASN A 47 1.47 9.39 11.19
N ALA A 48 0.74 9.06 10.17
CA ALA A 48 1.24 8.56 8.94
C ALA A 48 0.10 8.62 7.98
N ILE A 49 0.36 8.60 6.72
CA ILE A 49 -0.70 8.66 5.77
C ILE A 49 -1.22 7.27 5.52
N VAL A 50 -2.48 7.07 5.82
CA VAL A 50 -3.11 5.82 5.55
C VAL A 50 -4.05 5.99 4.38
N ILE A 51 -3.76 5.29 3.33
CA ILE A 51 -4.55 5.41 2.13
C ILE A 51 -5.43 4.19 2.03
N LYS A 52 -6.71 4.41 1.88
CA LYS A 52 -7.66 3.33 1.79
C LYS A 52 -7.52 2.62 0.44
N MET A 53 -7.65 1.27 0.46
CA MET A 53 -7.38 0.40 -0.73
C MET A 53 -8.12 0.85 -1.96
N ASP A 54 -9.32 1.34 -1.75
CA ASP A 54 -10.18 1.88 -2.81
C ASP A 54 -9.50 2.99 -3.65
N ASN A 55 -8.56 3.72 -3.08
CA ASN A 55 -7.84 4.81 -3.78
C ASN A 55 -6.68 4.23 -4.60
N LEU A 56 -6.36 2.99 -4.36
CA LEU A 56 -5.26 2.35 -5.02
C LEU A 56 -5.71 1.75 -6.34
N PRO A 57 -4.88 1.85 -7.38
CA PRO A 57 -5.15 1.25 -8.69
C PRO A 57 -5.38 -0.25 -8.54
N ILE A 58 -6.13 -0.84 -9.47
CA ILE A 58 -6.44 -2.26 -9.38
C ILE A 58 -5.19 -3.12 -9.45
N GLU A 59 -4.14 -2.58 -10.09
CA GLU A 59 -2.83 -3.22 -10.20
C GLU A 59 -2.24 -3.46 -8.78
N VAL A 60 -2.44 -2.48 -7.91
CA VAL A 60 -1.89 -2.53 -6.57
C VAL A 60 -2.69 -3.48 -5.69
N LYS A 61 -4.03 -3.36 -5.74
CA LYS A 61 -4.90 -4.22 -4.93
C LYS A 61 -4.74 -5.68 -5.34
N ASP A 62 -4.45 -5.87 -6.61
CA ASP A 62 -4.16 -7.17 -7.19
C ASP A 62 -2.98 -7.79 -6.46
N LYS A 63 -1.90 -7.04 -6.38
CA LYS A 63 -0.68 -7.51 -5.72
C LYS A 63 -0.91 -7.75 -4.23
N LEU A 64 -1.69 -6.86 -3.60
CA LEU A 64 -2.03 -7.00 -2.19
C LEU A 64 -2.76 -8.32 -1.94
N THR A 65 -3.67 -8.63 -2.82
CA THR A 65 -4.42 -9.86 -2.75
C THR A 65 -3.49 -11.05 -2.98
N ARG A 66 -2.70 -10.97 -4.03
CA ARG A 66 -1.79 -12.04 -4.42
C ARG A 66 -0.74 -12.36 -3.36
N PHE A 67 -0.38 -11.40 -2.55
CA PHE A 67 0.56 -11.68 -1.50
C PHE A 67 -0.14 -12.11 -0.20
N PHE A 68 -0.99 -11.27 0.33
CA PHE A 68 -1.55 -11.54 1.65
C PHE A 68 -3.08 -11.65 1.70
N LEU A 69 -3.77 -10.83 0.93
CA LEU A 69 -5.23 -10.69 1.11
C LEU A 69 -6.04 -11.76 0.36
N LEU A 70 -5.36 -12.77 -0.13
CA LEU A 70 -6.03 -13.88 -0.81
C LEU A 70 -6.61 -14.88 0.17
N GLU A 71 -6.19 -14.81 1.41
CA GLU A 71 -6.67 -15.75 2.38
C GLU A 71 -7.99 -15.27 2.97
N HIS A 72 -8.67 -16.19 3.62
CA HIS A 72 -9.99 -15.99 4.24
C HIS A 72 -10.17 -14.67 4.99
N HIS A 73 -11.04 -13.81 4.49
CA HIS A 73 -11.32 -12.56 5.16
C HIS A 73 -12.06 -12.85 6.46
N HIS A 74 -12.93 -13.84 6.43
CA HIS A 74 -13.55 -14.31 7.64
C HIS A 74 -12.82 -15.56 8.08
N HIS A 75 -11.95 -15.40 9.03
CA HIS A 75 -11.12 -16.49 9.50
C HIS A 75 -11.83 -17.38 10.51
N HIS A 76 -12.87 -18.01 10.02
CA HIS A 76 -13.73 -19.01 10.69
C HIS A 76 -14.93 -19.26 9.80
N HIS A 77 -15.39 -20.47 9.80
CA HIS A 77 -16.53 -20.86 9.00
C HIS A 77 -17.33 -21.88 9.75
N MET A 1 11.27 18.72 -5.70
CA MET A 1 12.41 17.96 -6.22
C MET A 1 11.92 16.63 -6.74
N LEU A 2 12.30 16.31 -7.96
CA LEU A 2 11.88 15.10 -8.64
C LEU A 2 12.34 13.83 -7.93
N LYS A 3 11.48 12.83 -7.98
CA LYS A 3 11.73 11.47 -7.55
C LYS A 3 11.91 11.35 -6.03
N HIS A 4 10.81 11.37 -5.33
CA HIS A 4 10.77 11.13 -3.89
C HIS A 4 9.78 10.04 -3.61
N GLY A 5 10.02 9.28 -2.57
CA GLY A 5 9.16 8.20 -2.25
C GLY A 5 9.00 8.03 -0.77
N LYS A 6 7.82 8.22 -0.30
CA LYS A 6 7.54 8.15 1.12
C LYS A 6 6.79 6.86 1.44
N TYR A 7 7.02 6.31 2.60
CA TYR A 7 6.30 5.13 3.03
C TYR A 7 5.05 5.51 3.75
N VAL A 8 3.96 4.95 3.32
CA VAL A 8 2.68 5.14 3.95
C VAL A 8 2.08 3.78 4.21
N TYR A 9 0.94 3.73 4.81
CA TYR A 9 0.31 2.47 5.11
C TYR A 9 -1.07 2.43 4.51
N ILE A 10 -1.40 1.34 3.91
CA ILE A 10 -2.73 1.18 3.39
C ILE A 10 -3.61 0.66 4.50
N ASP A 11 -4.73 1.33 4.71
CA ASP A 11 -5.62 1.01 5.80
C ASP A 11 -6.37 -0.26 5.53
N LEU A 12 -5.77 -1.35 5.93
CA LEU A 12 -6.42 -2.64 5.85
C LEU A 12 -7.35 -2.75 7.03
N ASN A 13 -6.85 -2.25 8.19
CA ASN A 13 -7.59 -2.14 9.48
C ASN A 13 -7.80 -3.51 10.18
N ASN A 14 -7.70 -4.56 9.39
CA ASN A 14 -7.98 -5.97 9.78
C ASN A 14 -6.88 -6.59 10.64
N GLY A 15 -6.12 -5.75 11.26
CA GLY A 15 -5.09 -6.20 12.18
C GLY A 15 -3.70 -6.16 11.60
N LYS A 16 -3.60 -5.69 10.39
CA LYS A 16 -2.31 -5.51 9.76
C LYS A 16 -2.43 -4.41 8.75
N TYR A 17 -1.32 -3.84 8.37
CA TYR A 17 -1.27 -2.77 7.39
C TYR A 17 -0.14 -3.06 6.45
N VAL A 18 -0.28 -2.64 5.24
CA VAL A 18 0.77 -2.81 4.28
C VAL A 18 1.52 -1.51 4.14
N LYS A 19 2.81 -1.60 4.21
CA LYS A 19 3.66 -0.47 4.14
C LYS A 19 4.15 -0.32 2.72
N VAL A 20 3.64 0.67 2.05
CA VAL A 20 3.92 0.87 0.67
C VAL A 20 4.64 2.20 0.49
N ARG A 21 5.62 2.21 -0.38
CA ARG A 21 6.33 3.40 -0.67
C ARG A 21 5.75 3.98 -1.93
N ILE A 22 5.26 5.18 -1.81
CA ILE A 22 4.66 5.85 -2.91
C ILE A 22 5.69 6.78 -3.49
N LEU A 23 6.16 6.49 -4.68
CA LEU A 23 7.04 7.41 -5.33
C LEU A 23 6.14 8.48 -5.93
N LYS A 24 6.20 9.64 -5.36
CA LYS A 24 5.30 10.71 -5.72
C LYS A 24 6.07 11.98 -5.94
N SER A 25 5.99 12.50 -7.12
CA SER A 25 6.60 13.74 -7.46
C SER A 25 5.76 14.45 -8.50
N ARG A 26 5.07 15.48 -8.07
CA ARG A 26 4.22 16.23 -8.98
C ARG A 26 5.05 17.28 -9.73
N ASP A 27 6.32 17.41 -9.32
CA ASP A 27 7.30 18.39 -9.90
C ASP A 27 7.24 18.41 -11.42
N ASP A 28 7.35 17.25 -12.02
CA ASP A 28 7.33 17.13 -13.47
C ASP A 28 5.95 17.40 -14.03
N ASN A 29 5.00 16.58 -13.62
CA ASN A 29 3.61 16.68 -14.07
C ASN A 29 2.75 15.81 -13.20
N SER A 30 2.97 14.52 -13.28
CA SER A 30 2.25 13.55 -12.51
C SER A 30 3.08 12.29 -12.41
N VAL A 31 3.80 12.14 -11.33
CA VAL A 31 4.63 10.98 -11.16
C VAL A 31 4.25 10.26 -9.88
N GLU A 32 3.60 9.13 -10.05
CA GLU A 32 3.28 8.23 -8.96
C GLU A 32 3.54 6.81 -9.37
N LYS A 33 4.57 6.27 -8.81
CA LYS A 33 4.96 4.92 -9.04
C LYS A 33 4.85 4.20 -7.72
N TYR A 34 4.28 3.05 -7.73
CA TYR A 34 4.09 2.35 -6.51
C TYR A 34 5.07 1.22 -6.43
N VAL A 35 5.62 1.02 -5.25
CA VAL A 35 6.57 -0.03 -5.04
C VAL A 35 5.84 -1.38 -5.19
N LEU A 36 6.55 -2.37 -5.65
CA LEU A 36 5.97 -3.63 -5.98
C LEU A 36 5.82 -4.55 -4.77
N THR A 37 6.31 -4.11 -3.64
CA THR A 37 6.27 -4.94 -2.47
C THR A 37 4.96 -4.70 -1.72
N SER A 38 4.55 -5.68 -0.97
CA SER A 38 3.32 -5.66 -0.25
C SER A 38 3.62 -6.01 1.20
N HIS A 39 4.86 -5.74 1.56
CA HIS A 39 5.39 -5.92 2.89
C HIS A 39 4.47 -5.31 3.98
N VAL A 40 3.99 -6.17 4.84
CA VAL A 40 3.06 -5.78 5.87
C VAL A 40 3.69 -5.52 7.23
N SER A 41 3.01 -4.73 8.00
CA SER A 41 3.38 -4.41 9.34
C SER A 41 2.33 -5.03 10.26
N LYS A 42 2.75 -5.34 11.46
CA LYS A 42 1.90 -5.98 12.45
C LYS A 42 1.21 -4.90 13.30
N ASN A 43 1.52 -3.67 13.02
CA ASN A 43 0.96 -2.56 13.77
C ASN A 43 -0.11 -1.85 13.00
N ARG A 44 -1.07 -1.32 13.71
CA ARG A 44 -2.08 -0.47 13.14
C ARG A 44 -1.70 0.97 13.49
N PRO A 45 -1.00 1.68 12.58
CA PRO A 45 -0.47 3.00 12.84
C PRO A 45 -1.49 4.12 12.83
N LYS A 46 -1.16 5.16 13.58
CA LYS A 46 -1.92 6.36 13.66
C LYS A 46 -1.10 7.50 13.06
N ASN A 47 0.15 7.59 13.47
CA ASN A 47 1.04 8.66 13.02
C ASN A 47 1.72 8.30 11.72
N ALA A 48 0.93 8.24 10.69
CA ALA A 48 1.34 7.97 9.34
C ALA A 48 0.13 8.20 8.48
N ILE A 49 0.32 8.34 7.21
CA ILE A 49 -0.80 8.51 6.32
C ILE A 49 -1.32 7.15 5.95
N VAL A 50 -2.56 6.91 6.26
CA VAL A 50 -3.19 5.66 5.92
C VAL A 50 -4.14 5.89 4.75
N ILE A 51 -3.92 5.16 3.70
CA ILE A 51 -4.69 5.32 2.49
C ILE A 51 -5.69 4.17 2.34
N LYS A 52 -6.86 4.48 1.85
CA LYS A 52 -7.93 3.52 1.65
C LYS A 52 -7.66 2.71 0.38
N MET A 53 -8.00 1.40 0.40
CA MET A 53 -7.76 0.47 -0.74
C MET A 53 -8.28 1.04 -2.06
N ASP A 54 -9.48 1.60 -1.98
CA ASP A 54 -10.21 2.13 -3.14
C ASP A 54 -9.44 3.22 -3.92
N ASN A 55 -8.50 3.85 -3.27
CA ASN A 55 -7.70 4.92 -3.89
C ASN A 55 -6.64 4.33 -4.82
N LEU A 56 -6.14 3.17 -4.45
CA LEU A 56 -5.03 2.55 -5.15
C LEU A 56 -5.45 1.95 -6.48
N PRO A 57 -4.56 2.00 -7.49
CA PRO A 57 -4.81 1.40 -8.78
C PRO A 57 -5.04 -0.11 -8.66
N ILE A 58 -5.77 -0.65 -9.60
CA ILE A 58 -6.15 -2.06 -9.60
C ILE A 58 -4.95 -3.02 -9.63
N GLU A 59 -3.84 -2.56 -10.19
CA GLU A 59 -2.65 -3.37 -10.27
C GLU A 59 -1.99 -3.53 -8.90
N VAL A 60 -2.06 -2.47 -8.11
CA VAL A 60 -1.45 -2.45 -6.79
C VAL A 60 -2.27 -3.34 -5.89
N LYS A 61 -3.59 -3.17 -5.93
CA LYS A 61 -4.51 -3.95 -5.11
C LYS A 61 -4.42 -5.43 -5.42
N ASP A 62 -4.12 -5.74 -6.67
CA ASP A 62 -3.91 -7.11 -7.11
C ASP A 62 -2.75 -7.72 -6.38
N LYS A 63 -1.63 -7.02 -6.37
CA LYS A 63 -0.42 -7.50 -5.70
C LYS A 63 -0.65 -7.60 -4.21
N LEU A 64 -1.34 -6.60 -3.65
CA LEU A 64 -1.68 -6.57 -2.24
C LEU A 64 -2.50 -7.81 -1.86
N THR A 65 -3.50 -8.09 -2.67
CA THR A 65 -4.36 -9.21 -2.43
C THR A 65 -3.60 -10.54 -2.50
N ARG A 66 -2.77 -10.70 -3.52
CA ARG A 66 -2.03 -11.96 -3.73
C ARG A 66 -0.99 -12.20 -2.64
N PHE A 67 -0.55 -11.16 -1.99
CA PHE A 67 0.51 -11.29 -1.03
C PHE A 67 -0.01 -11.57 0.38
N PHE A 68 -0.88 -10.73 0.88
CA PHE A 68 -1.26 -10.86 2.29
C PHE A 68 -2.74 -11.11 2.53
N LEU A 69 -3.57 -10.79 1.58
CA LEU A 69 -5.00 -10.83 1.82
C LEU A 69 -5.57 -12.19 1.44
N LEU A 70 -5.30 -12.58 0.20
CA LEU A 70 -5.76 -13.82 -0.42
C LEU A 70 -7.26 -13.96 -0.38
N GLU A 71 -7.89 -13.47 -1.45
CA GLU A 71 -9.34 -13.46 -1.66
C GLU A 71 -9.99 -12.34 -0.84
N HIS A 72 -11.16 -11.91 -1.24
CA HIS A 72 -11.79 -10.73 -0.64
C HIS A 72 -13.03 -11.08 0.17
N HIS A 73 -13.16 -12.30 0.59
CA HIS A 73 -14.32 -12.67 1.39
C HIS A 73 -14.15 -12.37 2.89
N HIS A 74 -13.88 -13.37 3.69
CA HIS A 74 -13.79 -13.25 5.15
C HIS A 74 -13.10 -14.47 5.68
N HIS A 75 -12.79 -14.50 6.97
CA HIS A 75 -12.20 -15.70 7.54
C HIS A 75 -13.27 -16.71 7.91
N HIS A 76 -13.78 -17.31 6.87
CA HIS A 76 -14.76 -18.37 6.89
C HIS A 76 -14.73 -18.93 5.47
N HIS A 77 -13.57 -18.82 4.89
CA HIS A 77 -13.36 -19.16 3.52
C HIS A 77 -12.63 -20.48 3.43
N MET A 1 9.74 17.92 3.44
CA MET A 1 9.70 18.78 2.26
C MET A 1 9.69 17.95 0.96
N LEU A 2 10.81 17.33 0.62
CA LEU A 2 10.89 16.63 -0.64
C LEU A 2 11.49 15.24 -0.44
N LYS A 3 10.65 14.25 -0.43
CA LYS A 3 11.08 12.88 -0.40
C LYS A 3 10.55 12.18 -1.63
N HIS A 4 11.47 11.66 -2.40
CA HIS A 4 11.16 11.04 -3.68
C HIS A 4 10.38 9.73 -3.48
N GLY A 5 10.54 9.13 -2.33
CA GLY A 5 9.83 7.94 -2.01
C GLY A 5 9.35 7.97 -0.58
N LYS A 6 8.09 8.27 -0.38
CA LYS A 6 7.53 8.35 0.96
C LYS A 6 6.88 7.04 1.35
N TYR A 7 6.90 6.72 2.61
CA TYR A 7 6.27 5.51 3.10
C TYR A 7 4.96 5.84 3.76
N VAL A 8 3.92 5.25 3.27
CA VAL A 8 2.61 5.39 3.83
C VAL A 8 2.05 4.02 4.10
N TYR A 9 0.90 3.94 4.68
CA TYR A 9 0.31 2.68 5.00
C TYR A 9 -1.01 2.54 4.32
N ILE A 10 -1.25 1.41 3.74
CA ILE A 10 -2.52 1.15 3.13
C ILE A 10 -3.46 0.65 4.21
N ASP A 11 -4.58 1.31 4.33
CA ASP A 11 -5.55 0.98 5.34
C ASP A 11 -6.27 -0.29 4.99
N LEU A 12 -5.71 -1.37 5.46
CA LEU A 12 -6.30 -2.69 5.32
C LEU A 12 -7.34 -2.79 6.39
N ASN A 13 -6.98 -2.23 7.55
CA ASN A 13 -7.86 -2.04 8.71
C ASN A 13 -8.33 -3.39 9.30
N ASN A 14 -7.69 -4.47 8.89
CA ASN A 14 -8.10 -5.80 9.32
C ASN A 14 -7.15 -6.36 10.38
N GLY A 15 -6.42 -5.49 11.03
CA GLY A 15 -5.50 -5.90 12.05
C GLY A 15 -4.06 -5.92 11.59
N LYS A 16 -3.85 -5.50 10.37
CA LYS A 16 -2.54 -5.40 9.80
C LYS A 16 -2.56 -4.32 8.74
N TYR A 17 -1.43 -3.75 8.46
CA TYR A 17 -1.29 -2.67 7.50
C TYR A 17 -0.11 -2.94 6.62
N VAL A 18 -0.21 -2.59 5.37
CA VAL A 18 0.90 -2.77 4.47
C VAL A 18 1.59 -1.43 4.28
N LYS A 19 2.89 -1.45 4.31
CA LYS A 19 3.67 -0.26 4.21
C LYS A 19 4.15 -0.14 2.78
N VAL A 20 3.73 0.89 2.12
CA VAL A 20 4.03 1.07 0.73
C VAL A 20 4.83 2.36 0.52
N ARG A 21 5.78 2.30 -0.36
CA ARG A 21 6.56 3.44 -0.71
C ARG A 21 5.98 4.04 -1.97
N ILE A 22 5.59 5.27 -1.87
CA ILE A 22 5.03 5.98 -2.97
C ILE A 22 6.15 6.74 -3.62
N LEU A 23 6.41 6.41 -4.85
CA LEU A 23 7.45 7.07 -5.59
C LEU A 23 6.85 8.28 -6.26
N LYS A 24 7.23 9.42 -5.80
CA LYS A 24 6.70 10.64 -6.32
C LYS A 24 7.81 11.42 -6.98
N SER A 25 7.67 11.63 -8.26
CA SER A 25 8.69 12.30 -9.01
C SER A 25 8.10 13.49 -9.78
N ARG A 26 8.15 14.67 -9.19
CA ARG A 26 7.72 15.87 -9.90
C ARG A 26 8.89 16.38 -10.74
N ASP A 27 10.06 15.84 -10.43
CA ASP A 27 11.32 16.15 -11.13
C ASP A 27 11.26 15.68 -12.57
N ASP A 28 10.41 14.73 -12.82
CA ASP A 28 10.14 14.27 -14.18
C ASP A 28 9.00 15.10 -14.73
N ASN A 29 7.88 15.01 -14.05
CA ASN A 29 6.66 15.75 -14.36
C ASN A 29 5.77 15.67 -13.15
N SER A 30 5.24 14.50 -12.94
CA SER A 30 4.46 14.15 -11.80
C SER A 30 4.18 12.67 -11.89
N VAL A 31 5.17 11.92 -11.51
CA VAL A 31 5.10 10.49 -11.53
C VAL A 31 4.78 10.01 -10.14
N GLU A 32 3.73 9.25 -10.02
CA GLU A 32 3.34 8.70 -8.75
C GLU A 32 3.21 7.20 -8.90
N LYS A 33 4.29 6.52 -8.63
CA LYS A 33 4.35 5.10 -8.77
C LYS A 33 4.24 4.43 -7.44
N TYR A 34 3.82 3.22 -7.46
CA TYR A 34 3.63 2.47 -6.28
C TYR A 34 4.61 1.33 -6.30
N VAL A 35 5.27 1.13 -5.19
CA VAL A 35 6.30 0.11 -5.08
C VAL A 35 5.69 -1.31 -5.19
N LEU A 36 6.49 -2.23 -5.69
CA LEU A 36 6.09 -3.60 -5.92
C LEU A 36 6.14 -4.44 -4.63
N THR A 37 6.61 -3.86 -3.54
CA THR A 37 6.75 -4.63 -2.33
C THR A 37 5.45 -4.56 -1.53
N SER A 38 5.16 -5.61 -0.82
CA SER A 38 3.92 -5.72 -0.09
C SER A 38 4.15 -6.11 1.38
N HIS A 39 5.33 -5.80 1.90
CA HIS A 39 5.66 -6.15 3.30
C HIS A 39 4.72 -5.48 4.31
N VAL A 40 4.00 -6.32 5.04
CA VAL A 40 2.98 -5.90 5.99
C VAL A 40 3.51 -5.78 7.41
N SER A 41 2.84 -4.96 8.18
CA SER A 41 3.10 -4.78 9.57
C SER A 41 1.80 -5.06 10.34
N LYS A 42 1.90 -5.52 11.56
CA LYS A 42 0.73 -5.95 12.31
C LYS A 42 0.15 -4.88 13.23
N ASN A 43 0.82 -3.76 13.35
CA ASN A 43 0.35 -2.74 14.28
C ASN A 43 -0.24 -1.56 13.55
N ARG A 44 -1.26 -0.97 14.14
CA ARG A 44 -1.87 0.22 13.58
C ARG A 44 -0.98 1.44 13.82
N PRO A 45 -0.49 2.08 12.75
CA PRO A 45 0.33 3.29 12.86
C PRO A 45 -0.45 4.45 13.46
N LYS A 46 0.12 5.10 14.45
CA LYS A 46 -0.54 6.20 15.13
C LYS A 46 -0.54 7.43 14.24
N ASN A 47 0.62 7.79 13.78
CA ASN A 47 0.76 8.96 12.96
C ASN A 47 1.47 8.59 11.67
N ALA A 48 0.69 8.46 10.63
CA ALA A 48 1.17 8.19 9.31
C ALA A 48 0.03 8.42 8.38
N ILE A 49 0.31 8.59 7.12
CA ILE A 49 -0.73 8.77 6.16
C ILE A 49 -1.23 7.39 5.74
N VAL A 50 -2.50 7.16 5.90
CA VAL A 50 -3.08 5.91 5.50
C VAL A 50 -3.94 6.12 4.28
N ILE A 51 -3.86 5.20 3.36
CA ILE A 51 -4.66 5.26 2.15
C ILE A 51 -5.40 3.93 2.03
N LYS A 52 -6.69 3.97 1.89
CA LYS A 52 -7.50 2.77 1.83
C LYS A 52 -7.42 2.14 0.42
N MET A 53 -7.57 0.79 0.34
CA MET A 53 -7.41 -0.02 -0.90
C MET A 53 -8.12 0.57 -2.10
N ASP A 54 -9.27 1.15 -1.84
CA ASP A 54 -10.14 1.72 -2.87
C ASP A 54 -9.45 2.79 -3.71
N ASN A 55 -8.63 3.60 -3.07
CA ASN A 55 -7.98 4.74 -3.72
C ASN A 55 -6.88 4.29 -4.66
N LEU A 56 -6.33 3.14 -4.40
CA LEU A 56 -5.22 2.64 -5.18
C LEU A 56 -5.71 1.94 -6.42
N PRO A 57 -4.97 2.05 -7.55
CA PRO A 57 -5.32 1.40 -8.82
C PRO A 57 -5.35 -0.14 -8.69
N ILE A 58 -5.94 -0.80 -9.68
CA ILE A 58 -6.11 -2.26 -9.66
C ILE A 58 -4.79 -3.00 -9.52
N GLU A 59 -3.70 -2.40 -9.99
CA GLU A 59 -2.37 -2.97 -9.84
C GLU A 59 -2.01 -3.16 -8.38
N VAL A 60 -2.26 -2.15 -7.58
CA VAL A 60 -1.94 -2.21 -6.17
C VAL A 60 -2.86 -3.20 -5.47
N LYS A 61 -4.15 -3.16 -5.84
CA LYS A 61 -5.16 -4.08 -5.29
C LYS A 61 -4.74 -5.52 -5.58
N ASP A 62 -4.21 -5.71 -6.77
CA ASP A 62 -3.72 -6.99 -7.25
C ASP A 62 -2.58 -7.47 -6.39
N LYS A 63 -1.64 -6.58 -6.07
CA LYS A 63 -0.49 -6.90 -5.24
C LYS A 63 -0.95 -7.31 -3.84
N LEU A 64 -1.89 -6.56 -3.31
CA LEU A 64 -2.45 -6.80 -1.98
C LEU A 64 -3.12 -8.18 -1.93
N THR A 65 -3.83 -8.50 -2.99
CA THR A 65 -4.51 -9.76 -3.11
C THR A 65 -3.51 -10.92 -3.17
N ARG A 66 -2.47 -10.77 -3.97
CA ARG A 66 -1.50 -11.84 -4.14
C ARG A 66 -0.64 -12.06 -2.90
N PHE A 67 -0.48 -11.04 -2.08
CA PHE A 67 0.34 -11.19 -0.91
C PHE A 67 -0.48 -11.75 0.24
N PHE A 68 -1.50 -11.03 0.64
CA PHE A 68 -2.25 -11.41 1.82
C PHE A 68 -3.74 -11.68 1.59
N LEU A 69 -4.39 -10.86 0.79
CA LEU A 69 -5.85 -10.89 0.68
C LEU A 69 -6.38 -12.06 -0.19
N LEU A 70 -5.52 -13.00 -0.50
CA LEU A 70 -5.93 -14.17 -1.24
C LEU A 70 -6.72 -15.15 -0.35
N GLU A 71 -6.52 -15.05 0.96
CA GLU A 71 -7.22 -15.89 1.91
C GLU A 71 -8.48 -15.24 2.45
N HIS A 72 -9.49 -15.19 1.62
CA HIS A 72 -10.79 -14.70 2.05
C HIS A 72 -11.72 -15.88 2.24
N HIS A 73 -11.52 -16.92 1.44
CA HIS A 73 -12.25 -18.15 1.60
C HIS A 73 -11.83 -18.82 2.89
N HIS A 74 -12.79 -19.28 3.64
CA HIS A 74 -12.51 -19.83 4.94
C HIS A 74 -12.17 -21.29 4.88
N HIS A 75 -11.03 -21.62 5.41
CA HIS A 75 -10.59 -22.98 5.54
C HIS A 75 -9.52 -23.05 6.61
N HIS A 76 -9.74 -23.82 7.61
CA HIS A 76 -8.73 -23.98 8.63
C HIS A 76 -8.15 -25.38 8.45
N HIS A 77 -8.14 -25.78 7.20
CA HIS A 77 -7.56 -26.99 6.76
C HIS A 77 -6.55 -26.60 5.73
N MET A 1 16.46 17.37 -3.12
CA MET A 1 16.82 15.97 -2.87
C MET A 1 15.95 15.06 -3.70
N LEU A 2 16.56 14.27 -4.57
CA LEU A 2 15.83 13.34 -5.39
C LEU A 2 15.39 12.15 -4.56
N LYS A 3 14.25 12.29 -3.97
CA LYS A 3 13.71 11.26 -3.12
C LYS A 3 12.50 10.68 -3.81
N HIS A 4 11.49 11.53 -4.02
CA HIS A 4 10.26 11.18 -4.76
C HIS A 4 9.51 9.99 -4.21
N GLY A 5 9.73 9.62 -2.98
CA GLY A 5 9.10 8.45 -2.48
C GLY A 5 9.07 8.41 -1.01
N LYS A 6 7.90 8.35 -0.45
CA LYS A 6 7.73 8.31 0.98
C LYS A 6 6.94 7.08 1.36
N TYR A 7 7.07 6.64 2.57
CA TYR A 7 6.38 5.47 3.03
C TYR A 7 5.13 5.84 3.77
N VAL A 8 4.06 5.20 3.41
CA VAL A 8 2.78 5.35 4.07
C VAL A 8 2.22 3.95 4.27
N TYR A 9 1.06 3.85 4.85
CA TYR A 9 0.45 2.57 5.05
C TYR A 9 -0.88 2.53 4.35
N ILE A 10 -1.19 1.41 3.81
CA ILE A 10 -2.48 1.23 3.23
C ILE A 10 -3.41 0.68 4.27
N ASP A 11 -4.53 1.35 4.45
CA ASP A 11 -5.54 0.95 5.42
C ASP A 11 -6.29 -0.23 4.87
N LEU A 12 -5.70 -1.39 5.05
CA LEU A 12 -6.31 -2.63 4.69
C LEU A 12 -7.43 -2.87 5.67
N ASN A 13 -7.12 -2.52 6.93
CA ASN A 13 -8.05 -2.50 8.05
C ASN A 13 -8.50 -3.93 8.43
N ASN A 14 -7.81 -4.90 7.87
CA ASN A 14 -8.17 -6.32 8.02
C ASN A 14 -7.29 -7.01 9.05
N GLY A 15 -6.69 -6.22 9.92
CA GLY A 15 -5.82 -6.76 10.96
C GLY A 15 -4.36 -6.58 10.65
N LYS A 16 -4.07 -6.11 9.45
CA LYS A 16 -2.74 -5.78 9.05
C LYS A 16 -2.73 -4.60 8.13
N TYR A 17 -1.58 -3.97 8.00
CA TYR A 17 -1.40 -2.80 7.16
C TYR A 17 -0.13 -2.96 6.36
N VAL A 18 -0.16 -2.55 5.13
CA VAL A 18 1.00 -2.64 4.27
C VAL A 18 1.70 -1.31 4.19
N LYS A 19 2.99 -1.33 4.37
CA LYS A 19 3.78 -0.14 4.28
C LYS A 19 4.29 -0.02 2.87
N VAL A 20 3.79 0.93 2.17
CA VAL A 20 4.06 1.10 0.79
C VAL A 20 4.81 2.41 0.55
N ARG A 21 5.73 2.39 -0.39
CA ARG A 21 6.42 3.58 -0.79
C ARG A 21 5.66 4.19 -1.95
N ILE A 22 5.30 5.42 -1.80
CA ILE A 22 4.58 6.13 -2.82
C ILE A 22 5.58 6.93 -3.62
N LEU A 23 5.91 6.48 -4.81
CA LEU A 23 6.79 7.24 -5.67
C LEU A 23 5.95 8.29 -6.36
N LYS A 24 6.17 9.52 -5.99
CA LYS A 24 5.41 10.60 -6.53
C LYS A 24 6.26 11.38 -7.49
N SER A 25 6.00 11.23 -8.75
CA SER A 25 6.67 11.97 -9.74
C SER A 25 5.70 12.96 -10.37
N ARG A 26 5.63 14.12 -9.75
CA ARG A 26 4.79 15.20 -10.20
C ARG A 26 5.54 15.99 -11.28
N ASP A 27 6.84 15.70 -11.39
CA ASP A 27 7.76 16.34 -12.35
C ASP A 27 7.33 16.09 -13.78
N ASP A 28 6.57 15.03 -13.98
CA ASP A 28 6.00 14.74 -15.28
C ASP A 28 4.63 15.36 -15.37
N ASN A 29 3.79 14.95 -14.44
CA ASN A 29 2.41 15.41 -14.29
C ASN A 29 1.83 14.67 -13.13
N SER A 30 1.72 13.36 -13.31
CA SER A 30 1.24 12.49 -12.29
C SER A 30 1.67 11.06 -12.56
N VAL A 31 2.87 10.74 -12.18
CA VAL A 31 3.34 9.39 -12.27
C VAL A 31 3.60 8.92 -10.87
N GLU A 32 2.59 8.38 -10.27
CA GLU A 32 2.71 7.92 -8.92
C GLU A 32 2.80 6.43 -8.93
N LYS A 33 3.99 5.94 -8.79
CA LYS A 33 4.20 4.53 -8.77
C LYS A 33 4.24 4.05 -7.36
N TYR A 34 3.19 3.44 -6.98
CA TYR A 34 3.08 2.86 -5.69
C TYR A 34 3.82 1.55 -5.77
N VAL A 35 4.66 1.25 -4.79
CA VAL A 35 5.47 0.05 -4.87
C VAL A 35 4.61 -1.22 -4.82
N LEU A 36 5.07 -2.19 -5.53
CA LEU A 36 4.40 -3.44 -5.76
C LEU A 36 4.52 -4.44 -4.60
N THR A 37 5.22 -4.08 -3.55
CA THR A 37 5.41 -5.05 -2.48
C THR A 37 4.26 -4.95 -1.48
N SER A 38 3.96 -6.06 -0.88
CA SER A 38 2.84 -6.21 0.01
C SER A 38 3.32 -6.38 1.46
N HIS A 39 4.51 -5.84 1.70
CA HIS A 39 5.19 -5.81 3.01
C HIS A 39 4.25 -5.29 4.13
N VAL A 40 3.67 -6.20 4.90
CA VAL A 40 2.68 -5.85 5.93
C VAL A 40 3.19 -5.94 7.36
N SER A 41 2.56 -5.15 8.19
CA SER A 41 2.75 -5.13 9.62
C SER A 41 1.39 -5.42 10.27
N LYS A 42 1.38 -6.17 11.34
CA LYS A 42 0.14 -6.58 11.97
C LYS A 42 -0.38 -5.53 12.95
N ASN A 43 0.50 -4.67 13.43
CA ASN A 43 0.06 -3.64 14.35
C ASN A 43 -0.18 -2.35 13.60
N ARG A 44 -1.33 -1.76 13.84
CA ARG A 44 -1.75 -0.58 13.09
C ARG A 44 -0.83 0.61 13.39
N PRO A 45 -0.45 1.35 12.36
CA PRO A 45 0.35 2.54 12.53
C PRO A 45 -0.47 3.69 13.06
N LYS A 46 0.13 4.48 13.89
CA LYS A 46 -0.51 5.63 14.43
C LYS A 46 0.11 6.87 13.82
N ASN A 47 1.42 6.94 13.87
CA ASN A 47 2.12 8.05 13.26
C ASN A 47 2.58 7.70 11.89
N ALA A 48 1.66 7.68 10.97
CA ALA A 48 1.90 7.40 9.59
C ALA A 48 0.64 7.76 8.84
N ILE A 49 0.77 8.01 7.58
CA ILE A 49 -0.34 8.36 6.73
C ILE A 49 -0.95 7.08 6.18
N VAL A 50 -2.25 6.96 6.25
CA VAL A 50 -2.92 5.77 5.75
C VAL A 50 -3.78 6.10 4.53
N ILE A 51 -3.65 5.28 3.51
CA ILE A 51 -4.46 5.40 2.31
C ILE A 51 -5.21 4.08 2.17
N LYS A 52 -6.48 4.12 1.89
CA LYS A 52 -7.26 2.90 1.79
C LYS A 52 -7.16 2.32 0.37
N MET A 53 -7.35 0.98 0.22
CA MET A 53 -7.22 0.29 -1.10
C MET A 53 -8.10 0.92 -2.16
N ASP A 54 -9.18 1.51 -1.71
CA ASP A 54 -10.15 2.24 -2.53
C ASP A 54 -9.47 3.28 -3.46
N ASN A 55 -8.37 3.84 -3.01
CA ASN A 55 -7.67 4.88 -3.76
C ASN A 55 -6.55 4.27 -4.64
N LEU A 56 -6.25 3.01 -4.42
CA LEU A 56 -5.14 2.36 -5.11
C LEU A 56 -5.57 1.73 -6.43
N PRO A 57 -4.70 1.80 -7.46
CA PRO A 57 -4.96 1.18 -8.77
C PRO A 57 -4.96 -0.34 -8.70
N ILE A 58 -5.46 -0.96 -9.75
CA ILE A 58 -5.59 -2.40 -9.82
C ILE A 58 -4.27 -3.13 -9.70
N GLU A 59 -3.18 -2.48 -10.12
CA GLU A 59 -1.84 -3.06 -10.08
C GLU A 59 -1.49 -3.37 -8.63
N VAL A 60 -1.64 -2.35 -7.81
CA VAL A 60 -1.26 -2.40 -6.41
C VAL A 60 -2.17 -3.34 -5.65
N LYS A 61 -3.47 -3.20 -5.88
CA LYS A 61 -4.46 -4.01 -5.20
C LYS A 61 -4.32 -5.47 -5.54
N ASP A 62 -3.88 -5.74 -6.76
CA ASP A 62 -3.65 -7.10 -7.23
C ASP A 62 -2.53 -7.74 -6.45
N LYS A 63 -1.47 -6.98 -6.26
CA LYS A 63 -0.31 -7.42 -5.50
C LYS A 63 -0.73 -7.74 -4.06
N LEU A 64 -1.37 -6.75 -3.45
CA LEU A 64 -1.83 -6.83 -2.08
C LEU A 64 -2.74 -8.03 -1.86
N THR A 65 -3.74 -8.15 -2.71
CA THR A 65 -4.73 -9.19 -2.58
C THR A 65 -4.08 -10.57 -2.68
N ARG A 66 -3.25 -10.79 -3.66
CA ARG A 66 -2.69 -12.11 -3.87
C ARG A 66 -1.59 -12.49 -2.88
N PHE A 67 -1.04 -11.53 -2.16
CA PHE A 67 0.01 -11.85 -1.20
C PHE A 67 -0.55 -12.23 0.17
N PHE A 68 -1.35 -11.35 0.76
CA PHE A 68 -1.79 -11.57 2.14
C PHE A 68 -3.30 -11.68 2.32
N LEU A 69 -4.06 -11.54 1.26
CA LEU A 69 -5.49 -11.47 1.43
C LEU A 69 -6.20 -12.70 0.85
N LEU A 70 -6.09 -12.84 -0.47
CA LEU A 70 -6.80 -13.85 -1.26
C LEU A 70 -8.30 -13.66 -1.14
N GLU A 71 -8.80 -12.65 -1.87
CA GLU A 71 -10.19 -12.20 -1.88
C GLU A 71 -10.53 -11.63 -0.49
N HIS A 72 -10.95 -12.51 0.38
CA HIS A 72 -11.31 -12.25 1.78
C HIS A 72 -11.50 -13.62 2.35
N HIS A 73 -11.56 -13.74 3.65
CA HIS A 73 -11.77 -15.07 4.18
C HIS A 73 -13.18 -15.24 4.68
N HIS A 74 -13.49 -14.67 5.85
CA HIS A 74 -14.84 -14.73 6.49
C HIS A 74 -15.24 -16.14 6.92
N HIS A 75 -15.30 -17.04 5.97
CA HIS A 75 -15.75 -18.40 6.18
C HIS A 75 -14.64 -19.28 6.68
N HIS A 76 -13.45 -18.81 6.59
CA HIS A 76 -12.30 -19.58 6.98
C HIS A 76 -11.40 -18.70 7.80
N HIS A 77 -10.76 -19.28 8.77
CA HIS A 77 -9.78 -18.56 9.54
C HIS A 77 -8.44 -19.03 9.04
N MET A 1 19.02 13.67 -5.36
CA MET A 1 18.23 14.83 -4.97
C MET A 1 16.89 14.33 -4.48
N LEU A 2 16.62 14.51 -3.18
CA LEU A 2 15.42 14.00 -2.51
C LEU A 2 15.40 12.47 -2.41
N LYS A 3 14.46 11.94 -1.66
CA LYS A 3 14.32 10.51 -1.50
C LYS A 3 13.54 9.93 -2.65
N HIS A 4 12.54 10.67 -3.13
CA HIS A 4 11.62 10.23 -4.20
C HIS A 4 10.71 9.13 -3.68
N GLY A 5 10.55 9.07 -2.39
CA GLY A 5 9.76 8.04 -1.82
C GLY A 5 9.26 8.38 -0.46
N LYS A 6 8.02 8.05 -0.22
CA LYS A 6 7.38 8.26 1.06
C LYS A 6 6.84 6.94 1.53
N TYR A 7 7.06 6.60 2.77
CA TYR A 7 6.50 5.37 3.28
C TYR A 7 5.22 5.66 4.01
N VAL A 8 4.16 5.16 3.48
CA VAL A 8 2.86 5.32 4.09
C VAL A 8 2.25 3.95 4.27
N TYR A 9 1.08 3.89 4.81
CA TYR A 9 0.45 2.63 5.05
C TYR A 9 -0.91 2.60 4.44
N ILE A 10 -1.24 1.52 3.82
CA ILE A 10 -2.57 1.38 3.26
C ILE A 10 -3.49 0.80 4.31
N ASP A 11 -4.64 1.42 4.46
CA ASP A 11 -5.63 1.05 5.45
C ASP A 11 -6.32 -0.25 5.08
N LEU A 12 -5.65 -1.35 5.39
CA LEU A 12 -6.21 -2.68 5.20
C LEU A 12 -7.31 -2.84 6.23
N ASN A 13 -7.12 -2.13 7.35
CA ASN A 13 -8.11 -1.90 8.39
C ASN A 13 -8.39 -3.13 9.27
N ASN A 14 -7.96 -4.29 8.82
CA ASN A 14 -8.19 -5.57 9.51
C ASN A 14 -7.16 -5.82 10.64
N GLY A 15 -6.54 -4.76 11.08
CA GLY A 15 -5.60 -4.85 12.18
C GLY A 15 -4.16 -4.79 11.74
N LYS A 16 -3.94 -4.98 10.47
CA LYS A 16 -2.62 -4.86 9.90
C LYS A 16 -2.67 -3.89 8.77
N TYR A 17 -1.56 -3.29 8.48
CA TYR A 17 -1.45 -2.29 7.45
C TYR A 17 -0.28 -2.61 6.58
N VAL A 18 -0.33 -2.26 5.34
CA VAL A 18 0.76 -2.56 4.45
C VAL A 18 1.64 -1.34 4.25
N LYS A 19 2.93 -1.54 4.37
CA LYS A 19 3.90 -0.49 4.25
C LYS A 19 4.26 -0.31 2.78
N VAL A 20 3.81 0.78 2.22
CA VAL A 20 4.01 1.03 0.82
C VAL A 20 4.84 2.30 0.62
N ARG A 21 5.77 2.23 -0.28
CA ARG A 21 6.56 3.38 -0.62
C ARG A 21 5.95 4.03 -1.83
N ILE A 22 5.56 5.24 -1.66
CA ILE A 22 5.02 6.03 -2.75
C ILE A 22 6.23 6.53 -3.49
N LEU A 23 6.36 6.16 -4.72
CA LEU A 23 7.51 6.53 -5.49
C LEU A 23 7.18 7.83 -6.19
N LYS A 24 7.77 8.90 -5.77
CA LYS A 24 7.43 10.16 -6.36
C LYS A 24 8.39 10.44 -7.49
N SER A 25 7.89 10.31 -8.68
CA SER A 25 8.70 10.46 -9.84
C SER A 25 8.59 11.88 -10.40
N ARG A 26 9.38 12.76 -9.82
CA ARG A 26 9.45 14.16 -10.26
C ARG A 26 10.32 14.26 -11.49
N ASP A 27 11.34 13.43 -11.53
CA ASP A 27 12.28 13.35 -12.65
C ASP A 27 11.56 12.99 -13.93
N ASP A 28 10.63 12.08 -13.78
CA ASP A 28 9.74 11.67 -14.85
C ASP A 28 8.87 12.84 -15.22
N ASN A 29 8.13 13.33 -14.23
CA ASN A 29 7.26 14.49 -14.36
C ASN A 29 6.69 14.83 -13.00
N SER A 30 5.71 14.06 -12.60
CA SER A 30 5.02 14.17 -11.37
C SER A 30 4.12 12.97 -11.31
N VAL A 31 4.74 11.82 -11.21
CA VAL A 31 4.03 10.57 -11.23
C VAL A 31 4.36 9.79 -9.98
N GLU A 32 3.44 9.72 -9.09
CA GLU A 32 3.59 8.93 -7.94
C GLU A 32 3.27 7.48 -8.26
N LYS A 33 4.31 6.69 -8.43
CA LYS A 33 4.17 5.28 -8.73
C LYS A 33 4.08 4.55 -7.39
N TYR A 34 3.72 3.30 -7.41
CA TYR A 34 3.66 2.55 -6.19
C TYR A 34 4.67 1.45 -6.21
N VAL A 35 5.28 1.18 -5.07
CA VAL A 35 6.29 0.14 -4.94
C VAL A 35 5.65 -1.26 -5.15
N LEU A 36 6.46 -2.23 -5.54
CA LEU A 36 5.97 -3.56 -5.84
C LEU A 36 5.87 -4.47 -4.59
N THR A 37 6.32 -3.99 -3.46
CA THR A 37 6.28 -4.81 -2.28
C THR A 37 4.98 -4.60 -1.51
N SER A 38 4.54 -5.61 -0.83
CA SER A 38 3.32 -5.60 -0.11
C SER A 38 3.54 -6.06 1.33
N HIS A 39 4.77 -5.89 1.82
CA HIS A 39 5.12 -6.29 3.19
C HIS A 39 4.26 -5.56 4.24
N VAL A 40 3.62 -6.34 5.07
CA VAL A 40 2.68 -5.84 6.03
C VAL A 40 3.28 -5.56 7.41
N SER A 41 2.73 -4.56 8.02
CA SER A 41 3.07 -4.11 9.33
C SER A 41 1.98 -4.57 10.28
N LYS A 42 2.39 -5.09 11.41
CA LYS A 42 1.45 -5.59 12.40
C LYS A 42 0.97 -4.44 13.26
N ASN A 43 1.76 -3.41 13.34
CA ASN A 43 1.44 -2.25 14.13
C ASN A 43 0.75 -1.23 13.26
N ARG A 44 -0.32 -0.69 13.79
CA ARG A 44 -1.10 0.31 13.10
C ARG A 44 -0.51 1.68 13.37
N PRO A 45 -0.35 2.50 12.34
CA PRO A 45 0.25 3.81 12.47
C PRO A 45 -0.75 4.91 12.85
N LYS A 46 -0.39 5.64 13.86
CA LYS A 46 -1.15 6.80 14.30
C LYS A 46 -0.46 8.05 13.76
N ASN A 47 0.82 7.93 13.56
CA ASN A 47 1.69 9.04 13.15
C ASN A 47 2.06 8.99 11.67
N ALA A 48 1.34 8.21 10.89
CA ALA A 48 1.67 8.11 9.48
C ALA A 48 0.43 8.29 8.64
N ILE A 49 0.62 8.50 7.37
CA ILE A 49 -0.47 8.69 6.44
C ILE A 49 -1.01 7.33 6.00
N VAL A 50 -2.30 7.18 6.06
CA VAL A 50 -2.95 5.97 5.65
C VAL A 50 -3.82 6.24 4.43
N ILE A 51 -3.75 5.36 3.47
CA ILE A 51 -4.55 5.50 2.25
C ILE A 51 -5.57 4.37 2.18
N LYS A 52 -6.77 4.69 1.75
CA LYS A 52 -7.86 3.73 1.68
C LYS A 52 -7.61 2.72 0.55
N MET A 53 -7.95 1.44 0.77
CA MET A 53 -7.70 0.36 -0.23
C MET A 53 -8.45 0.64 -1.51
N ASP A 54 -9.64 1.19 -1.36
CA ASP A 54 -10.54 1.55 -2.46
C ASP A 54 -9.91 2.59 -3.40
N ASN A 55 -8.91 3.29 -2.89
CA ASN A 55 -8.24 4.35 -3.62
C ASN A 55 -7.12 3.80 -4.50
N LEU A 56 -6.64 2.60 -4.19
CA LEU A 56 -5.50 2.03 -4.92
C LEU A 56 -5.89 1.47 -6.28
N PRO A 57 -5.01 1.65 -7.28
CA PRO A 57 -5.24 1.16 -8.65
C PRO A 57 -5.36 -0.36 -8.73
N ILE A 58 -5.88 -0.81 -9.86
CA ILE A 58 -6.17 -2.22 -10.08
C ILE A 58 -4.96 -3.15 -10.01
N GLU A 59 -3.78 -2.70 -10.43
CA GLU A 59 -2.61 -3.52 -10.36
C GLU A 59 -2.02 -3.59 -8.97
N VAL A 60 -2.16 -2.51 -8.22
CA VAL A 60 -1.72 -2.50 -6.83
C VAL A 60 -2.59 -3.45 -6.02
N LYS A 61 -3.93 -3.33 -6.17
CA LYS A 61 -4.87 -4.20 -5.45
C LYS A 61 -4.63 -5.66 -5.80
N ASP A 62 -4.33 -5.90 -7.07
CA ASP A 62 -4.01 -7.24 -7.59
C ASP A 62 -2.89 -7.88 -6.78
N LYS A 63 -1.84 -7.13 -6.57
CA LYS A 63 -0.65 -7.66 -5.94
C LYS A 63 -0.73 -7.63 -4.41
N LEU A 64 -1.51 -6.69 -3.86
CA LEU A 64 -1.80 -6.69 -2.42
C LEU A 64 -2.53 -7.97 -2.06
N THR A 65 -3.51 -8.30 -2.88
CA THR A 65 -4.30 -9.48 -2.71
C THR A 65 -3.43 -10.75 -2.78
N ARG A 66 -2.53 -10.78 -3.77
CA ARG A 66 -1.67 -11.94 -4.00
C ARG A 66 -0.67 -12.22 -2.88
N PHE A 67 -0.24 -11.19 -2.19
CA PHE A 67 0.77 -11.38 -1.15
C PHE A 67 0.17 -11.80 0.18
N PHE A 68 -0.73 -11.01 0.71
CA PHE A 68 -1.19 -11.25 2.07
C PHE A 68 -2.65 -11.63 2.20
N LEU A 69 -3.52 -11.08 1.37
CA LEU A 69 -4.95 -11.27 1.58
C LEU A 69 -5.38 -12.64 1.09
N LEU A 70 -5.41 -12.82 -0.24
CA LEU A 70 -5.82 -14.04 -0.95
C LEU A 70 -7.27 -14.48 -0.68
N GLU A 71 -7.57 -14.65 0.60
CA GLU A 71 -8.83 -15.15 1.13
C GLU A 71 -9.02 -16.60 0.67
N HIS A 72 -7.88 -17.25 0.45
CA HIS A 72 -7.85 -18.64 0.02
C HIS A 72 -8.03 -19.49 1.26
N HIS A 73 -7.80 -18.87 2.40
CA HIS A 73 -8.05 -19.43 3.70
C HIS A 73 -8.71 -18.36 4.49
N HIS A 74 -9.96 -18.53 4.80
CA HIS A 74 -10.67 -17.57 5.57
C HIS A 74 -11.60 -18.32 6.49
N HIS A 75 -11.32 -18.26 7.75
CA HIS A 75 -12.07 -19.04 8.70
C HIS A 75 -12.87 -18.12 9.61
N HIS A 76 -14.12 -18.42 9.78
CA HIS A 76 -14.96 -17.64 10.64
C HIS A 76 -15.25 -18.42 11.91
N HIS A 77 -14.87 -17.88 13.03
CA HIS A 77 -15.17 -18.51 14.28
C HIS A 77 -16.32 -17.76 14.90
N MET A 1 13.83 18.74 0.68
CA MET A 1 13.05 17.54 0.97
C MET A 1 13.82 16.27 0.61
N LEU A 2 14.20 16.14 -0.67
CA LEU A 2 14.90 14.95 -1.22
C LEU A 2 14.01 13.72 -1.30
N LYS A 3 13.46 13.31 -0.18
CA LYS A 3 12.61 12.11 -0.07
C LYS A 3 11.34 12.21 -0.95
N HIS A 4 11.44 11.63 -2.13
CA HIS A 4 10.35 11.58 -3.10
C HIS A 4 9.50 10.36 -2.94
N GLY A 5 10.05 9.38 -2.32
CA GLY A 5 9.34 8.19 -2.05
C GLY A 5 9.03 8.10 -0.61
N LYS A 6 7.83 8.43 -0.25
CA LYS A 6 7.43 8.44 1.13
C LYS A 6 6.72 7.13 1.48
N TYR A 7 6.97 6.63 2.66
CA TYR A 7 6.38 5.39 3.08
C TYR A 7 5.08 5.64 3.80
N VAL A 8 4.02 5.19 3.22
CA VAL A 8 2.73 5.30 3.80
C VAL A 8 2.19 3.89 3.96
N TYR A 9 1.02 3.75 4.47
CA TYR A 9 0.44 2.45 4.64
C TYR A 9 -0.92 2.42 4.00
N ILE A 10 -1.29 1.30 3.47
CA ILE A 10 -2.60 1.16 2.92
C ILE A 10 -3.53 0.66 4.01
N ASP A 11 -4.63 1.36 4.17
CA ASP A 11 -5.62 1.04 5.18
C ASP A 11 -6.38 -0.20 4.76
N LEU A 12 -5.82 -1.31 5.13
CA LEU A 12 -6.42 -2.60 4.90
C LEU A 12 -7.55 -2.75 5.89
N ASN A 13 -7.30 -2.17 7.07
CA ASN A 13 -8.26 -2.02 8.16
C ASN A 13 -8.63 -3.35 8.84
N ASN A 14 -8.07 -4.45 8.36
CA ASN A 14 -8.35 -5.77 8.92
C ASN A 14 -7.40 -6.13 10.07
N GLY A 15 -6.77 -5.12 10.64
CA GLY A 15 -5.86 -5.33 11.75
C GLY A 15 -4.40 -5.25 11.36
N LYS A 16 -4.13 -5.28 10.08
CA LYS A 16 -2.77 -5.18 9.61
C LYS A 16 -2.70 -4.12 8.52
N TYR A 17 -1.51 -3.63 8.27
CA TYR A 17 -1.28 -2.61 7.28
C TYR A 17 -0.12 -3.00 6.41
N VAL A 18 -0.18 -2.58 5.18
CA VAL A 18 0.89 -2.84 4.23
C VAL A 18 1.70 -1.57 4.05
N LYS A 19 3.00 -1.72 4.01
CA LYS A 19 3.90 -0.60 3.90
C LYS A 19 4.16 -0.34 2.41
N VAL A 20 3.79 0.82 1.95
CA VAL A 20 3.96 1.14 0.56
C VAL A 20 4.67 2.49 0.40
N ARG A 21 5.69 2.49 -0.40
CA ARG A 21 6.43 3.68 -0.67
C ARG A 21 5.85 4.32 -1.92
N ILE A 22 5.36 5.52 -1.77
CA ILE A 22 4.80 6.26 -2.87
C ILE A 22 5.94 6.98 -3.53
N LEU A 23 6.32 6.54 -4.70
CA LEU A 23 7.40 7.14 -5.40
C LEU A 23 6.85 8.24 -6.26
N LYS A 24 7.13 9.46 -5.91
CA LYS A 24 6.68 10.55 -6.71
C LYS A 24 7.84 10.97 -7.59
N SER A 25 7.75 10.62 -8.83
CA SER A 25 8.76 10.91 -9.78
C SER A 25 8.35 12.13 -10.59
N ARG A 26 8.83 13.27 -10.17
CA ARG A 26 8.48 14.51 -10.80
C ARG A 26 9.39 14.74 -11.98
N ASP A 27 10.56 14.10 -11.94
CA ASP A 27 11.55 14.19 -13.00
C ASP A 27 11.11 13.41 -14.24
N ASP A 28 10.07 12.61 -14.08
CA ASP A 28 9.45 11.86 -15.18
C ASP A 28 8.20 12.58 -15.64
N ASN A 29 7.98 13.75 -15.06
CA ASN A 29 6.81 14.61 -15.29
C ASN A 29 5.59 14.05 -14.58
N SER A 30 5.62 14.21 -13.27
CA SER A 30 4.58 13.82 -12.33
C SER A 30 4.08 12.38 -12.54
N VAL A 31 4.90 11.43 -12.16
CA VAL A 31 4.58 10.02 -12.24
C VAL A 31 4.67 9.44 -10.86
N GLU A 32 3.59 8.96 -10.34
CA GLU A 32 3.61 8.40 -9.02
C GLU A 32 3.53 6.90 -9.10
N LYS A 33 4.60 6.26 -8.77
CA LYS A 33 4.70 4.83 -8.80
C LYS A 33 4.54 4.29 -7.42
N TYR A 34 3.87 3.19 -7.33
CA TYR A 34 3.68 2.53 -6.08
C TYR A 34 4.67 1.40 -6.03
N VAL A 35 5.31 1.21 -4.89
CA VAL A 35 6.36 0.21 -4.78
C VAL A 35 5.81 -1.22 -4.97
N LEU A 36 6.61 -2.06 -5.56
CA LEU A 36 6.25 -3.40 -5.93
C LEU A 36 6.23 -4.38 -4.76
N THR A 37 6.62 -3.95 -3.59
CA THR A 37 6.57 -4.82 -2.44
C THR A 37 5.21 -4.65 -1.76
N SER A 38 4.77 -5.68 -1.08
CA SER A 38 3.51 -5.69 -0.40
C SER A 38 3.69 -6.15 1.05
N HIS A 39 4.89 -5.97 1.59
CA HIS A 39 5.19 -6.38 2.97
C HIS A 39 4.28 -5.71 3.98
N VAL A 40 3.69 -6.54 4.82
CA VAL A 40 2.75 -6.10 5.81
C VAL A 40 3.34 -6.01 7.18
N SER A 41 2.74 -5.18 7.98
CA SER A 41 3.07 -5.02 9.35
C SER A 41 1.76 -5.11 10.14
N LYS A 42 1.79 -5.76 11.28
CA LYS A 42 0.57 -5.95 12.08
C LYS A 42 0.41 -4.86 13.12
N ASN A 43 1.15 -3.80 12.93
CA ASN A 43 1.07 -2.63 13.77
C ASN A 43 0.25 -1.63 13.04
N ARG A 44 -0.58 -0.91 13.74
CA ARG A 44 -1.41 0.08 13.13
C ARG A 44 -0.79 1.46 13.31
N PRO A 45 -0.27 2.04 12.23
CA PRO A 45 0.42 3.32 12.29
C PRO A 45 -0.53 4.51 12.33
N LYS A 46 -0.31 5.36 13.29
CA LYS A 46 -1.04 6.59 13.42
C LYS A 46 -0.07 7.76 13.12
N ASN A 47 1.22 7.43 13.10
CA ASN A 47 2.28 8.40 12.82
C ASN A 47 2.56 8.46 11.32
N ALA A 48 1.89 7.63 10.58
CA ALA A 48 2.07 7.55 9.17
C ALA A 48 0.75 7.75 8.49
N ILE A 49 0.80 8.09 7.24
CA ILE A 49 -0.39 8.35 6.46
C ILE A 49 -0.94 7.03 5.94
N VAL A 50 -2.23 6.84 6.06
CA VAL A 50 -2.86 5.65 5.61
C VAL A 50 -3.83 5.96 4.47
N ILE A 51 -3.74 5.21 3.41
CA ILE A 51 -4.60 5.42 2.25
C ILE A 51 -5.46 4.17 2.10
N LYS A 52 -6.76 4.33 1.98
CA LYS A 52 -7.67 3.19 1.91
C LYS A 52 -7.63 2.55 0.51
N MET A 53 -7.86 1.22 0.46
CA MET A 53 -7.71 0.37 -0.77
C MET A 53 -8.36 0.97 -2.00
N ASP A 54 -9.55 1.50 -1.81
CA ASP A 54 -10.40 1.99 -2.92
C ASP A 54 -9.78 3.16 -3.71
N ASN A 55 -8.76 3.79 -3.15
CA ASN A 55 -8.08 4.89 -3.85
C ASN A 55 -7.01 4.32 -4.79
N LEU A 56 -6.51 3.17 -4.46
CA LEU A 56 -5.39 2.60 -5.17
C LEU A 56 -5.84 1.85 -6.40
N PRO A 57 -5.06 1.95 -7.50
CA PRO A 57 -5.33 1.24 -8.76
C PRO A 57 -5.34 -0.29 -8.57
N ILE A 58 -5.89 -1.01 -9.54
CA ILE A 58 -6.02 -2.45 -9.44
C ILE A 58 -4.70 -3.19 -9.35
N GLU A 59 -3.63 -2.61 -9.92
CA GLU A 59 -2.29 -3.20 -9.83
C GLU A 59 -1.83 -3.26 -8.38
N VAL A 60 -2.11 -2.22 -7.64
CA VAL A 60 -1.70 -2.13 -6.26
C VAL A 60 -2.49 -3.12 -5.43
N LYS A 61 -3.81 -3.11 -5.62
CA LYS A 61 -4.69 -4.01 -4.91
C LYS A 61 -4.40 -5.46 -5.26
N ASP A 62 -3.93 -5.67 -6.48
CA ASP A 62 -3.55 -6.99 -6.98
C ASP A 62 -2.42 -7.57 -6.16
N LYS A 63 -1.39 -6.76 -5.93
CA LYS A 63 -0.25 -7.22 -5.14
C LYS A 63 -0.71 -7.53 -3.74
N LEU A 64 -1.56 -6.66 -3.21
CA LEU A 64 -2.08 -6.80 -1.86
C LEU A 64 -2.85 -8.11 -1.72
N THR A 65 -3.76 -8.32 -2.65
CA THR A 65 -4.60 -9.47 -2.65
C THR A 65 -3.80 -10.77 -2.77
N ARG A 66 -2.87 -10.83 -3.70
CA ARG A 66 -2.16 -12.06 -3.92
C ARG A 66 -1.06 -12.35 -2.90
N PHE A 67 -0.52 -11.32 -2.29
CA PHE A 67 0.56 -11.51 -1.35
C PHE A 67 0.05 -11.93 0.04
N PHE A 68 -0.85 -11.15 0.61
CA PHE A 68 -1.24 -11.41 1.98
C PHE A 68 -2.73 -11.71 2.19
N LEU A 69 -3.53 -11.58 1.18
CA LEU A 69 -4.94 -11.76 1.39
C LEU A 69 -5.42 -13.11 0.90
N LEU A 70 -5.50 -13.26 -0.43
CA LEU A 70 -6.06 -14.41 -1.19
C LEU A 70 -7.44 -14.83 -0.75
N GLU A 71 -7.51 -15.26 0.45
CA GLU A 71 -8.71 -15.75 1.02
C GLU A 71 -8.71 -15.51 2.52
N HIS A 72 -9.36 -14.45 2.92
CA HIS A 72 -9.53 -14.06 4.32
C HIS A 72 -10.76 -13.18 4.46
N HIS A 73 -11.66 -13.28 3.49
CA HIS A 73 -12.82 -12.39 3.46
C HIS A 73 -14.00 -13.04 2.73
N HIS A 74 -13.71 -13.77 1.67
CA HIS A 74 -14.75 -14.44 0.90
C HIS A 74 -15.26 -15.64 1.70
N HIS A 75 -16.55 -15.84 1.73
CA HIS A 75 -17.06 -16.96 2.50
C HIS A 75 -17.88 -17.89 1.61
N HIS A 76 -19.19 -17.91 1.76
CA HIS A 76 -20.04 -18.75 0.90
C HIS A 76 -20.66 -17.93 -0.19
N HIS A 77 -20.22 -16.70 -0.29
CA HIS A 77 -20.67 -15.82 -1.31
C HIS A 77 -19.46 -15.11 -1.81
N MET A 1 12.08 15.89 2.49
CA MET A 1 11.68 15.13 1.32
C MET A 1 12.88 14.79 0.47
N LEU A 2 13.22 13.52 0.44
CA LEU A 2 14.31 13.04 -0.37
C LEU A 2 13.71 12.55 -1.66
N LYS A 3 14.46 12.49 -2.73
CA LYS A 3 13.91 12.00 -3.99
C LYS A 3 13.78 10.48 -3.97
N HIS A 4 12.55 10.00 -3.84
CA HIS A 4 12.24 8.58 -3.82
C HIS A 4 10.74 8.40 -3.63
N GLY A 5 10.18 9.23 -2.79
CA GLY A 5 8.81 9.12 -2.46
C GLY A 5 8.60 9.10 -0.98
N LYS A 6 7.55 8.45 -0.56
CA LYS A 6 7.16 8.40 0.83
C LYS A 6 6.96 6.97 1.28
N TYR A 7 7.02 6.74 2.56
CA TYR A 7 6.64 5.47 3.15
C TYR A 7 5.41 5.70 3.97
N VAL A 8 4.32 5.11 3.54
CA VAL A 8 3.04 5.27 4.21
C VAL A 8 2.38 3.91 4.33
N TYR A 9 1.17 3.86 4.83
CA TYR A 9 0.50 2.59 5.02
C TYR A 9 -0.83 2.58 4.32
N ILE A 10 -1.21 1.43 3.82
CA ILE A 10 -2.53 1.29 3.22
C ILE A 10 -3.49 0.85 4.31
N ASP A 11 -4.61 1.52 4.39
CA ASP A 11 -5.60 1.26 5.40
C ASP A 11 -6.38 -0.02 5.13
N LEU A 12 -5.80 -1.12 5.58
CA LEU A 12 -6.46 -2.41 5.53
C LEU A 12 -7.41 -2.46 6.71
N ASN A 13 -7.01 -1.73 7.75
CA ASN A 13 -7.79 -1.46 8.99
C ASN A 13 -7.92 -2.65 9.94
N ASN A 14 -7.89 -3.85 9.41
CA ASN A 14 -8.20 -5.11 10.13
C ASN A 14 -7.11 -5.59 11.10
N GLY A 15 -6.23 -4.70 11.44
CA GLY A 15 -5.18 -5.03 12.40
C GLY A 15 -3.85 -5.28 11.75
N LYS A 16 -3.83 -5.16 10.46
CA LYS A 16 -2.62 -5.22 9.71
C LYS A 16 -2.68 -4.16 8.66
N TYR A 17 -1.58 -3.56 8.39
CA TYR A 17 -1.46 -2.51 7.41
C TYR A 17 -0.28 -2.82 6.54
N VAL A 18 -0.34 -2.45 5.30
CA VAL A 18 0.77 -2.72 4.42
C VAL A 18 1.60 -1.47 4.26
N LYS A 19 2.90 -1.64 4.42
CA LYS A 19 3.84 -0.57 4.33
C LYS A 19 4.14 -0.36 2.87
N VAL A 20 3.74 0.75 2.35
CA VAL A 20 3.88 0.98 0.97
C VAL A 20 4.79 2.18 0.71
N ARG A 21 5.74 1.97 -0.14
CA ARG A 21 6.61 3.01 -0.57
C ARG A 21 6.03 3.60 -1.82
N ILE A 22 5.68 4.84 -1.73
CA ILE A 22 5.09 5.55 -2.83
C ILE A 22 6.25 6.12 -3.61
N LEU A 23 6.46 5.64 -4.80
CA LEU A 23 7.51 6.17 -5.62
C LEU A 23 6.96 7.42 -6.25
N LYS A 24 7.45 8.55 -5.82
CA LYS A 24 6.91 9.81 -6.25
C LYS A 24 7.93 10.56 -7.07
N SER A 25 7.69 10.62 -8.36
CA SER A 25 8.58 11.31 -9.24
C SER A 25 7.97 12.66 -9.63
N ARG A 26 8.42 13.73 -8.98
CA ARG A 26 7.96 15.08 -9.33
C ARG A 26 8.81 15.61 -10.47
N ASP A 27 9.99 15.02 -10.61
CA ASP A 27 10.95 15.33 -11.68
C ASP A 27 10.29 15.18 -13.03
N ASP A 28 9.49 14.14 -13.16
CA ASP A 28 8.74 13.90 -14.40
C ASP A 28 7.53 14.83 -14.40
N ASN A 29 6.67 14.66 -13.39
CA ASN A 29 5.51 15.54 -13.13
C ASN A 29 4.76 15.06 -11.89
N SER A 30 4.04 13.99 -12.03
CA SER A 30 3.29 13.38 -10.98
C SER A 30 3.16 11.91 -11.25
N VAL A 31 4.22 11.20 -11.01
CA VAL A 31 4.18 9.77 -11.15
C VAL A 31 4.28 9.19 -9.78
N GLU A 32 3.20 8.65 -9.30
CA GLU A 32 3.23 7.99 -8.05
C GLU A 32 2.94 6.52 -8.25
N LYS A 33 3.99 5.76 -8.23
CA LYS A 33 3.90 4.34 -8.37
C LYS A 33 4.00 3.70 -7.03
N TYR A 34 3.07 2.89 -6.74
CA TYR A 34 3.05 2.19 -5.49
C TYR A 34 3.97 0.98 -5.63
N VAL A 35 4.71 0.71 -4.59
CA VAL A 35 5.71 -0.33 -4.62
C VAL A 35 5.10 -1.74 -4.75
N LEU A 36 5.87 -2.63 -5.38
CA LEU A 36 5.48 -4.02 -5.60
C LEU A 36 5.65 -4.89 -4.36
N THR A 37 6.18 -4.34 -3.29
CA THR A 37 6.32 -5.13 -2.11
C THR A 37 5.06 -4.94 -1.29
N SER A 38 4.70 -5.93 -0.55
CA SER A 38 3.45 -5.93 0.15
C SER A 38 3.63 -6.27 1.63
N HIS A 39 4.82 -5.98 2.16
CA HIS A 39 5.12 -6.24 3.59
C HIS A 39 4.10 -5.58 4.52
N VAL A 40 3.43 -6.41 5.28
CA VAL A 40 2.40 -5.97 6.20
C VAL A 40 2.86 -5.91 7.63
N SER A 41 2.58 -4.82 8.23
CA SER A 41 2.86 -4.56 9.60
C SER A 41 1.65 -5.03 10.41
N LYS A 42 1.91 -5.66 11.52
CA LYS A 42 0.85 -6.22 12.37
C LYS A 42 0.35 -5.17 13.36
N ASN A 43 0.65 -3.94 13.09
CA ASN A 43 0.36 -2.87 14.01
C ASN A 43 -0.46 -1.81 13.31
N ARG A 44 -1.36 -1.20 14.05
CA ARG A 44 -2.17 -0.13 13.53
C ARG A 44 -1.46 1.21 13.76
N PRO A 45 -1.07 1.91 12.67
CA PRO A 45 -0.41 3.21 12.77
C PRO A 45 -1.30 4.25 13.45
N LYS A 46 -0.76 4.89 14.45
CA LYS A 46 -1.49 5.86 15.22
C LYS A 46 -1.40 7.21 14.53
N ASN A 47 -0.22 7.53 14.05
CA ASN A 47 0.02 8.77 13.33
C ASN A 47 0.91 8.48 12.14
N ALA A 48 0.29 8.29 11.01
CA ALA A 48 0.95 8.03 9.76
C ALA A 48 -0.04 8.27 8.66
N ILE A 49 0.44 8.46 7.46
CA ILE A 49 -0.44 8.71 6.35
C ILE A 49 -0.94 7.38 5.84
N VAL A 50 -2.22 7.22 5.78
CA VAL A 50 -2.80 6.01 5.29
C VAL A 50 -3.63 6.28 4.05
N ILE A 51 -3.53 5.39 3.10
CA ILE A 51 -4.30 5.45 1.88
C ILE A 51 -5.29 4.30 1.94
N LYS A 52 -6.53 4.57 1.70
CA LYS A 52 -7.56 3.55 1.84
C LYS A 52 -7.63 2.66 0.59
N MET A 53 -7.92 1.36 0.80
CA MET A 53 -7.87 0.30 -0.23
C MET A 53 -8.61 0.65 -1.52
N ASP A 54 -9.73 1.31 -1.37
CA ASP A 54 -10.60 1.73 -2.49
C ASP A 54 -9.85 2.66 -3.47
N ASN A 55 -8.94 3.46 -2.95
CA ASN A 55 -8.26 4.49 -3.74
C ASN A 55 -7.10 3.91 -4.59
N LEU A 56 -6.66 2.71 -4.25
CA LEU A 56 -5.52 2.12 -4.95
C LEU A 56 -5.90 1.64 -6.34
N PRO A 57 -4.98 1.76 -7.31
CA PRO A 57 -5.19 1.28 -8.68
C PRO A 57 -5.35 -0.25 -8.70
N ILE A 58 -5.96 -0.78 -9.76
CA ILE A 58 -6.20 -2.22 -9.85
C ILE A 58 -4.92 -3.03 -9.87
N GLU A 59 -3.86 -2.44 -10.40
CA GLU A 59 -2.55 -3.09 -10.45
C GLU A 59 -1.99 -3.27 -9.04
N VAL A 60 -2.12 -2.22 -8.23
CA VAL A 60 -1.57 -2.21 -6.88
C VAL A 60 -2.40 -3.10 -5.97
N LYS A 61 -3.72 -3.02 -6.13
CA LYS A 61 -4.63 -3.84 -5.34
C LYS A 61 -4.37 -5.29 -5.60
N ASP A 62 -4.08 -5.62 -6.83
CA ASP A 62 -3.77 -6.98 -7.22
C ASP A 62 -2.50 -7.48 -6.53
N LYS A 63 -1.47 -6.64 -6.51
CA LYS A 63 -0.19 -6.96 -5.83
C LYS A 63 -0.46 -7.30 -4.37
N LEU A 64 -1.13 -6.37 -3.70
CA LEU A 64 -1.48 -6.49 -2.29
C LEU A 64 -2.30 -7.75 -2.05
N THR A 65 -3.19 -8.02 -2.98
CA THR A 65 -4.03 -9.17 -2.89
C THR A 65 -3.24 -10.46 -2.98
N ARG A 66 -2.38 -10.59 -3.97
CA ARG A 66 -1.63 -11.85 -4.19
C ARG A 66 -0.64 -12.16 -3.06
N PHE A 67 -0.24 -11.16 -2.30
CA PHE A 67 0.70 -11.42 -1.23
C PHE A 67 0.02 -11.78 0.09
N PHE A 68 -0.84 -10.91 0.58
CA PHE A 68 -1.37 -11.12 1.93
C PHE A 68 -2.88 -11.28 2.01
N LEU A 69 -3.61 -10.79 1.05
CA LEU A 69 -5.05 -10.79 1.16
C LEU A 69 -5.63 -12.08 0.59
N LEU A 70 -5.30 -12.33 -0.66
CA LEU A 70 -5.76 -13.47 -1.48
C LEU A 70 -7.22 -13.39 -1.80
N GLU A 71 -8.00 -13.33 -0.80
CA GLU A 71 -9.40 -13.27 -0.95
C GLU A 71 -9.88 -11.82 -1.01
N HIS A 72 -9.91 -11.29 -2.21
CA HIS A 72 -10.60 -10.03 -2.47
C HIS A 72 -12.04 -10.44 -2.81
N HIS A 73 -12.07 -11.66 -3.26
CA HIS A 73 -13.15 -12.55 -3.52
C HIS A 73 -12.39 -13.82 -3.63
N HIS A 74 -12.91 -14.92 -3.17
CA HIS A 74 -12.10 -16.14 -3.20
C HIS A 74 -11.81 -16.67 -4.59
N HIS A 75 -12.63 -16.30 -5.54
CA HIS A 75 -12.35 -16.63 -6.91
C HIS A 75 -11.56 -15.48 -7.52
N HIS A 76 -10.33 -15.36 -7.09
CA HIS A 76 -9.42 -14.34 -7.59
C HIS A 76 -8.06 -15.00 -7.83
N HIS A 77 -8.07 -16.31 -7.82
CA HIS A 77 -6.89 -17.09 -8.04
C HIS A 77 -7.34 -18.38 -8.66
#